data_8XZR
# 
_entry.id   8XZR 
# 
_audit_conform.dict_name       mmcif_pdbx.dic 
_audit_conform.dict_version    5.395 
_audit_conform.dict_location   http://mmcif.pdb.org/dictionaries/ascii/mmcif_pdbx.dic 
# 
loop_
_database_2.database_id 
_database_2.database_code 
_database_2.pdbx_database_accession 
_database_2.pdbx_DOI 
PDB   8XZR         pdb_00008xzr 10.2210/pdb8xzr/pdb 
WWPDB D_1300044564 ?            ?                   
# 
loop_
_pdbx_audit_revision_history.ordinal 
_pdbx_audit_revision_history.data_content_type 
_pdbx_audit_revision_history.major_revision 
_pdbx_audit_revision_history.minor_revision 
_pdbx_audit_revision_history.revision_date 
1 'Structure model' 1 0 2024-07-24 
2 'Structure model' 1 1 2024-08-21 
# 
_pdbx_audit_revision_details.ordinal             1 
_pdbx_audit_revision_details.revision_ordinal    1 
_pdbx_audit_revision_details.data_content_type   'Structure model' 
_pdbx_audit_revision_details.provider            repository 
_pdbx_audit_revision_details.type                'Initial release' 
_pdbx_audit_revision_details.description         ? 
_pdbx_audit_revision_details.details             ? 
# 
_pdbx_audit_revision_group.ordinal             1 
_pdbx_audit_revision_group.revision_ordinal    2 
_pdbx_audit_revision_group.data_content_type   'Structure model' 
_pdbx_audit_revision_group.group               'Database references' 
# 
_pdbx_audit_revision_category.ordinal             1 
_pdbx_audit_revision_category.revision_ordinal    2 
_pdbx_audit_revision_category.data_content_type   'Structure model' 
_pdbx_audit_revision_category.category            citation 
# 
loop_
_pdbx_audit_revision_item.ordinal 
_pdbx_audit_revision_item.revision_ordinal 
_pdbx_audit_revision_item.data_content_type 
_pdbx_audit_revision_item.item 
1 2 'Structure model' '_citation.journal_volume' 
2 2 'Structure model' '_citation.page_first'     
3 2 'Structure model' '_citation.page_last'      
# 
_pdbx_database_status.status_code                     REL 
_pdbx_database_status.status_code_sf                  REL 
_pdbx_database_status.status_code_mr                  ? 
_pdbx_database_status.entry_id                        8XZR 
_pdbx_database_status.recvd_initial_deposition_date   2024-01-21 
_pdbx_database_status.SG_entry                        N 
_pdbx_database_status.deposit_site                    PDBJ 
_pdbx_database_status.process_site                    PDBJ 
_pdbx_database_status.status_code_cs                  ? 
_pdbx_database_status.status_code_nmr_data            ? 
_pdbx_database_status.methods_development_category    ? 
_pdbx_database_status.pdb_format_compatible           Y 
# 
_pdbx_contact_author.id                 2 
_pdbx_contact_author.email              aimingren@zju.edu.cn 
_pdbx_contact_author.name_first         Aiming 
_pdbx_contact_author.name_last          Ren 
_pdbx_contact_author.name_mi            ? 
_pdbx_contact_author.role               'principal investigator/group leader' 
_pdbx_contact_author.identifier_ORCID   0000-0002-5420-4899 
# 
loop_
_audit_author.name 
_audit_author.pdbx_ordinal 
_audit_author.identifier_ORCID 
'Li, C.Y.'  1 ? 
'Ren, A.M.' 2 ? 
# 
_citation.abstract                  ? 
_citation.abstract_id_CAS           ? 
_citation.book_id_ISBN              ? 
_citation.book_publisher            ? 
_citation.book_publisher_city       ? 
_citation.book_title                ? 
_citation.coordinate_linkage        ? 
_citation.country                   UK 
_citation.database_id_Medline       ? 
_citation.details                   ? 
_citation.id                        primary 
_citation.journal_abbrev            'Nucleic Acids Res.' 
_citation.journal_id_ASTM           NARHAD 
_citation.journal_id_CSD            0389 
_citation.journal_id_ISSN           1362-4962 
_citation.journal_full              ? 
_citation.journal_issue             ? 
_citation.journal_volume            52 
_citation.language                  ? 
_citation.page_first                8454 
_citation.page_last                 8465 
_citation.title                     
'Structure-based characterization and compound identification of the wild-type THF class-II riboswitch.' 
_citation.year                      2024 
_citation.database_id_CSD           ? 
_citation.pdbx_database_id_DOI      10.1093/nar/gkae377 
_citation.pdbx_database_id_PubMed   38769061 
_citation.pdbx_database_id_patent   ? 
_citation.unpublished_flag          ? 
# 
loop_
_citation_author.citation_id 
_citation_author.name 
_citation_author.ordinal 
_citation_author.identifier_ORCID 
primary 'Li, C.'    1  ?                   
primary 'Xu, X.'    2  ?                   
primary 'Geng, Z.'  3  ?                   
primary 'Zheng, L.' 4  ?                   
primary 'Song, Q.'  5  ?                   
primary 'Shen, X.'  6  ?                   
primary 'Wu, J.'    7  ?                   
primary 'Zhao, J.'  8  ?                   
primary 'Li, H.'    9  ?                   
primary 'He, M.'    10 ?                   
primary 'Tai, X.'   11 ?                   
primary 'Zhang, L.' 12 0000-0001-8139-0474 
primary 'Ma, J.'    13 ?                   
primary 'Dong, Y.'  14 ?                   
primary 'Ren, A.'   15 0000-0002-5420-4899 
# 
loop_
_entity.id 
_entity.type 
_entity.src_method 
_entity.pdbx_description 
_entity.formula_weight 
_entity.pdbx_number_of_molecules 
_entity.pdbx_ec 
_entity.pdbx_mutation 
_entity.pdbx_fragment 
_entity.details 
1 polymer     man 'RNA (53-MER)'  17174.043 1  ? ? ? ? 
2 non-polymer syn 8-AMINOGUANINE  166.141   1  ? ? ? ? 
3 non-polymer syn SPERMINE        202.340   1  ? ? ? ? 
4 non-polymer syn 'MAGNESIUM ION' 24.305    7  ? ? ? ? 
5 water       nat water           18.015    51 ? ? ? ? 
# 
_entity_poly.entity_id                      1 
_entity_poly.type                           polyribonucleotide 
_entity_poly.nstd_linkage                   no 
_entity_poly.nstd_monomer                   yes 
_entity_poly.pdbx_seq_one_letter_code       '(GTP)GGUGUGUACCGUUCAACUCGUCCCAGCUUCGACUGGGACUACGGGAGCGCCU' 
_entity_poly.pdbx_seq_one_letter_code_can   GGGUGUGUACCGUUCAACUCGUCCCAGCUUCGACUGGGACUACGGGAGCGCCU 
_entity_poly.pdbx_strand_id                 A 
_entity_poly.pdbx_target_identifier         ? 
# 
loop_
_pdbx_entity_nonpoly.entity_id 
_pdbx_entity_nonpoly.name 
_pdbx_entity_nonpoly.comp_id 
2 8-AMINOGUANINE  ANG 
3 SPERMINE        SPM 
4 'MAGNESIUM ION' MG  
5 water           HOH 
# 
loop_
_entity_poly_seq.entity_id 
_entity_poly_seq.num 
_entity_poly_seq.mon_id 
_entity_poly_seq.hetero 
1 1  GTP n 
1 2  G   n 
1 3  G   n 
1 4  U   n 
1 5  G   n 
1 6  U   n 
1 7  G   n 
1 8  U   n 
1 9  A   n 
1 10 C   n 
1 11 C   n 
1 12 G   n 
1 13 U   n 
1 14 U   n 
1 15 C   n 
1 16 A   n 
1 17 A   n 
1 18 C   n 
1 19 U   n 
1 20 C   n 
1 21 G   n 
1 22 U   n 
1 23 C   n 
1 24 C   n 
1 25 C   n 
1 26 A   n 
1 27 G   n 
1 28 C   n 
1 29 U   n 
1 30 U   n 
1 31 C   n 
1 32 G   n 
1 33 A   n 
1 34 C   n 
1 35 U   n 
1 36 G   n 
1 37 G   n 
1 38 G   n 
1 39 A   n 
1 40 C   n 
1 41 U   n 
1 42 A   n 
1 43 C   n 
1 44 G   n 
1 45 G   n 
1 46 G   n 
1 47 A   n 
1 48 G   n 
1 49 C   n 
1 50 G   n 
1 51 C   n 
1 52 C   n 
1 53 U   n 
# 
_entity_src_gen.entity_id                          1 
_entity_src_gen.pdbx_src_id                        1 
_entity_src_gen.pdbx_alt_source_flag               sample 
_entity_src_gen.pdbx_seq_type                      'Biological sequence' 
_entity_src_gen.pdbx_beg_seq_num                   1 
_entity_src_gen.pdbx_end_seq_num                   53 
_entity_src_gen.gene_src_common_name               ? 
_entity_src_gen.gene_src_genus                     ? 
_entity_src_gen.pdbx_gene_src_gene                 ? 
_entity_src_gen.gene_src_species                   ? 
_entity_src_gen.gene_src_strain                    ? 
_entity_src_gen.gene_src_tissue                    ? 
_entity_src_gen.gene_src_tissue_fraction           ? 
_entity_src_gen.gene_src_details                   ? 
_entity_src_gen.pdbx_gene_src_fragment             ? 
_entity_src_gen.pdbx_gene_src_scientific_name      'unidentified eubacterium clone A70' 
_entity_src_gen.pdbx_gene_src_ncbi_taxonomy_id     41312 
_entity_src_gen.pdbx_gene_src_variant              ? 
_entity_src_gen.pdbx_gene_src_cell_line            ? 
_entity_src_gen.pdbx_gene_src_atcc                 ? 
_entity_src_gen.pdbx_gene_src_organ                ? 
_entity_src_gen.pdbx_gene_src_organelle            ? 
_entity_src_gen.pdbx_gene_src_cell                 ? 
_entity_src_gen.pdbx_gene_src_cellular_location    ? 
_entity_src_gen.host_org_common_name               ? 
_entity_src_gen.pdbx_host_org_scientific_name      'in vitro transcription vector pT7-TP(deltai)' 
_entity_src_gen.pdbx_host_org_ncbi_taxonomy_id     905931 
_entity_src_gen.host_org_genus                     ? 
_entity_src_gen.pdbx_host_org_gene                 ? 
_entity_src_gen.pdbx_host_org_organ                ? 
_entity_src_gen.host_org_species                   ? 
_entity_src_gen.pdbx_host_org_tissue               ? 
_entity_src_gen.pdbx_host_org_tissue_fraction      ? 
_entity_src_gen.pdbx_host_org_strain               ? 
_entity_src_gen.pdbx_host_org_variant              ? 
_entity_src_gen.pdbx_host_org_cell_line            ? 
_entity_src_gen.pdbx_host_org_atcc                 ? 
_entity_src_gen.pdbx_host_org_culture_collection   ? 
_entity_src_gen.pdbx_host_org_cell                 ? 
_entity_src_gen.pdbx_host_org_organelle            ? 
_entity_src_gen.pdbx_host_org_cellular_location    ? 
_entity_src_gen.pdbx_host_org_vector_type          ? 
_entity_src_gen.pdbx_host_org_vector               ? 
_entity_src_gen.host_org_details                   ? 
_entity_src_gen.expression_system_id               ? 
_entity_src_gen.plasmid_name                       ? 
_entity_src_gen.plasmid_details                    ? 
_entity_src_gen.pdbx_description                   ? 
# 
loop_
_chem_comp.id 
_chem_comp.type 
_chem_comp.mon_nstd_flag 
_chem_comp.name 
_chem_comp.pdbx_synonyms 
_chem_comp.formula 
_chem_comp.formula_weight 
A   'RNA linking' y "ADENOSINE-5'-MONOPHOSPHATE" ? 'C10 H14 N5 O7 P'   347.221 
ANG non-polymer   . 8-AMINOGUANINE               ? 'C5 H6 N6 O'        166.141 
C   'RNA linking' y "CYTIDINE-5'-MONOPHOSPHATE"  ? 'C9 H14 N3 O8 P'    323.197 
G   'RNA linking' y "GUANOSINE-5'-MONOPHOSPHATE" ? 'C10 H14 N5 O8 P'   363.221 
GTP non-polymer   n "GUANOSINE-5'-TRIPHOSPHATE"  ? 'C10 H16 N5 O14 P3' 523.180 
HOH non-polymer   . WATER                        ? 'H2 O'              18.015  
MG  non-polymer   . 'MAGNESIUM ION'              ? 'Mg 2'              24.305  
SPM non-polymer   . SPERMINE                     ? 'C10 H26 N4'        202.340 
U   'RNA linking' y "URIDINE-5'-MONOPHOSPHATE"   ? 'C9 H13 N2 O9 P'    324.181 
# 
loop_
_pdbx_poly_seq_scheme.asym_id 
_pdbx_poly_seq_scheme.entity_id 
_pdbx_poly_seq_scheme.seq_id 
_pdbx_poly_seq_scheme.mon_id 
_pdbx_poly_seq_scheme.ndb_seq_num 
_pdbx_poly_seq_scheme.pdb_seq_num 
_pdbx_poly_seq_scheme.auth_seq_num 
_pdbx_poly_seq_scheme.pdb_mon_id 
_pdbx_poly_seq_scheme.auth_mon_id 
_pdbx_poly_seq_scheme.pdb_strand_id 
_pdbx_poly_seq_scheme.pdb_ins_code 
_pdbx_poly_seq_scheme.hetero 
A 1 1  GTP 1  1  1  GTP GTP A . n 
A 1 2  G   2  2  2  G   G   A . n 
A 1 3  G   3  3  3  G   G   A . n 
A 1 4  U   4  4  4  U   U   A . n 
A 1 5  G   5  5  5  G   G   A . n 
A 1 6  U   6  6  6  U   U   A . n 
A 1 7  G   7  7  7  G   G   A . n 
A 1 8  U   8  8  8  U   U   A . n 
A 1 9  A   9  9  9  A   A   A . n 
A 1 10 C   10 10 10 C   C   A . n 
A 1 11 C   11 11 11 C   C   A . n 
A 1 12 G   12 12 12 G   G   A . n 
A 1 13 U   13 13 13 U   U   A . n 
A 1 14 U   14 14 14 U   U   A . n 
A 1 15 C   15 15 15 C   C   A . n 
A 1 16 A   16 16 16 A   A   A . n 
A 1 17 A   17 17 17 A   A   A . n 
A 1 18 C   18 18 18 C   C   A . n 
A 1 19 U   19 19 19 U   U   A . n 
A 1 20 C   20 20 20 C   C   A . n 
A 1 21 G   21 21 21 G   G   A . n 
A 1 22 U   22 22 22 U   U   A . n 
A 1 23 C   23 23 23 C   C   A . n 
A 1 24 C   24 24 24 C   C   A . n 
A 1 25 C   25 25 25 C   C   A . n 
A 1 26 A   26 26 26 A   A   A . n 
A 1 27 G   27 27 27 G   G   A . n 
A 1 28 C   28 28 28 C   C   A . n 
A 1 29 U   29 29 29 U   U   A . n 
A 1 30 U   30 30 30 U   U   A . n 
A 1 31 C   31 31 31 C   C   A . n 
A 1 32 G   32 32 32 G   G   A . n 
A 1 33 A   33 33 33 A   A   A . n 
A 1 34 C   34 34 34 C   C   A . n 
A 1 35 U   35 35 35 U   U   A . n 
A 1 36 G   36 36 36 G   G   A . n 
A 1 37 G   37 37 37 G   G   A . n 
A 1 38 G   38 38 38 G   G   A . n 
A 1 39 A   39 39 39 A   A   A . n 
A 1 40 C   40 40 40 C   C   A . n 
A 1 41 U   41 41 41 U   U   A . n 
A 1 42 A   42 42 42 A   A   A . n 
A 1 43 C   43 43 43 C   C   A . n 
A 1 44 G   44 44 44 G   G   A . n 
A 1 45 G   45 45 45 G   G   A . n 
A 1 46 G   46 46 46 G   G   A . n 
A 1 47 A   47 47 47 A   A   A . n 
A 1 48 G   48 48 48 G   G   A . n 
A 1 49 C   49 49 49 C   C   A . n 
A 1 50 G   50 50 50 G   G   A . n 
A 1 51 C   51 51 51 C   C   A . n 
A 1 52 C   52 52 52 C   C   A . n 
A 1 53 U   53 53 53 U   U   A . n 
# 
loop_
_pdbx_nonpoly_scheme.asym_id 
_pdbx_nonpoly_scheme.entity_id 
_pdbx_nonpoly_scheme.mon_id 
_pdbx_nonpoly_scheme.ndb_seq_num 
_pdbx_nonpoly_scheme.pdb_seq_num 
_pdbx_nonpoly_scheme.auth_seq_num 
_pdbx_nonpoly_scheme.pdb_mon_id 
_pdbx_nonpoly_scheme.auth_mon_id 
_pdbx_nonpoly_scheme.pdb_strand_id 
_pdbx_nonpoly_scheme.pdb_ins_code 
B 2 ANG 1  101 101 ANG ANG A . 
C 3 SPM 1  102 201 SPM SPM A . 
D 4 MG  1  103 1   MG  MG  A . 
E 4 MG  1  104 2   MG  MG  A . 
F 4 MG  1  105 3   MG  MG  A . 
G 4 MG  1  106 4   MG  MG  A . 
H 4 MG  1  107 5   MG  MG  A . 
I 4 MG  1  108 6   MG  MG  A . 
J 4 MG  1  109 7   MG  MG  A . 
K 5 HOH 1  201 15  HOH HOH A . 
K 5 HOH 2  202 43  HOH HOH A . 
K 5 HOH 3  203 40  HOH HOH A . 
K 5 HOH 4  204 23  HOH HOH A . 
K 5 HOH 5  205 37  HOH HOH A . 
K 5 HOH 6  206 50  HOH HOH A . 
K 5 HOH 7  207 51  HOH HOH A . 
K 5 HOH 8  208 46  HOH HOH A . 
K 5 HOH 9  209 35  HOH HOH A . 
K 5 HOH 10 210 14  HOH HOH A . 
K 5 HOH 11 211 10  HOH HOH A . 
K 5 HOH 12 212 9   HOH HOH A . 
K 5 HOH 13 213 11  HOH HOH A . 
K 5 HOH 14 214 33  HOH HOH A . 
K 5 HOH 15 215 36  HOH HOH A . 
K 5 HOH 16 216 20  HOH HOH A . 
K 5 HOH 17 217 18  HOH HOH A . 
K 5 HOH 18 218 30  HOH HOH A . 
K 5 HOH 19 219 28  HOH HOH A . 
K 5 HOH 20 220 26  HOH HOH A . 
K 5 HOH 21 221 24  HOH HOH A . 
K 5 HOH 22 222 25  HOH HOH A . 
K 5 HOH 23 223 31  HOH HOH A . 
K 5 HOH 24 224 16  HOH HOH A . 
K 5 HOH 25 225 13  HOH HOH A . 
K 5 HOH 26 226 6   HOH HOH A . 
K 5 HOH 27 227 49  HOH HOH A . 
K 5 HOH 28 228 41  HOH HOH A . 
K 5 HOH 29 229 1   HOH HOH A . 
K 5 HOH 30 230 12  HOH HOH A . 
K 5 HOH 31 231 7   HOH HOH A . 
K 5 HOH 32 232 42  HOH HOH A . 
K 5 HOH 33 233 3   HOH HOH A . 
K 5 HOH 34 234 27  HOH HOH A . 
K 5 HOH 35 235 22  HOH HOH A . 
K 5 HOH 36 236 47  HOH HOH A . 
K 5 HOH 37 237 17  HOH HOH A . 
K 5 HOH 38 238 2   HOH HOH A . 
K 5 HOH 39 239 32  HOH HOH A . 
K 5 HOH 40 240 29  HOH HOH A . 
K 5 HOH 41 241 48  HOH HOH A . 
K 5 HOH 42 242 44  HOH HOH A . 
K 5 HOH 43 243 8   HOH HOH A . 
K 5 HOH 44 244 4   HOH HOH A . 
K 5 HOH 45 245 39  HOH HOH A . 
K 5 HOH 46 246 5   HOH HOH A . 
K 5 HOH 47 247 19  HOH HOH A . 
K 5 HOH 48 248 45  HOH HOH A . 
K 5 HOH 49 249 21  HOH HOH A . 
K 5 HOH 50 250 34  HOH HOH A . 
K 5 HOH 51 251 38  HOH HOH A . 
# 
loop_
_software.citation_id 
_software.classification 
_software.compiler_name 
_software.compiler_version 
_software.contact_author 
_software.contact_author_email 
_software.date 
_software.description 
_software.dependencies 
_software.hardware 
_software.language 
_software.location 
_software.mods 
_software.name 
_software.os 
_software.os_version 
_software.type 
_software.version 
_software.pdbx_ordinal 
? refinement       ? ? ? ? ? ? ? ? ? ? ? PHENIX   ? ? ? '(1.18.2_3874: ???)' 1 
? 'data scaling'   ? ? ? ? ? ? ? ? ? ? ? Aimless  ? ? ? .                    2 
? 'data reduction' ? ? ? ? ? ? ? ? ? ? ? autoPROC ? ? ? .                    3 
? phasing          ? ? ? ? ? ? ? ? ? ? ? PHASER   ? ? ? .                    4 
# 
_cell.angle_alpha                  90.00 
_cell.angle_alpha_esd              ? 
_cell.angle_beta                   90.00 
_cell.angle_beta_esd               ? 
_cell.angle_gamma                  90.00 
_cell.angle_gamma_esd              ? 
_cell.entry_id                     8XZR 
_cell.details                      ? 
_cell.formula_units_Z              ? 
_cell.length_a                     50.299 
_cell.length_a_esd                 ? 
_cell.length_b                     58.590 
_cell.length_b_esd                 ? 
_cell.length_c                     61.119 
_cell.length_c_esd                 ? 
_cell.volume                       ? 
_cell.volume_esd                   ? 
_cell.Z_PDB                        4 
_cell.reciprocal_angle_alpha       ? 
_cell.reciprocal_angle_beta        ? 
_cell.reciprocal_angle_gamma       ? 
_cell.reciprocal_angle_alpha_esd   ? 
_cell.reciprocal_angle_beta_esd    ? 
_cell.reciprocal_angle_gamma_esd   ? 
_cell.reciprocal_length_a          ? 
_cell.reciprocal_length_b          ? 
_cell.reciprocal_length_c          ? 
_cell.reciprocal_length_a_esd      ? 
_cell.reciprocal_length_b_esd      ? 
_cell.reciprocal_length_c_esd      ? 
_cell.pdbx_unique_axis             ? 
_cell.pdbx_esd_method              ? 
# 
_symmetry.entry_id                         8XZR 
_symmetry.cell_setting                     ? 
_symmetry.Int_Tables_number                19 
_symmetry.space_group_name_Hall            ? 
_symmetry.space_group_name_H-M             'P 21 21 21' 
_symmetry.pdbx_full_space_group_name_H-M   ? 
# 
_exptl.absorpt_coefficient_mu     ? 
_exptl.absorpt_correction_T_max   ? 
_exptl.absorpt_correction_T_min   ? 
_exptl.absorpt_correction_type    ? 
_exptl.absorpt_process_details    ? 
_exptl.entry_id                   8XZR 
_exptl.crystals_number            1 
_exptl.details                    ? 
_exptl.method                     'X-RAY DIFFRACTION' 
_exptl.method_details             ? 
# 
_exptl_crystal.colour                       ? 
_exptl_crystal.density_diffrn               ? 
_exptl_crystal.density_Matthews             2.70 
_exptl_crystal.density_method               ? 
_exptl_crystal.density_percent_sol          54.47 
_exptl_crystal.description                  ? 
_exptl_crystal.F_000                        ? 
_exptl_crystal.id                           1 
_exptl_crystal.preparation                  ? 
_exptl_crystal.size_max                     ? 
_exptl_crystal.size_mid                     ? 
_exptl_crystal.size_min                     ? 
_exptl_crystal.size_rad                     ? 
_exptl_crystal.colour_lustre                ? 
_exptl_crystal.colour_modifier              ? 
_exptl_crystal.colour_primary               ? 
_exptl_crystal.density_meas                 ? 
_exptl_crystal.density_meas_esd             ? 
_exptl_crystal.density_meas_gt              ? 
_exptl_crystal.density_meas_lt              ? 
_exptl_crystal.density_meas_temp            ? 
_exptl_crystal.density_meas_temp_esd        ? 
_exptl_crystal.density_meas_temp_gt         ? 
_exptl_crystal.density_meas_temp_lt         ? 
_exptl_crystal.pdbx_crystal_image_url       ? 
_exptl_crystal.pdbx_crystal_image_format    ? 
_exptl_crystal.pdbx_mosaicity               ? 
_exptl_crystal.pdbx_mosaicity_esd           ? 
_exptl_crystal.pdbx_mosaic_method           ? 
_exptl_crystal.pdbx_mosaic_block_size       ? 
_exptl_crystal.pdbx_mosaic_block_size_esd   ? 
# 
_exptl_crystal_grow.apparatus       ? 
_exptl_crystal_grow.atmosphere      ? 
_exptl_crystal_grow.crystal_id      1 
_exptl_crystal_grow.details         ? 
_exptl_crystal_grow.method          'VAPOR DIFFUSION, SITTING DROP' 
_exptl_crystal_grow.method_ref      ? 
_exptl_crystal_grow.pH              ? 
_exptl_crystal_grow.pressure        ? 
_exptl_crystal_grow.pressure_esd    ? 
_exptl_crystal_grow.seeding         ? 
_exptl_crystal_grow.seeding_ref     ? 
_exptl_crystal_grow.temp_details    ? 
_exptl_crystal_grow.temp_esd        ? 
_exptl_crystal_grow.time            ? 
_exptl_crystal_grow.pdbx_details    
'0.08 M Sodium chloride, 0.04 M Sodium cacodylate trihydrate pH 7.0, 30% v/v MPD, 0.012 M Spermine tetrahydrochloride' 
_exptl_crystal_grow.pdbx_pH_range   ? 
_exptl_crystal_grow.temp            289 
# 
_diffrn.ambient_environment              ? 
_diffrn.ambient_temp                     100 
_diffrn.ambient_temp_details             ? 
_diffrn.ambient_temp_esd                 ? 
_diffrn.crystal_id                       1 
_diffrn.crystal_support                  ? 
_diffrn.crystal_treatment                ? 
_diffrn.details                          ? 
_diffrn.id                               1 
_diffrn.ambient_pressure                 ? 
_diffrn.ambient_pressure_esd             ? 
_diffrn.ambient_pressure_gt              ? 
_diffrn.ambient_pressure_lt              ? 
_diffrn.ambient_temp_gt                  ? 
_diffrn.ambient_temp_lt                  ? 
_diffrn.pdbx_serial_crystal_experiment   N 
# 
_diffrn_detector.details                      ? 
_diffrn_detector.detector                     PIXEL 
_diffrn_detector.diffrn_id                    1 
_diffrn_detector.type                         'DECTRIS PILATUS 6M' 
_diffrn_detector.area_resol_mean              ? 
_diffrn_detector.dtime                        ? 
_diffrn_detector.pdbx_frames_total            ? 
_diffrn_detector.pdbx_collection_time_total   ? 
_diffrn_detector.pdbx_collection_date         2022-09-03 
_diffrn_detector.pdbx_frequency               ? 
_diffrn_detector.id                           ? 
_diffrn_detector.number_of_axes               ? 
# 
_diffrn_radiation.collimation                      ? 
_diffrn_radiation.diffrn_id                        1 
_diffrn_radiation.filter_edge                      ? 
_diffrn_radiation.inhomogeneity                    ? 
_diffrn_radiation.monochromator                    ? 
_diffrn_radiation.polarisn_norm                    ? 
_diffrn_radiation.polarisn_ratio                   ? 
_diffrn_radiation.probe                            ? 
_diffrn_radiation.type                             ? 
_diffrn_radiation.xray_symbol                      ? 
_diffrn_radiation.wavelength_id                    1 
_diffrn_radiation.pdbx_monochromatic_or_laue_m_l   M 
_diffrn_radiation.pdbx_wavelength_list             ? 
_diffrn_radiation.pdbx_wavelength                  ? 
_diffrn_radiation.pdbx_diffrn_protocol             'SINGLE WAVELENGTH' 
_diffrn_radiation.pdbx_analyzer                    ? 
_diffrn_radiation.pdbx_scattering_type             x-ray 
# 
_diffrn_radiation_wavelength.id           1 
_diffrn_radiation_wavelength.wavelength   0.97853 
_diffrn_radiation_wavelength.wt           1.0 
# 
_diffrn_source.current                     ? 
_diffrn_source.details                     ? 
_diffrn_source.diffrn_id                   1 
_diffrn_source.power                       ? 
_diffrn_source.size                        ? 
_diffrn_source.source                      SYNCHROTRON 
_diffrn_source.target                      ? 
_diffrn_source.type                        'SSRF BEAMLINE BL19U1' 
_diffrn_source.voltage                     ? 
_diffrn_source.take-off_angle              ? 
_diffrn_source.pdbx_wavelength_list        0.97853 
_diffrn_source.pdbx_wavelength             ? 
_diffrn_source.pdbx_synchrotron_beamline   BL19U1 
_diffrn_source.pdbx_synchrotron_site       SSRF 
# 
_reflns.B_iso_Wilson_estimate                          ? 
_reflns.entry_id                                       8XZR 
_reflns.data_reduction_details                         ? 
_reflns.data_reduction_method                          ? 
_reflns.d_resolution_high                              1.26 
_reflns.d_resolution_low                               32.37 
_reflns.details                                        ? 
_reflns.limit_h_max                                    ? 
_reflns.limit_h_min                                    ? 
_reflns.limit_k_max                                    ? 
_reflns.limit_k_min                                    ? 
_reflns.limit_l_max                                    ? 
_reflns.limit_l_min                                    ? 
_reflns.number_all                                     ? 
_reflns.number_obs                                     33977 
_reflns.observed_criterion                             ? 
_reflns.observed_criterion_F_max                       ? 
_reflns.observed_criterion_F_min                       ? 
_reflns.observed_criterion_I_max                       ? 
_reflns.observed_criterion_I_min                       ? 
_reflns.observed_criterion_sigma_F                     ? 
_reflns.observed_criterion_sigma_I                     ? 
_reflns.percent_possible_obs                           67.5 
_reflns.R_free_details                                 ? 
_reflns.Rmerge_F_all                                   ? 
_reflns.Rmerge_F_obs                                   ? 
_reflns.Friedel_coverage                               ? 
_reflns.number_gt                                      ? 
_reflns.threshold_expression                           ? 
_reflns.pdbx_redundancy                                10.4 
_reflns.pdbx_netI_over_av_sigmaI                       ? 
_reflns.pdbx_netI_over_sigmaI                          14.3 
_reflns.pdbx_res_netI_over_av_sigmaI_2                 ? 
_reflns.pdbx_res_netI_over_sigmaI_2                    ? 
_reflns.pdbx_chi_squared                               0.72 
_reflns.pdbx_scaling_rejects                           ? 
_reflns.pdbx_d_res_high_opt                            ? 
_reflns.pdbx_d_res_low_opt                             ? 
_reflns.pdbx_d_res_opt_method                          ? 
_reflns.phase_calculation_details                      ? 
_reflns.pdbx_Rrim_I_all                                0.046 
_reflns.pdbx_Rpim_I_all                                0.013 
_reflns.pdbx_d_opt                                     ? 
_reflns.pdbx_number_measured_all                       354279 
_reflns.pdbx_diffrn_id                                 1 
_reflns.pdbx_ordinal                                   1 
_reflns.pdbx_CC_half                                   1.000 
_reflns.pdbx_CC_star                                   ? 
_reflns.pdbx_R_split                                   ? 
_reflns.pdbx_Rmerge_I_obs                              0.044 
_reflns.pdbx_Rmerge_I_all                              ? 
_reflns.pdbx_Rsym_value                                ? 
_reflns.pdbx_CC_split_method                           ? 
_reflns.pdbx_aniso_diffraction_limit_axis_1_ortho[1]   ? 
_reflns.pdbx_aniso_diffraction_limit_axis_1_ortho[2]   ? 
_reflns.pdbx_aniso_diffraction_limit_axis_1_ortho[3]   ? 
_reflns.pdbx_aniso_diffraction_limit_axis_2_ortho[1]   ? 
_reflns.pdbx_aniso_diffraction_limit_axis_2_ortho[2]   ? 
_reflns.pdbx_aniso_diffraction_limit_axis_2_ortho[3]   ? 
_reflns.pdbx_aniso_diffraction_limit_axis_3_ortho[1]   ? 
_reflns.pdbx_aniso_diffraction_limit_axis_3_ortho[2]   ? 
_reflns.pdbx_aniso_diffraction_limit_axis_3_ortho[3]   ? 
_reflns.pdbx_aniso_diffraction_limit_1                 ? 
_reflns.pdbx_aniso_diffraction_limit_2                 ? 
_reflns.pdbx_aniso_diffraction_limit_3                 ? 
_reflns.pdbx_aniso_B_tensor_eigenvector_1_ortho[1]     ? 
_reflns.pdbx_aniso_B_tensor_eigenvector_1_ortho[2]     ? 
_reflns.pdbx_aniso_B_tensor_eigenvector_1_ortho[3]     ? 
_reflns.pdbx_aniso_B_tensor_eigenvector_2_ortho[1]     ? 
_reflns.pdbx_aniso_B_tensor_eigenvector_2_ortho[2]     ? 
_reflns.pdbx_aniso_B_tensor_eigenvector_2_ortho[3]     ? 
_reflns.pdbx_aniso_B_tensor_eigenvector_3_ortho[1]     ? 
_reflns.pdbx_aniso_B_tensor_eigenvector_3_ortho[2]     ? 
_reflns.pdbx_aniso_B_tensor_eigenvector_3_ortho[3]     ? 
_reflns.pdbx_aniso_B_tensor_eigenvalue_1               ? 
_reflns.pdbx_aniso_B_tensor_eigenvalue_2               ? 
_reflns.pdbx_aniso_B_tensor_eigenvalue_3               ? 
_reflns.pdbx_orthogonalization_convention              ? 
_reflns.pdbx_percent_possible_ellipsoidal              ? 
_reflns.pdbx_percent_possible_spherical                ? 
_reflns.pdbx_percent_possible_ellipsoidal_anomalous    ? 
_reflns.pdbx_percent_possible_spherical_anomalous      ? 
_reflns.pdbx_redundancy_anomalous                      ? 
_reflns.pdbx_CC_half_anomalous                         ? 
_reflns.pdbx_absDiff_over_sigma_anomalous              ? 
_reflns.pdbx_percent_possible_anomalous                ? 
_reflns.pdbx_observed_signal_threshold                 ? 
_reflns.pdbx_signal_type                               ? 
_reflns.pdbx_signal_details                            ? 
_reflns.pdbx_signal_software_id                        ? 
# 
_reflns_shell.d_res_high                                    1.26 
_reflns_shell.d_res_low                                     1.32 
_reflns_shell.meanI_over_sigI_all                           ? 
_reflns_shell.meanI_over_sigI_obs                           ? 
_reflns_shell.number_measured_all                           ? 
_reflns_shell.number_measured_obs                           ? 
_reflns_shell.number_possible                               ? 
_reflns_shell.number_unique_all                             ? 
_reflns_shell.number_unique_obs                             1111 
_reflns_shell.percent_possible_obs                          ? 
_reflns_shell.Rmerge_F_all                                  ? 
_reflns_shell.Rmerge_F_obs                                  ? 
_reflns_shell.meanI_over_sigI_gt                            ? 
_reflns_shell.meanI_over_uI_all                             ? 
_reflns_shell.meanI_over_uI_gt                              ? 
_reflns_shell.number_measured_gt                            ? 
_reflns_shell.number_unique_gt                              ? 
_reflns_shell.percent_possible_gt                           ? 
_reflns_shell.Rmerge_F_gt                                   ? 
_reflns_shell.Rmerge_I_gt                                   ? 
_reflns_shell.pdbx_redundancy                               2.4 
_reflns_shell.pdbx_chi_squared                              0.62 
_reflns_shell.pdbx_netI_over_sigmaI_all                     ? 
_reflns_shell.pdbx_netI_over_sigmaI_obs                     ? 
_reflns_shell.pdbx_Rrim_I_all                               4.012 
_reflns_shell.pdbx_Rpim_I_all                               2.373 
_reflns_shell.pdbx_rejects                                  ? 
_reflns_shell.pdbx_ordinal                                  1 
_reflns_shell.pdbx_diffrn_id                                1 
_reflns_shell.pdbx_CC_half                                  0.123 
_reflns_shell.pdbx_CC_star                                  ? 
_reflns_shell.pdbx_R_split                                  ? 
_reflns_shell.percent_possible_all                          ? 
_reflns_shell.Rmerge_I_all                                  ? 
_reflns_shell.Rmerge_I_obs                                  3.183 
_reflns_shell.pdbx_Rsym_value                               ? 
_reflns_shell.pdbx_percent_possible_ellipsoidal             ? 
_reflns_shell.pdbx_percent_possible_spherical               ? 
_reflns_shell.pdbx_percent_possible_ellipsoidal_anomalous   ? 
_reflns_shell.pdbx_percent_possible_spherical_anomalous     ? 
_reflns_shell.pdbx_redundancy_anomalous                     ? 
_reflns_shell.pdbx_CC_half_anomalous                        ? 
_reflns_shell.pdbx_absDiff_over_sigma_anomalous             ? 
_reflns_shell.pdbx_percent_possible_anomalous               ? 
# 
_refine.aniso_B[1][1]                            ? 
_refine.aniso_B[1][2]                            ? 
_refine.aniso_B[1][3]                            ? 
_refine.aniso_B[2][2]                            ? 
_refine.aniso_B[2][3]                            ? 
_refine.aniso_B[3][3]                            ? 
_refine.B_iso_max                                ? 
_refine.B_iso_mean                               ? 
_refine.B_iso_min                                ? 
_refine.correlation_coeff_Fo_to_Fc               ? 
_refine.correlation_coeff_Fo_to_Fc_free          ? 
_refine.details                                  ? 
_refine.diff_density_max                         ? 
_refine.diff_density_max_esd                     ? 
_refine.diff_density_min                         ? 
_refine.diff_density_min_esd                     ? 
_refine.diff_density_rms                         ? 
_refine.diff_density_rms_esd                     ? 
_refine.entry_id                                 8XZR 
_refine.pdbx_refine_id                           'X-RAY DIFFRACTION' 
_refine.ls_abs_structure_details                 ? 
_refine.ls_abs_structure_Flack                   ? 
_refine.ls_abs_structure_Flack_esd               ? 
_refine.ls_abs_structure_Rogers                  ? 
_refine.ls_abs_structure_Rogers_esd              ? 
_refine.ls_d_res_high                            1.83 
_refine.ls_d_res_low                             25.15 
_refine.ls_extinction_coef                       ? 
_refine.ls_extinction_coef_esd                   ? 
_refine.ls_extinction_expression                 ? 
_refine.ls_extinction_method                     ? 
_refine.ls_goodness_of_fit_all                   ? 
_refine.ls_goodness_of_fit_all_esd               ? 
_refine.ls_goodness_of_fit_obs                   ? 
_refine.ls_goodness_of_fit_obs_esd               ? 
_refine.ls_hydrogen_treatment                    ? 
_refine.ls_matrix_type                           ? 
_refine.ls_number_constraints                    ? 
_refine.ls_number_parameters                     ? 
_refine.ls_number_reflns_all                     ? 
_refine.ls_number_reflns_obs                     13551 
_refine.ls_number_reflns_R_free                  1342 
_refine.ls_number_reflns_R_work                  ? 
_refine.ls_number_restraints                     ? 
_refine.ls_percent_reflns_obs                    81.72 
_refine.ls_percent_reflns_R_free                 9.90 
_refine.ls_R_factor_all                          ? 
_refine.ls_R_factor_obs                          0.2197 
_refine.ls_R_factor_R_free                       0.2495 
_refine.ls_R_factor_R_free_error                 ? 
_refine.ls_R_factor_R_free_error_details         ? 
_refine.ls_R_factor_R_work                       0.2164 
_refine.ls_R_Fsqd_factor_obs                     ? 
_refine.ls_R_I_factor_obs                        ? 
_refine.ls_redundancy_reflns_all                 ? 
_refine.ls_redundancy_reflns_obs                 ? 
_refine.ls_restrained_S_all                      ? 
_refine.ls_restrained_S_obs                      ? 
_refine.ls_shift_over_esd_max                    ? 
_refine.ls_shift_over_esd_mean                   ? 
_refine.ls_structure_factor_coef                 ? 
_refine.ls_weighting_details                     ? 
_refine.ls_weighting_scheme                      ? 
_refine.ls_wR_factor_all                         ? 
_refine.ls_wR_factor_obs                         ? 
_refine.ls_wR_factor_R_free                      ? 
_refine.ls_wR_factor_R_work                      ? 
_refine.occupancy_max                            ? 
_refine.occupancy_min                            ? 
_refine.solvent_model_details                    'FLAT BULK SOLVENT MODEL' 
_refine.solvent_model_param_bsol                 ? 
_refine.solvent_model_param_ksol                 ? 
_refine.pdbx_R_complete                          ? 
_refine.ls_R_factor_gt                           ? 
_refine.ls_goodness_of_fit_gt                    ? 
_refine.ls_goodness_of_fit_ref                   ? 
_refine.ls_shift_over_su_max                     ? 
_refine.ls_shift_over_su_max_lt                  ? 
_refine.ls_shift_over_su_mean                    ? 
_refine.ls_shift_over_su_mean_lt                 ? 
_refine.pdbx_ls_sigma_I                          ? 
_refine.pdbx_ls_sigma_F                          1.36 
_refine.pdbx_ls_sigma_Fsqd                       ? 
_refine.pdbx_data_cutoff_high_absF               ? 
_refine.pdbx_data_cutoff_high_rms_absF           ? 
_refine.pdbx_data_cutoff_low_absF                ? 
_refine.pdbx_isotropic_thermal_model             ? 
_refine.pdbx_ls_cross_valid_method               THROUGHOUT 
_refine.pdbx_method_to_determine_struct          'MOLECULAR REPLACEMENT' 
_refine.pdbx_starting_model                      ? 
_refine.pdbx_stereochemistry_target_values       ML 
_refine.pdbx_R_Free_selection_details            ? 
_refine.pdbx_stereochem_target_val_spec_case     ? 
_refine.pdbx_overall_ESU_R                       ? 
_refine.pdbx_overall_ESU_R_Free                  ? 
_refine.pdbx_solvent_vdw_probe_radii             1.11 
_refine.pdbx_solvent_ion_probe_radii             ? 
_refine.pdbx_solvent_shrinkage_radii             0.90 
_refine.pdbx_real_space_R                        ? 
_refine.pdbx_density_correlation                 ? 
_refine.pdbx_pd_number_of_powder_patterns        ? 
_refine.pdbx_pd_number_of_points                 ? 
_refine.pdbx_pd_meas_number_of_points            ? 
_refine.pdbx_pd_proc_ls_prof_R_factor            ? 
_refine.pdbx_pd_proc_ls_prof_wR_factor           ? 
_refine.pdbx_pd_Marquardt_correlation_coeff      ? 
_refine.pdbx_pd_Fsqrd_R_factor                   ? 
_refine.pdbx_pd_ls_matrix_band_width             ? 
_refine.pdbx_overall_phase_error                 32.87 
_refine.pdbx_overall_SU_R_free_Cruickshank_DPI   ? 
_refine.pdbx_overall_SU_R_free_Blow_DPI          ? 
_refine.pdbx_overall_SU_R_Blow_DPI               ? 
_refine.pdbx_TLS_residual_ADP_flag               ? 
_refine.pdbx_diffrn_id                           1 
_refine.overall_SU_B                             ? 
_refine.overall_SU_ML                            0.26 
_refine.overall_SU_R_Cruickshank_DPI             ? 
_refine.overall_SU_R_free                        ? 
_refine.overall_FOM_free_R_set                   ? 
_refine.overall_FOM_work_R_set                   ? 
_refine.pdbx_average_fsc_overall                 ? 
_refine.pdbx_average_fsc_work                    ? 
_refine.pdbx_average_fsc_free                    ? 
# 
_refine_hist.pdbx_refine_id                   'X-RAY DIFFRACTION' 
_refine_hist.cycle_id                         LAST 
_refine_hist.pdbx_number_atoms_protein        0 
_refine_hist.pdbx_number_atoms_nucleic_acid   1104 
_refine_hist.pdbx_number_atoms_ligand         65 
_refine_hist.number_atoms_solvent             51 
_refine_hist.number_atoms_total               1220 
_refine_hist.d_res_high                       1.83 
_refine_hist.d_res_low                        25.15 
# 
loop_
_refine_ls_restr.pdbx_refine_id 
_refine_ls_restr.criterion 
_refine_ls_restr.dev_ideal 
_refine_ls_restr.dev_ideal_target 
_refine_ls_restr.number 
_refine_ls_restr.rejects 
_refine_ls_restr.type 
_refine_ls_restr.weight 
_refine_ls_restr.pdbx_restraint_function 
'X-RAY DIFFRACTION' ? 0.005  ? 1291 ? f_bond_d           ? ? 
'X-RAY DIFFRACTION' ? 1.217  ? 2001 ? f_angle_d          ? ? 
'X-RAY DIFFRACTION' ? 17.591 ? 646  ? f_dihedral_angle_d ? ? 
'X-RAY DIFFRACTION' ? 0.044  ? 264  ? f_chiral_restr     ? ? 
'X-RAY DIFFRACTION' ? 0.006  ? 54   ? f_plane_restr      ? ? 
# 
loop_
_refine_ls_shell.pdbx_refine_id 
_refine_ls_shell.d_res_high 
_refine_ls_shell.d_res_low 
_refine_ls_shell.number_reflns_all 
_refine_ls_shell.number_reflns_obs 
_refine_ls_shell.number_reflns_R_free 
_refine_ls_shell.number_reflns_R_work 
_refine_ls_shell.percent_reflns_obs 
_refine_ls_shell.percent_reflns_R_free 
_refine_ls_shell.R_factor_all 
_refine_ls_shell.R_factor_obs 
_refine_ls_shell.R_factor_R_free_error 
_refine_ls_shell.R_factor_R_work 
_refine_ls_shell.redundancy_reflns_all 
_refine_ls_shell.redundancy_reflns_obs 
_refine_ls_shell.wR_factor_all 
_refine_ls_shell.wR_factor_obs 
_refine_ls_shell.wR_factor_R_free 
_refine_ls_shell.wR_factor_R_work 
_refine_ls_shell.pdbx_R_complete 
_refine_ls_shell.pdbx_total_number_of_bins_used 
_refine_ls_shell.pdbx_phase_error 
_refine_ls_shell.pdbx_fsc_work 
_refine_ls_shell.pdbx_fsc_free 
_refine_ls_shell.R_factor_R_free 
'X-RAY DIFFRACTION' 1.83 1.87  . . 114 1072 100.00 . . . . 0.2902 . . . . . . . . . . . 0.3160 
'X-RAY DIFFRACTION' 1.90 1.97  . . 103 984  70.00  . . . . 0.3201 . . . . . . . . . . . 0.3899 
'X-RAY DIFFRACTION' 1.97 2.05  . . 152 1371 100.00 . . . . 0.2949 . . . . . . . . . . . 0.4037 
'X-RAY DIFFRACTION' 2.10 2.17  . . 95  881  100.00 . . . . 0.2963 . . . . . . . . . . . 0.3636 
'X-RAY DIFFRACTION' 2.17 2.30  . . 82  694  48.00  . . . . 0.3252 . . . . . . . . . . . 0.3426 
'X-RAY DIFFRACTION' 2.30 2.48  . . 156 1494 100.00 . . . . 0.3073 . . . . . . . . . . . 0.3337 
'X-RAY DIFFRACTION' 2.48 2.73  . . 145 1243 84.00  . . . . 0.3131 . . . . . . . . . . . 0.3294 
'X-RAY DIFFRACTION' 2.73 3.12  . . 163 1494 100.00 . . . . 0.2754 . . . . . . . . . . . 0.3108 
'X-RAY DIFFRACTION' 3.12 3.93  . . 156 1379 91.00  . . . . 0.2041 . . . . . . . . . . . 0.2271 
'X-RAY DIFFRACTION' 3.93 25.15 . . 176 1597 100.00 . . . . 0.1490 . . . . . . . . . . . 0.1845 
# 
_struct.entry_id                     8XZR 
_struct.title                        'Crystal structure of folE riboswitch with 8-NH2 Guanine' 
_struct.pdbx_model_details           ? 
_struct.pdbx_formula_weight          ? 
_struct.pdbx_formula_weight_method   ? 
_struct.pdbx_model_type_details      ? 
_struct.pdbx_CASP_flag               N 
# 
_struct_keywords.entry_id        8XZR 
_struct_keywords.text            'riboswitch, 8-NH2 Guanine, RNA' 
_struct_keywords.pdbx_keywords   RNA 
# 
loop_
_struct_asym.id 
_struct_asym.pdbx_blank_PDB_chainid_flag 
_struct_asym.pdbx_modified 
_struct_asym.entity_id 
_struct_asym.details 
A N N 1 ? 
B N N 2 ? 
C N N 3 ? 
D N N 4 ? 
E N N 4 ? 
F N N 4 ? 
G N N 4 ? 
H N N 4 ? 
I N N 4 ? 
J N N 4 ? 
K N N 5 ? 
# 
_struct_ref.id                         1 
_struct_ref.db_name                    PDB 
_struct_ref.db_code                    8XZR 
_struct_ref.pdbx_db_accession          8XZR 
_struct_ref.pdbx_db_isoform            ? 
_struct_ref.entity_id                  1 
_struct_ref.pdbx_seq_one_letter_code   ? 
_struct_ref.pdbx_align_begin           1 
# 
_struct_ref_seq.align_id                      1 
_struct_ref_seq.ref_id                        1 
_struct_ref_seq.pdbx_PDB_id_code              8XZR 
_struct_ref_seq.pdbx_strand_id                A 
_struct_ref_seq.seq_align_beg                 1 
_struct_ref_seq.pdbx_seq_align_beg_ins_code   ? 
_struct_ref_seq.seq_align_end                 53 
_struct_ref_seq.pdbx_seq_align_end_ins_code   ? 
_struct_ref_seq.pdbx_db_accession             8XZR 
_struct_ref_seq.db_align_beg                  1 
_struct_ref_seq.pdbx_db_align_beg_ins_code    ? 
_struct_ref_seq.db_align_end                  53 
_struct_ref_seq.pdbx_db_align_end_ins_code    ? 
_struct_ref_seq.pdbx_auth_seq_align_beg       1 
_struct_ref_seq.pdbx_auth_seq_align_end       53 
# 
_pdbx_struct_assembly.id                   1 
_pdbx_struct_assembly.details              author_defined_assembly 
_pdbx_struct_assembly.method_details       ? 
_pdbx_struct_assembly.oligomeric_details   monomeric 
_pdbx_struct_assembly.oligomeric_count     1 
# 
_pdbx_struct_assembly_gen.assembly_id       1 
_pdbx_struct_assembly_gen.oper_expression   1 
_pdbx_struct_assembly_gen.asym_id_list      A,B,C,D,E,F,G,H,I,J,K 
# 
_pdbx_struct_assembly_auth_evidence.id                     1 
_pdbx_struct_assembly_auth_evidence.assembly_id            1 
_pdbx_struct_assembly_auth_evidence.experimental_support   'isothermal titration calorimetry' 
_pdbx_struct_assembly_auth_evidence.details                ? 
# 
_pdbx_struct_oper_list.id                   1 
_pdbx_struct_oper_list.type                 'identity operation' 
_pdbx_struct_oper_list.name                 1_555 
_pdbx_struct_oper_list.symmetry_operation   x,y,z 
_pdbx_struct_oper_list.matrix[1][1]         1.0000000000 
_pdbx_struct_oper_list.matrix[1][2]         0.0000000000 
_pdbx_struct_oper_list.matrix[1][3]         0.0000000000 
_pdbx_struct_oper_list.vector[1]            0.0000000000 
_pdbx_struct_oper_list.matrix[2][1]         0.0000000000 
_pdbx_struct_oper_list.matrix[2][2]         1.0000000000 
_pdbx_struct_oper_list.matrix[2][3]         0.0000000000 
_pdbx_struct_oper_list.vector[2]            0.0000000000 
_pdbx_struct_oper_list.matrix[3][1]         0.0000000000 
_pdbx_struct_oper_list.matrix[3][2]         0.0000000000 
_pdbx_struct_oper_list.matrix[3][3]         1.0000000000 
_pdbx_struct_oper_list.vector[3]            0.0000000000 
# 
loop_
_struct_conn.id 
_struct_conn.conn_type_id 
_struct_conn.pdbx_leaving_atom_flag 
_struct_conn.pdbx_PDB_id 
_struct_conn.ptnr1_label_asym_id 
_struct_conn.ptnr1_label_comp_id 
_struct_conn.ptnr1_label_seq_id 
_struct_conn.ptnr1_label_atom_id 
_struct_conn.pdbx_ptnr1_label_alt_id 
_struct_conn.pdbx_ptnr1_PDB_ins_code 
_struct_conn.pdbx_ptnr1_standard_comp_id 
_struct_conn.ptnr1_symmetry 
_struct_conn.ptnr2_label_asym_id 
_struct_conn.ptnr2_label_comp_id 
_struct_conn.ptnr2_label_seq_id 
_struct_conn.ptnr2_label_atom_id 
_struct_conn.pdbx_ptnr2_label_alt_id 
_struct_conn.pdbx_ptnr2_PDB_ins_code 
_struct_conn.ptnr1_auth_asym_id 
_struct_conn.ptnr1_auth_comp_id 
_struct_conn.ptnr1_auth_seq_id 
_struct_conn.ptnr2_auth_asym_id 
_struct_conn.ptnr2_auth_comp_id 
_struct_conn.ptnr2_auth_seq_id 
_struct_conn.ptnr2_symmetry 
_struct_conn.pdbx_ptnr3_label_atom_id 
_struct_conn.pdbx_ptnr3_label_seq_id 
_struct_conn.pdbx_ptnr3_label_comp_id 
_struct_conn.pdbx_ptnr3_label_asym_id 
_struct_conn.pdbx_ptnr3_label_alt_id 
_struct_conn.pdbx_ptnr3_PDB_ins_code 
_struct_conn.details 
_struct_conn.pdbx_dist_value 
_struct_conn.pdbx_value_order 
_struct_conn.pdbx_role 
covale1  covale both ? A GTP 1  "O3'" ? ? ? 1_555 A G   2  P  ? ? A GTP 1   A G   2   1_555 ? ? ? ? ? ? ?             1.565 ? ? 
metalc1  metalc ?    ? A G   5  O6    ? ? ? 1_555 E MG  .  MG ? ? A G   5   A MG  104 1_555 ? ? ? ? ? ? ?             2.844 ? ? 
metalc2  metalc ?    ? A U   14 "O2'" ? ? ? 1_555 H MG  .  MG ? ? A U   14  A MG  107 1_555 ? ? ? ? ? ? ?             2.218 ? ? 
metalc3  metalc ?    ? A C   15 OP2   ? ? ? 1_555 H MG  .  MG ? ? A C   15  A MG  107 1_555 ? ? ? ? ? ? ?             2.319 ? ? 
metalc4  metalc ?    ? A U   29 "O2'" ? ? ? 1_555 G MG  .  MG ? ? A U   29  A MG  106 2_664 ? ? ? ? ? ? ?             2.726 ? ? 
metalc5  metalc ?    ? A U   53 "O3'" ? ? ? 1_555 D MG  .  MG ? ? A U   53  A MG  103 1_555 ? ? ? ? ? ? ?             2.000 ? ? 
metalc6  metalc ?    ? A U   53 "O2'" ? ? ? 1_555 D MG  .  MG ? ? A U   53  A MG  103 1_555 ? ? ? ? ? ? ?             2.455 ? ? 
metalc7  metalc ?    ? E MG  .  MG    ? ? ? 1_555 K HOH .  O  ? ? A MG  104 A HOH 233 1_555 ? ? ? ? ? ? ?             2.046 ? ? 
metalc8  metalc ?    ? E MG  .  MG    ? ? ? 1_555 K HOH .  O  ? ? A MG  104 A HOH 238 1_555 ? ? ? ? ? ? ?             2.367 ? ? 
metalc9  metalc ?    ? F MG  .  MG    ? ? ? 1_555 K HOH .  O  ? ? A MG  105 A HOH 226 1_555 ? ? ? ? ? ? ?             1.977 ? ? 
metalc10 metalc ?    ? G MG  .  MG    ? ? ? 1_555 K HOH .  O  ? ? A MG  106 A HOH 212 1_555 ? ? ? ? ? ? ?             2.889 ? ? 
metalc11 metalc ?    ? H MG  .  MG    ? ? ? 1_555 K HOH .  O  ? ? A MG  107 A HOH 237 1_555 ? ? ? ? ? ? ?             2.646 ? ? 
metalc12 metalc ?    ? I MG  .  MG    ? ? ? 1_555 K HOH .  O  ? ? A MG  108 A HOH 235 1_555 ? ? ? ? ? ? ?             2.811 ? ? 
metalc13 metalc ?    ? J MG  .  MG    ? ? ? 1_555 K HOH .  O  ? ? A MG  109 A HOH 205 1_555 ? ? ? ? ? ? ?             2.117 ? ? 
metalc14 metalc ?    ? J MG  .  MG    ? ? ? 1_555 K HOH .  O  ? ? A MG  109 A HOH 209 1_555 ? ? ? ? ? ? ?             2.198 ? ? 
metalc15 metalc ?    ? J MG  .  MG    ? ? ? 1_555 K HOH .  O  ? ? A MG  109 A HOH 214 1_555 ? ? ? ? ? ? ?             2.081 ? ? 
metalc16 metalc ?    ? J MG  .  MG    ? ? ? 1_555 K HOH .  O  ? ? A MG  109 A HOH 215 1_555 ? ? ? ? ? ? ?             2.224 ? ? 
metalc17 metalc ?    ? J MG  .  MG    ? ? ? 1_555 K HOH .  O  ? ? A MG  109 A HOH 250 1_555 ? ? ? ? ? ? ?             2.218 ? ? 
metalc18 metalc ?    ? J MG  .  MG    ? ? ? 1_555 K HOH .  O  ? ? A MG  109 A HOH 251 1_555 ? ? ? ? ? ? ?             2.231 ? ? 
hydrog1  hydrog ?    ? A GTP 1  N1    ? ? ? 1_555 A U   53 O2 ? ? A GTP 1   A U   53  1_555 ? ? ? ? ? ? TYPE_28_PAIR  ?     ? ? 
hydrog2  hydrog ?    ? A GTP 1  O6    ? ? ? 1_555 A U   53 N3 ? ? A GTP 1   A U   53  1_555 ? ? ? ? ? ? TYPE_28_PAIR  ?     ? ? 
hydrog3  hydrog ?    ? A G   2  N1    ? ? ? 1_555 A C   52 N3 ? ? A G   2   A C   52  1_555 ? ? ? ? ? ? WATSON-CRICK  ?     ? ? 
hydrog4  hydrog ?    ? A G   2  N2    ? ? ? 1_555 A C   52 O2 ? ? A G   2   A C   52  1_555 ? ? ? ? ? ? WATSON-CRICK  ?     ? ? 
hydrog5  hydrog ?    ? A G   2  O6    ? ? ? 1_555 A C   52 N4 ? ? A G   2   A C   52  1_555 ? ? ? ? ? ? WATSON-CRICK  ?     ? ? 
hydrog6  hydrog ?    ? A G   3  N1    ? ? ? 1_555 A C   51 N3 ? ? A G   3   A C   51  1_555 ? ? ? ? ? ? WATSON-CRICK  ?     ? ? 
hydrog7  hydrog ?    ? A G   3  N2    ? ? ? 1_555 A C   51 O2 ? ? A G   3   A C   51  1_555 ? ? ? ? ? ? WATSON-CRICK  ?     ? ? 
hydrog8  hydrog ?    ? A G   3  O6    ? ? ? 1_555 A C   51 N4 ? ? A G   3   A C   51  1_555 ? ? ? ? ? ? WATSON-CRICK  ?     ? ? 
hydrog9  hydrog ?    ? A U   4  N3    ? ? ? 1_555 A G   50 O6 ? ? A U   4   A G   50  1_555 ? ? ? ? ? ? TYPE_28_PAIR  ?     ? ? 
hydrog10 hydrog ?    ? A U   4  O2    ? ? ? 1_555 A G   50 N1 ? ? A U   4   A G   50  1_555 ? ? ? ? ? ? TYPE_28_PAIR  ?     ? ? 
hydrog11 hydrog ?    ? A G   5  N1    ? ? ? 1_555 A C   49 N3 ? ? A G   5   A C   49  1_555 ? ? ? ? ? ? WATSON-CRICK  ?     ? ? 
hydrog12 hydrog ?    ? A G   5  N2    ? ? ? 1_555 A C   49 O2 ? ? A G   5   A C   49  1_555 ? ? ? ? ? ? WATSON-CRICK  ?     ? ? 
hydrog13 hydrog ?    ? A G   5  O6    ? ? ? 1_555 A C   49 N4 ? ? A G   5   A C   49  1_555 ? ? ? ? ? ? WATSON-CRICK  ?     ? ? 
hydrog14 hydrog ?    ? A U   6  N3    ? ? ? 1_555 A G   48 O6 ? ? A U   6   A G   48  1_555 ? ? ? ? ? ? TYPE_28_PAIR  ?     ? ? 
hydrog15 hydrog ?    ? A U   6  O2    ? ? ? 1_555 A G   48 N1 ? ? A U   6   A G   48  1_555 ? ? ? ? ? ? TYPE_28_PAIR  ?     ? ? 
hydrog16 hydrog ?    ? A G   7  N2    ? ? ? 1_555 A A   47 N7 ? ? A G   7   A A   47  1_555 ? ? ? ? ? ? TYPE_11_PAIR  ?     ? ? 
hydrog17 hydrog ?    ? A G   7  N3    ? ? ? 1_555 A A   47 N6 ? ? A G   7   A A   47  1_555 ? ? ? ? ? ? TYPE_11_PAIR  ?     ? ? 
hydrog18 hydrog ?    ? A A   9  N6    ? ? ? 1_555 A G   46 N3 ? ? A A   9   A G   46  1_555 ? ? ? ? ? ? TYPE_11_PAIR  ?     ? ? 
hydrog19 hydrog ?    ? A A   9  N7    ? ? ? 1_555 A G   46 N2 ? ? A A   9   A G   46  1_555 ? ? ? ? ? ? TYPE_11_PAIR  ?     ? ? 
hydrog20 hydrog ?    ? A C   10 N3    ? ? ? 1_555 A G   45 N1 ? ? A C   10  A G   45  1_555 ? ? ? ? ? ? WATSON-CRICK  ?     ? ? 
hydrog21 hydrog ?    ? A C   10 N4    ? ? ? 1_555 A G   45 O6 ? ? A C   10  A G   45  1_555 ? ? ? ? ? ? WATSON-CRICK  ?     ? ? 
hydrog22 hydrog ?    ? A C   10 O2    ? ? ? 1_555 A G   45 N2 ? ? A C   10  A G   45  1_555 ? ? ? ? ? ? WATSON-CRICK  ?     ? ? 
hydrog23 hydrog ?    ? A C   11 N3    ? ? ? 1_555 A G   44 N1 ? ? A C   11  A G   44  1_555 ? ? ? ? ? ? WATSON-CRICK  ?     ? ? 
hydrog24 hydrog ?    ? A C   11 N4    ? ? ? 1_555 A G   44 O6 ? ? A C   11  A G   44  1_555 ? ? ? ? ? ? WATSON-CRICK  ?     ? ? 
hydrog25 hydrog ?    ? A C   11 O2    ? ? ? 1_555 A G   44 N2 ? ? A C   11  A G   44  1_555 ? ? ? ? ? ? WATSON-CRICK  ?     ? ? 
hydrog26 hydrog ?    ? A G   12 N1    ? ? ? 1_555 A C   43 N3 ? ? A G   12  A C   43  1_555 ? ? ? ? ? ? WATSON-CRICK  ?     ? ? 
hydrog27 hydrog ?    ? A G   12 N2    ? ? ? 1_555 A C   43 O2 ? ? A G   12  A C   43  1_555 ? ? ? ? ? ? WATSON-CRICK  ?     ? ? 
hydrog28 hydrog ?    ? A G   12 O6    ? ? ? 1_555 A C   43 N4 ? ? A G   12  A C   43  1_555 ? ? ? ? ? ? WATSON-CRICK  ?     ? ? 
hydrog29 hydrog ?    ? A U   13 O2    ? ? ? 1_555 A A   16 N6 ? ? A U   13  A A   16  1_555 ? ? ? ? ? ? 'U-A PAIR'    ?     ? ? 
hydrog30 hydrog ?    ? A U   13 N3    ? ? ? 1_555 A A   42 N1 ? ? A U   13  A A   42  1_555 ? ? ? ? ? ? WATSON-CRICK  ?     ? ? 
hydrog31 hydrog ?    ? A U   13 O4    ? ? ? 1_555 A A   42 N6 ? ? A U   13  A A   42  1_555 ? ? ? ? ? ? WATSON-CRICK  ?     ? ? 
hydrog32 hydrog ?    ? A U   14 N3    ? ? ? 1_555 A A   17 N7 ? ? A U   14  A A   17  1_555 ? ? ? ? ? ? HOOGSTEEN     ?     ? ? 
hydrog33 hydrog ?    ? A U   14 O4    ? ? ? 1_555 A A   17 N6 ? ? A U   14  A A   17  1_555 ? ? ? ? ? ? HOOGSTEEN     ?     ? ? 
hydrog34 hydrog ?    ? A A   16 N6    ? ? ? 1_555 A C   43 O2 ? ? A A   16  A C   43  1_555 ? ? ? ? ? ? 'A-C MISPAIR' ?     ? ? 
hydrog35 hydrog ?    ? A A   17 N6    ? ? ? 1_555 A A   42 N3 ? ? A A   17  A A   42  1_555 ? ? ? ? ? ? 'A-A MISPAIR' ?     ? ? 
hydrog36 hydrog ?    ? A G   21 N1    ? ? ? 1_555 A C   40 N3 ? ? A G   21  A C   40  1_555 ? ? ? ? ? ? WATSON-CRICK  ?     ? ? 
hydrog37 hydrog ?    ? A G   21 N2    ? ? ? 1_555 A C   40 O2 ? ? A G   21  A C   40  1_555 ? ? ? ? ? ? WATSON-CRICK  ?     ? ? 
hydrog38 hydrog ?    ? A G   21 O6    ? ? ? 1_555 A C   40 N4 ? ? A G   21  A C   40  1_555 ? ? ? ? ? ? WATSON-CRICK  ?     ? ? 
hydrog39 hydrog ?    ? A U   22 N3    ? ? ? 1_555 A A   39 N1 ? ? A U   22  A A   39  1_555 ? ? ? ? ? ? WATSON-CRICK  ?     ? ? 
hydrog40 hydrog ?    ? A U   22 O4    ? ? ? 1_555 A A   39 N6 ? ? A U   22  A A   39  1_555 ? ? ? ? ? ? WATSON-CRICK  ?     ? ? 
hydrog41 hydrog ?    ? A C   23 N3    ? ? ? 1_555 A G   38 N1 ? ? A C   23  A G   38  1_555 ? ? ? ? ? ? WATSON-CRICK  ?     ? ? 
hydrog42 hydrog ?    ? A C   23 N4    ? ? ? 1_555 A G   38 O6 ? ? A C   23  A G   38  1_555 ? ? ? ? ? ? WATSON-CRICK  ?     ? ? 
hydrog43 hydrog ?    ? A C   23 O2    ? ? ? 1_555 A G   38 N2 ? ? A C   23  A G   38  1_555 ? ? ? ? ? ? WATSON-CRICK  ?     ? ? 
hydrog44 hydrog ?    ? A C   24 N3    ? ? ? 1_555 A G   37 N1 ? ? A C   24  A G   37  1_555 ? ? ? ? ? ? WATSON-CRICK  ?     ? ? 
hydrog45 hydrog ?    ? A C   24 N4    ? ? ? 1_555 A G   37 O6 ? ? A C   24  A G   37  1_555 ? ? ? ? ? ? WATSON-CRICK  ?     ? ? 
hydrog46 hydrog ?    ? A C   24 O2    ? ? ? 1_555 A G   37 N2 ? ? A C   24  A G   37  1_555 ? ? ? ? ? ? WATSON-CRICK  ?     ? ? 
hydrog47 hydrog ?    ? A C   25 N3    ? ? ? 1_555 A G   36 N1 ? ? A C   25  A G   36  1_555 ? ? ? ? ? ? WATSON-CRICK  ?     ? ? 
hydrog48 hydrog ?    ? A C   25 N4    ? ? ? 1_555 A G   36 O6 ? ? A C   25  A G   36  1_555 ? ? ? ? ? ? WATSON-CRICK  ?     ? ? 
hydrog49 hydrog ?    ? A C   25 O2    ? ? ? 1_555 A G   36 N2 ? ? A C   25  A G   36  1_555 ? ? ? ? ? ? WATSON-CRICK  ?     ? ? 
hydrog50 hydrog ?    ? A A   26 N1    ? ? ? 1_555 A U   35 N3 ? ? A A   26  A U   35  1_555 ? ? ? ? ? ? WATSON-CRICK  ?     ? ? 
hydrog51 hydrog ?    ? A A   26 N6    ? ? ? 1_555 A U   35 O4 ? ? A A   26  A U   35  1_555 ? ? ? ? ? ? WATSON-CRICK  ?     ? ? 
hydrog52 hydrog ?    ? A G   27 N1    ? ? ? 1_555 A C   34 N3 ? ? A G   27  A C   34  1_555 ? ? ? ? ? ? WATSON-CRICK  ?     ? ? 
hydrog53 hydrog ?    ? A G   27 N2    ? ? ? 1_555 A C   34 O2 ? ? A G   27  A C   34  1_555 ? ? ? ? ? ? WATSON-CRICK  ?     ? ? 
hydrog54 hydrog ?    ? A G   27 O6    ? ? ? 1_555 A C   34 N4 ? ? A G   27  A C   34  1_555 ? ? ? ? ? ? WATSON-CRICK  ?     ? ? 
hydrog55 hydrog ?    ? A C   28 N3    ? ? ? 1_555 A G   32 N1 ? ? A C   28  A G   32  1_555 ? ? ? ? ? ? WATSON-CRICK  ?     ? ? 
hydrog56 hydrog ?    ? A C   28 N4    ? ? ? 1_555 A G   32 O6 ? ? A C   28  A G   32  1_555 ? ? ? ? ? ? WATSON-CRICK  ?     ? ? 
hydrog57 hydrog ?    ? A C   28 O2    ? ? ? 1_555 A G   32 N2 ? ? A C   28  A G   32  1_555 ? ? ? ? ? ? WATSON-CRICK  ?     ? ? 
# 
loop_
_struct_conn_type.id 
_struct_conn_type.criteria 
_struct_conn_type.reference 
covale ? ? 
metalc ? ? 
hydrog ? ? 
# 
loop_
_pdbx_struct_conn_angle.id 
_pdbx_struct_conn_angle.ptnr1_label_atom_id 
_pdbx_struct_conn_angle.ptnr1_label_alt_id 
_pdbx_struct_conn_angle.ptnr1_label_asym_id 
_pdbx_struct_conn_angle.ptnr1_label_comp_id 
_pdbx_struct_conn_angle.ptnr1_label_seq_id 
_pdbx_struct_conn_angle.ptnr1_auth_atom_id 
_pdbx_struct_conn_angle.ptnr1_auth_asym_id 
_pdbx_struct_conn_angle.ptnr1_auth_comp_id 
_pdbx_struct_conn_angle.ptnr1_auth_seq_id 
_pdbx_struct_conn_angle.ptnr1_PDB_ins_code 
_pdbx_struct_conn_angle.ptnr1_symmetry 
_pdbx_struct_conn_angle.ptnr2_label_atom_id 
_pdbx_struct_conn_angle.ptnr2_label_alt_id 
_pdbx_struct_conn_angle.ptnr2_label_asym_id 
_pdbx_struct_conn_angle.ptnr2_label_comp_id 
_pdbx_struct_conn_angle.ptnr2_label_seq_id 
_pdbx_struct_conn_angle.ptnr2_auth_atom_id 
_pdbx_struct_conn_angle.ptnr2_auth_asym_id 
_pdbx_struct_conn_angle.ptnr2_auth_comp_id 
_pdbx_struct_conn_angle.ptnr2_auth_seq_id 
_pdbx_struct_conn_angle.ptnr2_PDB_ins_code 
_pdbx_struct_conn_angle.ptnr2_symmetry 
_pdbx_struct_conn_angle.ptnr3_label_atom_id 
_pdbx_struct_conn_angle.ptnr3_label_alt_id 
_pdbx_struct_conn_angle.ptnr3_label_asym_id 
_pdbx_struct_conn_angle.ptnr3_label_comp_id 
_pdbx_struct_conn_angle.ptnr3_label_seq_id 
_pdbx_struct_conn_angle.ptnr3_auth_atom_id 
_pdbx_struct_conn_angle.ptnr3_auth_asym_id 
_pdbx_struct_conn_angle.ptnr3_auth_comp_id 
_pdbx_struct_conn_angle.ptnr3_auth_seq_id 
_pdbx_struct_conn_angle.ptnr3_PDB_ins_code 
_pdbx_struct_conn_angle.ptnr3_symmetry 
_pdbx_struct_conn_angle.value 
_pdbx_struct_conn_angle.value_esd 
1  O6    ? A G   5  ? A G   5   ? 1_555 MG ? E MG . ? A MG 104 ? 1_555 O     ? K HOH .  ? A HOH 233 ? 1_555 79.6  ? 
2  O6    ? A G   5  ? A G   5   ? 1_555 MG ? E MG . ? A MG 104 ? 1_555 O     ? K HOH .  ? A HOH 238 ? 1_555 91.8  ? 
3  O     ? K HOH .  ? A HOH 233 ? 1_555 MG ? E MG . ? A MG 104 ? 1_555 O     ? K HOH .  ? A HOH 238 ? 1_555 96.3  ? 
4  "O2'" ? A U   14 ? A U   14  ? 1_555 MG ? H MG . ? A MG 107 ? 1_555 OP2   ? A C   15 ? A C   15  ? 1_555 98.1  ? 
5  "O2'" ? A U   14 ? A U   14  ? 1_555 MG ? H MG . ? A MG 107 ? 1_555 O     ? K HOH .  ? A HOH 237 ? 1_555 112.5 ? 
6  OP2   ? A C   15 ? A C   15  ? 1_555 MG ? H MG . ? A MG 107 ? 1_555 O     ? K HOH .  ? A HOH 237 ? 1_555 76.8  ? 
7  "O2'" ? A U   29 ? A U   29  ? 1_555 MG ? G MG . ? A MG 106 ? 2_664 O     ? K HOH .  ? A HOH 212 ? 1_555 75.4  ? 
8  "O3'" ? A U   53 ? A U   53  ? 1_555 MG ? D MG . ? A MG 103 ? 1_555 "O2'" ? A U   53 ? A U   53  ? 1_555 75.5  ? 
9  O     ? K HOH .  ? A HOH 205 ? 1_555 MG ? J MG . ? A MG 109 ? 1_555 O     ? K HOH .  ? A HOH 209 ? 1_555 97.4  ? 
10 O     ? K HOH .  ? A HOH 205 ? 1_555 MG ? J MG . ? A MG 109 ? 1_555 O     ? K HOH .  ? A HOH 214 ? 1_555 100.1 ? 
11 O     ? K HOH .  ? A HOH 209 ? 1_555 MG ? J MG . ? A MG 109 ? 1_555 O     ? K HOH .  ? A HOH 214 ? 1_555 97.5  ? 
12 O     ? K HOH .  ? A HOH 205 ? 1_555 MG ? J MG . ? A MG 109 ? 1_555 O     ? K HOH .  ? A HOH 215 ? 1_555 94.9  ? 
13 O     ? K HOH .  ? A HOH 209 ? 1_555 MG ? J MG . ? A MG 109 ? 1_555 O     ? K HOH .  ? A HOH 215 ? 1_555 165.4 ? 
14 O     ? K HOH .  ? A HOH 214 ? 1_555 MG ? J MG . ? A MG 109 ? 1_555 O     ? K HOH .  ? A HOH 215 ? 1_555 87.9  ? 
15 O     ? K HOH .  ? A HOH 205 ? 1_555 MG ? J MG . ? A MG 109 ? 1_555 O     ? K HOH .  ? A HOH 250 ? 1_555 84.8  ? 
16 O     ? K HOH .  ? A HOH 209 ? 1_555 MG ? J MG . ? A MG 109 ? 1_555 O     ? K HOH .  ? A HOH 250 ? 1_555 92.7  ? 
17 O     ? K HOH .  ? A HOH 214 ? 1_555 MG ? J MG . ? A MG 109 ? 1_555 O     ? K HOH .  ? A HOH 250 ? 1_555 167.9 ? 
18 O     ? K HOH .  ? A HOH 215 ? 1_555 MG ? J MG . ? A MG 109 ? 1_555 O     ? K HOH .  ? A HOH 250 ? 1_555 80.6  ? 
19 O     ? K HOH .  ? A HOH 205 ? 1_555 MG ? J MG . ? A MG 109 ? 1_555 O     ? K HOH .  ? A HOH 251 ? 1_555 176.1 ? 
20 O     ? K HOH .  ? A HOH 209 ? 1_555 MG ? J MG . ? A MG 109 ? 1_555 O     ? K HOH .  ? A HOH 251 ? 1_555 86.3  ? 
21 O     ? K HOH .  ? A HOH 214 ? 1_555 MG ? J MG . ? A MG 109 ? 1_555 O     ? K HOH .  ? A HOH 251 ? 1_555 80.4  ? 
22 O     ? K HOH .  ? A HOH 215 ? 1_555 MG ? J MG . ? A MG 109 ? 1_555 O     ? K HOH .  ? A HOH 251 ? 1_555 81.3  ? 
23 O     ? K HOH .  ? A HOH 250 ? 1_555 MG ? J MG . ? A MG 109 ? 1_555 O     ? K HOH .  ? A HOH 251 ? 1_555 94.0  ? 
# 
_pdbx_validate_rmsd_angle.id                         1 
_pdbx_validate_rmsd_angle.PDB_model_num              1 
_pdbx_validate_rmsd_angle.auth_atom_id_1             "O3'" 
_pdbx_validate_rmsd_angle.auth_asym_id_1             A 
_pdbx_validate_rmsd_angle.auth_comp_id_1             GTP 
_pdbx_validate_rmsd_angle.auth_seq_id_1              1 
_pdbx_validate_rmsd_angle.PDB_ins_code_1             ? 
_pdbx_validate_rmsd_angle.label_alt_id_1             ? 
_pdbx_validate_rmsd_angle.auth_atom_id_2             P 
_pdbx_validate_rmsd_angle.auth_asym_id_2             A 
_pdbx_validate_rmsd_angle.auth_comp_id_2             G 
_pdbx_validate_rmsd_angle.auth_seq_id_2              2 
_pdbx_validate_rmsd_angle.PDB_ins_code_2             ? 
_pdbx_validate_rmsd_angle.label_alt_id_2             ? 
_pdbx_validate_rmsd_angle.auth_atom_id_3             OP2 
_pdbx_validate_rmsd_angle.auth_asym_id_3             A 
_pdbx_validate_rmsd_angle.auth_comp_id_3             G 
_pdbx_validate_rmsd_angle.auth_seq_id_3              2 
_pdbx_validate_rmsd_angle.PDB_ins_code_3             ? 
_pdbx_validate_rmsd_angle.label_alt_id_3             ? 
_pdbx_validate_rmsd_angle.angle_value                126.14 
_pdbx_validate_rmsd_angle.angle_target_value         110.50 
_pdbx_validate_rmsd_angle.angle_deviation            15.64 
_pdbx_validate_rmsd_angle.angle_standard_deviation   1.10 
_pdbx_validate_rmsd_angle.linker_flag                Y 
# 
_pdbx_entry_details.entry_id                 8XZR 
_pdbx_entry_details.has_ligand_of_interest   Y 
_pdbx_entry_details.compound_details         ? 
_pdbx_entry_details.source_details           ? 
_pdbx_entry_details.nonpolymer_details       ? 
_pdbx_entry_details.sequence_details         ? 
# 
loop_
_chem_comp_atom.comp_id 
_chem_comp_atom.atom_id 
_chem_comp_atom.type_symbol 
_chem_comp_atom.pdbx_aromatic_flag 
_chem_comp_atom.pdbx_stereo_config 
_chem_comp_atom.pdbx_ordinal 
A   OP3    O  N N 1   
A   P      P  N N 2   
A   OP1    O  N N 3   
A   OP2    O  N N 4   
A   "O5'"  O  N N 5   
A   "C5'"  C  N N 6   
A   "C4'"  C  N R 7   
A   "O4'"  O  N N 8   
A   "C3'"  C  N S 9   
A   "O3'"  O  N N 10  
A   "C2'"  C  N R 11  
A   "O2'"  O  N N 12  
A   "C1'"  C  N R 13  
A   N9     N  Y N 14  
A   C8     C  Y N 15  
A   N7     N  Y N 16  
A   C5     C  Y N 17  
A   C6     C  Y N 18  
A   N6     N  N N 19  
A   N1     N  Y N 20  
A   C2     C  Y N 21  
A   N3     N  Y N 22  
A   C4     C  Y N 23  
A   HOP3   H  N N 24  
A   HOP2   H  N N 25  
A   "H5'"  H  N N 26  
A   "H5''" H  N N 27  
A   "H4'"  H  N N 28  
A   "H3'"  H  N N 29  
A   "HO3'" H  N N 30  
A   "H2'"  H  N N 31  
A   "HO2'" H  N N 32  
A   "H1'"  H  N N 33  
A   H8     H  N N 34  
A   H61    H  N N 35  
A   H62    H  N N 36  
A   H2     H  N N 37  
ANG N9     N  Y N 38  
ANG C4     C  Y N 39  
ANG N3     N  N N 40  
ANG C2     C  N N 41  
ANG N2     N  N N 42  
ANG N1     N  N N 43  
ANG C6     C  N N 44  
ANG O6     O  N N 45  
ANG C5     C  Y N 46  
ANG N7     N  Y N 47  
ANG C8     C  Y N 48  
ANG N8     N  N N 49  
ANG H9     H  N N 50  
ANG H21    H  N N 51  
ANG H22    H  N N 52  
ANG H1     H  N N 53  
ANG H81    H  N N 54  
ANG H82    H  N N 55  
C   OP3    O  N N 56  
C   P      P  N N 57  
C   OP1    O  N N 58  
C   OP2    O  N N 59  
C   "O5'"  O  N N 60  
C   "C5'"  C  N N 61  
C   "C4'"  C  N R 62  
C   "O4'"  O  N N 63  
C   "C3'"  C  N S 64  
C   "O3'"  O  N N 65  
C   "C2'"  C  N R 66  
C   "O2'"  O  N N 67  
C   "C1'"  C  N R 68  
C   N1     N  N N 69  
C   C2     C  N N 70  
C   O2     O  N N 71  
C   N3     N  N N 72  
C   C4     C  N N 73  
C   N4     N  N N 74  
C   C5     C  N N 75  
C   C6     C  N N 76  
C   HOP3   H  N N 77  
C   HOP2   H  N N 78  
C   "H5'"  H  N N 79  
C   "H5''" H  N N 80  
C   "H4'"  H  N N 81  
C   "H3'"  H  N N 82  
C   "HO3'" H  N N 83  
C   "H2'"  H  N N 84  
C   "HO2'" H  N N 85  
C   "H1'"  H  N N 86  
C   H41    H  N N 87  
C   H42    H  N N 88  
C   H5     H  N N 89  
C   H6     H  N N 90  
G   OP3    O  N N 91  
G   P      P  N N 92  
G   OP1    O  N N 93  
G   OP2    O  N N 94  
G   "O5'"  O  N N 95  
G   "C5'"  C  N N 96  
G   "C4'"  C  N R 97  
G   "O4'"  O  N N 98  
G   "C3'"  C  N S 99  
G   "O3'"  O  N N 100 
G   "C2'"  C  N R 101 
G   "O2'"  O  N N 102 
G   "C1'"  C  N R 103 
G   N9     N  Y N 104 
G   C8     C  Y N 105 
G   N7     N  Y N 106 
G   C5     C  Y N 107 
G   C6     C  N N 108 
G   O6     O  N N 109 
G   N1     N  N N 110 
G   C2     C  N N 111 
G   N2     N  N N 112 
G   N3     N  N N 113 
G   C4     C  Y N 114 
G   HOP3   H  N N 115 
G   HOP2   H  N N 116 
G   "H5'"  H  N N 117 
G   "H5''" H  N N 118 
G   "H4'"  H  N N 119 
G   "H3'"  H  N N 120 
G   "HO3'" H  N N 121 
G   "H2'"  H  N N 122 
G   "HO2'" H  N N 123 
G   "H1'"  H  N N 124 
G   H8     H  N N 125 
G   H1     H  N N 126 
G   H21    H  N N 127 
G   H22    H  N N 128 
GTP PG     P  N N 129 
GTP O1G    O  N N 130 
GTP O2G    O  N N 131 
GTP O3G    O  N N 132 
GTP O3B    O  N N 133 
GTP PB     P  N N 134 
GTP O1B    O  N N 135 
GTP O2B    O  N N 136 
GTP O3A    O  N N 137 
GTP PA     P  N N 138 
GTP O1A    O  N N 139 
GTP O2A    O  N N 140 
GTP "O5'"  O  N N 141 
GTP "C5'"  C  N N 142 
GTP "C4'"  C  N R 143 
GTP "O4'"  O  N N 144 
GTP "C3'"  C  N S 145 
GTP "O3'"  O  N N 146 
GTP "C2'"  C  N R 147 
GTP "O2'"  O  N N 148 
GTP "C1'"  C  N R 149 
GTP N9     N  Y N 150 
GTP C8     C  Y N 151 
GTP N7     N  Y N 152 
GTP C5     C  Y N 153 
GTP C6     C  N N 154 
GTP O6     O  N N 155 
GTP N1     N  N N 156 
GTP C2     C  N N 157 
GTP N2     N  N N 158 
GTP N3     N  N N 159 
GTP C4     C  Y N 160 
GTP HOG2   H  N N 161 
GTP HOG3   H  N N 162 
GTP HOB2   H  N N 163 
GTP HOA2   H  N N 164 
GTP "H5'"  H  N N 165 
GTP "H5''" H  N N 166 
GTP "H4'"  H  N N 167 
GTP "H3'"  H  N N 168 
GTP "HO3'" H  N N 169 
GTP "H2'"  H  N N 170 
GTP "HO2'" H  N N 171 
GTP "H1'"  H  N N 172 
GTP H8     H  N N 173 
GTP HN1    H  N N 174 
GTP HN21   H  N N 175 
GTP HN22   H  N N 176 
HOH O      O  N N 177 
HOH H1     H  N N 178 
HOH H2     H  N N 179 
MG  MG     MG N N 180 
SPM N1     N  N N 181 
SPM C2     C  N N 182 
SPM C3     C  N N 183 
SPM C4     C  N N 184 
SPM N5     N  N N 185 
SPM C6     C  N N 186 
SPM C7     C  N N 187 
SPM C8     C  N N 188 
SPM C9     C  N N 189 
SPM N10    N  N N 190 
SPM C11    C  N N 191 
SPM C12    C  N N 192 
SPM C13    C  N N 193 
SPM N14    N  N N 194 
SPM HN11   H  N N 195 
SPM HN12   H  N N 196 
SPM H21    H  N N 197 
SPM H22    H  N N 198 
SPM H31    H  N N 199 
SPM H32    H  N N 200 
SPM H41    H  N N 201 
SPM H42    H  N N 202 
SPM HN5    H  N N 203 
SPM H61    H  N N 204 
SPM H62    H  N N 205 
SPM H71    H  N N 206 
SPM H72    H  N N 207 
SPM H81    H  N N 208 
SPM H82    H  N N 209 
SPM H91    H  N N 210 
SPM H92    H  N N 211 
SPM HN0    H  N N 212 
SPM H111   H  N N 213 
SPM H112   H  N N 214 
SPM H121   H  N N 215 
SPM H122   H  N N 216 
SPM H131   H  N N 217 
SPM H132   H  N N 218 
SPM HN41   H  N N 219 
SPM HN42   H  N N 220 
U   OP3    O  N N 221 
U   P      P  N N 222 
U   OP1    O  N N 223 
U   OP2    O  N N 224 
U   "O5'"  O  N N 225 
U   "C5'"  C  N N 226 
U   "C4'"  C  N R 227 
U   "O4'"  O  N N 228 
U   "C3'"  C  N S 229 
U   "O3'"  O  N N 230 
U   "C2'"  C  N R 231 
U   "O2'"  O  N N 232 
U   "C1'"  C  N R 233 
U   N1     N  N N 234 
U   C2     C  N N 235 
U   O2     O  N N 236 
U   N3     N  N N 237 
U   C4     C  N N 238 
U   O4     O  N N 239 
U   C5     C  N N 240 
U   C6     C  N N 241 
U   HOP3   H  N N 242 
U   HOP2   H  N N 243 
U   "H5'"  H  N N 244 
U   "H5''" H  N N 245 
U   "H4'"  H  N N 246 
U   "H3'"  H  N N 247 
U   "HO3'" H  N N 248 
U   "H2'"  H  N N 249 
U   "HO2'" H  N N 250 
U   "H1'"  H  N N 251 
U   H3     H  N N 252 
U   H5     H  N N 253 
U   H6     H  N N 254 
# 
loop_
_chem_comp_bond.comp_id 
_chem_comp_bond.atom_id_1 
_chem_comp_bond.atom_id_2 
_chem_comp_bond.value_order 
_chem_comp_bond.pdbx_aromatic_flag 
_chem_comp_bond.pdbx_stereo_config 
_chem_comp_bond.pdbx_ordinal 
A   OP3   P      sing N N 1   
A   OP3   HOP3   sing N N 2   
A   P     OP1    doub N N 3   
A   P     OP2    sing N N 4   
A   P     "O5'"  sing N N 5   
A   OP2   HOP2   sing N N 6   
A   "O5'" "C5'"  sing N N 7   
A   "C5'" "C4'"  sing N N 8   
A   "C5'" "H5'"  sing N N 9   
A   "C5'" "H5''" sing N N 10  
A   "C4'" "O4'"  sing N N 11  
A   "C4'" "C3'"  sing N N 12  
A   "C4'" "H4'"  sing N N 13  
A   "O4'" "C1'"  sing N N 14  
A   "C3'" "O3'"  sing N N 15  
A   "C3'" "C2'"  sing N N 16  
A   "C3'" "H3'"  sing N N 17  
A   "O3'" "HO3'" sing N N 18  
A   "C2'" "O2'"  sing N N 19  
A   "C2'" "C1'"  sing N N 20  
A   "C2'" "H2'"  sing N N 21  
A   "O2'" "HO2'" sing N N 22  
A   "C1'" N9     sing N N 23  
A   "C1'" "H1'"  sing N N 24  
A   N9    C8     sing Y N 25  
A   N9    C4     sing Y N 26  
A   C8    N7     doub Y N 27  
A   C8    H8     sing N N 28  
A   N7    C5     sing Y N 29  
A   C5    C6     sing Y N 30  
A   C5    C4     doub Y N 31  
A   C6    N6     sing N N 32  
A   C6    N1     doub Y N 33  
A   N6    H61    sing N N 34  
A   N6    H62    sing N N 35  
A   N1    C2     sing Y N 36  
A   C2    N3     doub Y N 37  
A   C2    H2     sing N N 38  
A   N3    C4     sing Y N 39  
ANG N9    C4     sing Y N 40  
ANG N9    C8     sing Y N 41  
ANG N9    H9     sing N N 42  
ANG C4    N3     sing N N 43  
ANG C4    C5     doub Y N 44  
ANG N3    C2     doub N N 45  
ANG C2    N2     sing N N 46  
ANG C2    N1     sing N N 47  
ANG N2    H21    sing N N 48  
ANG N2    H22    sing N N 49  
ANG N1    C6     sing N N 50  
ANG N1    H1     sing N N 51  
ANG C6    O6     doub N N 52  
ANG C6    C5     sing N N 53  
ANG C5    N7     sing Y N 54  
ANG N7    C8     doub Y N 55  
ANG C8    N8     sing N N 56  
ANG N8    H81    sing N N 57  
ANG N8    H82    sing N N 58  
C   OP3   P      sing N N 59  
C   OP3   HOP3   sing N N 60  
C   P     OP1    doub N N 61  
C   P     OP2    sing N N 62  
C   P     "O5'"  sing N N 63  
C   OP2   HOP2   sing N N 64  
C   "O5'" "C5'"  sing N N 65  
C   "C5'" "C4'"  sing N N 66  
C   "C5'" "H5'"  sing N N 67  
C   "C5'" "H5''" sing N N 68  
C   "C4'" "O4'"  sing N N 69  
C   "C4'" "C3'"  sing N N 70  
C   "C4'" "H4'"  sing N N 71  
C   "O4'" "C1'"  sing N N 72  
C   "C3'" "O3'"  sing N N 73  
C   "C3'" "C2'"  sing N N 74  
C   "C3'" "H3'"  sing N N 75  
C   "O3'" "HO3'" sing N N 76  
C   "C2'" "O2'"  sing N N 77  
C   "C2'" "C1'"  sing N N 78  
C   "C2'" "H2'"  sing N N 79  
C   "O2'" "HO2'" sing N N 80  
C   "C1'" N1     sing N N 81  
C   "C1'" "H1'"  sing N N 82  
C   N1    C2     sing N N 83  
C   N1    C6     sing N N 84  
C   C2    O2     doub N N 85  
C   C2    N3     sing N N 86  
C   N3    C4     doub N N 87  
C   C4    N4     sing N N 88  
C   C4    C5     sing N N 89  
C   N4    H41    sing N N 90  
C   N4    H42    sing N N 91  
C   C5    C6     doub N N 92  
C   C5    H5     sing N N 93  
C   C6    H6     sing N N 94  
G   OP3   P      sing N N 95  
G   OP3   HOP3   sing N N 96  
G   P     OP1    doub N N 97  
G   P     OP2    sing N N 98  
G   P     "O5'"  sing N N 99  
G   OP2   HOP2   sing N N 100 
G   "O5'" "C5'"  sing N N 101 
G   "C5'" "C4'"  sing N N 102 
G   "C5'" "H5'"  sing N N 103 
G   "C5'" "H5''" sing N N 104 
G   "C4'" "O4'"  sing N N 105 
G   "C4'" "C3'"  sing N N 106 
G   "C4'" "H4'"  sing N N 107 
G   "O4'" "C1'"  sing N N 108 
G   "C3'" "O3'"  sing N N 109 
G   "C3'" "C2'"  sing N N 110 
G   "C3'" "H3'"  sing N N 111 
G   "O3'" "HO3'" sing N N 112 
G   "C2'" "O2'"  sing N N 113 
G   "C2'" "C1'"  sing N N 114 
G   "C2'" "H2'"  sing N N 115 
G   "O2'" "HO2'" sing N N 116 
G   "C1'" N9     sing N N 117 
G   "C1'" "H1'"  sing N N 118 
G   N9    C8     sing Y N 119 
G   N9    C4     sing Y N 120 
G   C8    N7     doub Y N 121 
G   C8    H8     sing N N 122 
G   N7    C5     sing Y N 123 
G   C5    C6     sing N N 124 
G   C5    C4     doub Y N 125 
G   C6    O6     doub N N 126 
G   C6    N1     sing N N 127 
G   N1    C2     sing N N 128 
G   N1    H1     sing N N 129 
G   C2    N2     sing N N 130 
G   C2    N3     doub N N 131 
G   N2    H21    sing N N 132 
G   N2    H22    sing N N 133 
G   N3    C4     sing N N 134 
GTP PG    O1G    doub N N 135 
GTP PG    O2G    sing N N 136 
GTP PG    O3G    sing N N 137 
GTP PG    O3B    sing N N 138 
GTP O2G   HOG2   sing N N 139 
GTP O3G   HOG3   sing N N 140 
GTP O3B   PB     sing N N 141 
GTP PB    O1B    doub N N 142 
GTP PB    O2B    sing N N 143 
GTP PB    O3A    sing N N 144 
GTP O2B   HOB2   sing N N 145 
GTP O3A   PA     sing N N 146 
GTP PA    O1A    doub N N 147 
GTP PA    O2A    sing N N 148 
GTP PA    "O5'"  sing N N 149 
GTP O2A   HOA2   sing N N 150 
GTP "O5'" "C5'"  sing N N 151 
GTP "C5'" "C4'"  sing N N 152 
GTP "C5'" "H5'"  sing N N 153 
GTP "C5'" "H5''" sing N N 154 
GTP "C4'" "O4'"  sing N N 155 
GTP "C4'" "C3'"  sing N N 156 
GTP "C4'" "H4'"  sing N N 157 
GTP "O4'" "C1'"  sing N N 158 
GTP "C3'" "O3'"  sing N N 159 
GTP "C3'" "C2'"  sing N N 160 
GTP "C3'" "H3'"  sing N N 161 
GTP "O3'" "HO3'" sing N N 162 
GTP "C2'" "O2'"  sing N N 163 
GTP "C2'" "C1'"  sing N N 164 
GTP "C2'" "H2'"  sing N N 165 
GTP "O2'" "HO2'" sing N N 166 
GTP "C1'" N9     sing N N 167 
GTP "C1'" "H1'"  sing N N 168 
GTP N9    C8     sing Y N 169 
GTP N9    C4     sing Y N 170 
GTP C8    N7     doub Y N 171 
GTP C8    H8     sing N N 172 
GTP N7    C5     sing Y N 173 
GTP C5    C6     sing N N 174 
GTP C5    C4     doub Y N 175 
GTP C6    O6     doub N N 176 
GTP C6    N1     sing N N 177 
GTP N1    C2     sing N N 178 
GTP N1    HN1    sing N N 179 
GTP C2    N2     sing N N 180 
GTP C2    N3     doub N N 181 
GTP N2    HN21   sing N N 182 
GTP N2    HN22   sing N N 183 
GTP N3    C4     sing N N 184 
HOH O     H1     sing N N 185 
HOH O     H2     sing N N 186 
SPM N1    C2     sing N N 187 
SPM N1    HN11   sing N N 188 
SPM N1    HN12   sing N N 189 
SPM C2    C3     sing N N 190 
SPM C2    H21    sing N N 191 
SPM C2    H22    sing N N 192 
SPM C3    C4     sing N N 193 
SPM C3    H31    sing N N 194 
SPM C3    H32    sing N N 195 
SPM C4    N5     sing N N 196 
SPM C4    H41    sing N N 197 
SPM C4    H42    sing N N 198 
SPM N5    C6     sing N N 199 
SPM N5    HN5    sing N N 200 
SPM C6    C7     sing N N 201 
SPM C6    H61    sing N N 202 
SPM C6    H62    sing N N 203 
SPM C7    C8     sing N N 204 
SPM C7    H71    sing N N 205 
SPM C7    H72    sing N N 206 
SPM C8    C9     sing N N 207 
SPM C8    H81    sing N N 208 
SPM C8    H82    sing N N 209 
SPM C9    N10    sing N N 210 
SPM C9    H91    sing N N 211 
SPM C9    H92    sing N N 212 
SPM N10   C11    sing N N 213 
SPM N10   HN0    sing N N 214 
SPM C11   C12    sing N N 215 
SPM C11   H111   sing N N 216 
SPM C11   H112   sing N N 217 
SPM C12   C13    sing N N 218 
SPM C12   H121   sing N N 219 
SPM C12   H122   sing N N 220 
SPM C13   N14    sing N N 221 
SPM C13   H131   sing N N 222 
SPM C13   H132   sing N N 223 
SPM N14   HN41   sing N N 224 
SPM N14   HN42   sing N N 225 
U   OP3   P      sing N N 226 
U   OP3   HOP3   sing N N 227 
U   P     OP1    doub N N 228 
U   P     OP2    sing N N 229 
U   P     "O5'"  sing N N 230 
U   OP2   HOP2   sing N N 231 
U   "O5'" "C5'"  sing N N 232 
U   "C5'" "C4'"  sing N N 233 
U   "C5'" "H5'"  sing N N 234 
U   "C5'" "H5''" sing N N 235 
U   "C4'" "O4'"  sing N N 236 
U   "C4'" "C3'"  sing N N 237 
U   "C4'" "H4'"  sing N N 238 
U   "O4'" "C1'"  sing N N 239 
U   "C3'" "O3'"  sing N N 240 
U   "C3'" "C2'"  sing N N 241 
U   "C3'" "H3'"  sing N N 242 
U   "O3'" "HO3'" sing N N 243 
U   "C2'" "O2'"  sing N N 244 
U   "C2'" "C1'"  sing N N 245 
U   "C2'" "H2'"  sing N N 246 
U   "O2'" "HO2'" sing N N 247 
U   "C1'" N1     sing N N 248 
U   "C1'" "H1'"  sing N N 249 
U   N1    C2     sing N N 250 
U   N1    C6     sing N N 251 
U   C2    O2     doub N N 252 
U   C2    N3     sing N N 253 
U   N3    C4     sing N N 254 
U   N3    H3     sing N N 255 
U   C4    O4     doub N N 256 
U   C4    C5     sing N N 257 
U   C5    C6     doub N N 258 
U   C5    H5     sing N N 259 
U   C6    H6     sing N N 260 
# 
loop_
_ndb_struct_conf_na.entry_id 
_ndb_struct_conf_na.feature 
8XZR 'double helix'         
8XZR 'a-form double helix'  
8XZR 'hairpin loop'         
8XZR 'bulge loop'           
8XZR 'mismatched base pair' 
8XZR 'quadruple helix'      
# 
loop_
_ndb_struct_na_base_pair.model_number 
_ndb_struct_na_base_pair.i_label_asym_id 
_ndb_struct_na_base_pair.i_label_comp_id 
_ndb_struct_na_base_pair.i_label_seq_id 
_ndb_struct_na_base_pair.i_symmetry 
_ndb_struct_na_base_pair.j_label_asym_id 
_ndb_struct_na_base_pair.j_label_comp_id 
_ndb_struct_na_base_pair.j_label_seq_id 
_ndb_struct_na_base_pair.j_symmetry 
_ndb_struct_na_base_pair.shear 
_ndb_struct_na_base_pair.stretch 
_ndb_struct_na_base_pair.stagger 
_ndb_struct_na_base_pair.buckle 
_ndb_struct_na_base_pair.propeller 
_ndb_struct_na_base_pair.opening 
_ndb_struct_na_base_pair.pair_number 
_ndb_struct_na_base_pair.pair_name 
_ndb_struct_na_base_pair.i_auth_asym_id 
_ndb_struct_na_base_pair.i_auth_seq_id 
_ndb_struct_na_base_pair.i_PDB_ins_code 
_ndb_struct_na_base_pair.j_auth_asym_id 
_ndb_struct_na_base_pair.j_auth_seq_id 
_ndb_struct_na_base_pair.j_PDB_ins_code 
_ndb_struct_na_base_pair.hbond_type_28 
_ndb_struct_na_base_pair.hbond_type_12 
1 A GTP 1  1_555 A U 53 1_555 -2.627 -0.509 -0.389 -3.143  -0.537  -0.066  1  A_GTP1:U53_A A 1  ? A 53 ? 28 1  
1 A G   2  1_555 A C 52 1_555 -0.166 -0.121 -0.219 -2.893  -12.954 0.623   2  A_G2:C52_A   A 2  ? A 52 ? 19 1  
1 A G   3  1_555 A C 51 1_555 -0.094 -0.126 -0.045 -6.895  -14.677 1.499   3  A_G3:C51_A   A 3  ? A 51 ? 19 1  
1 A U   4  1_555 A G 50 1_555 2.388  -0.548 0.110  -5.323  -12.427 2.897   4  A_U4:G50_A   A 4  ? A 50 ? 28 1  
1 A G   5  1_555 A C 49 1_555 -0.295 -0.084 -0.351 -9.863  -11.836 2.785   5  A_G5:C49_A   A 5  ? A 49 ? 19 1  
1 A U   6  1_555 A G 48 1_555 2.508  -0.675 0.030  -1.754  -1.577  -4.136  6  A_U6:G48_A   A 6  ? A 48 ? 28 1  
1 A G   7  1_555 A A 47 1_555 6.752  -4.565 0.261  9.086   -1.988  -7.374  7  A_G7:A47_A   A 7  ? A 47 ? 11 10 
1 A A   9  1_555 A G 46 1_555 -6.875 -4.419 0.803  -15.403 -14.102 -0.489  8  A_A9:G46_A   A 9  ? A 46 ? 11 9  
1 A C   10 1_555 A G 45 1_555 0.007  -0.181 0.167  -3.040  -7.533  -2.964  9  A_C10:G45_A  A 10 ? A 45 ? 19 1  
1 A C   11 1_555 A G 44 1_555 0.146  -0.153 -0.014 3.654   -12.050 -1.507  10 A_C11:G44_A  A 11 ? A 44 ? 19 1  
1 A G   12 1_555 A C 43 1_555 -0.342 -0.134 0.012  -12.300 -18.488 1.914   11 A_G12:C43_A  A 12 ? A 43 ? 19 1  
1 A U   13 1_555 A A 42 1_555 0.026  -0.086 0.464  -14.655 -9.971  -2.289  12 A_U13:A42_A  A 13 ? A 42 ? 20 1  
1 A G   21 1_555 A C 40 1_555 -0.128 -0.112 0.261  -0.699  -15.220 1.963   13 A_G21:C40_A  A 21 ? A 40 ? 19 1  
1 A U   22 1_555 A A 39 1_555 -0.023 -0.179 0.143  -3.379  -18.153 5.564   14 A_U22:A39_A  A 22 ? A 39 ? 20 1  
1 A C   23 1_555 A G 38 1_555 0.303  -0.150 0.228  -4.692  -10.333 0.195   15 A_C23:G38_A  A 23 ? A 38 ? 19 1  
1 A C   24 1_555 A G 37 1_555 0.236  -0.082 0.247  -3.198  -11.793 0.507   16 A_C24:G37_A  A 24 ? A 37 ? 19 1  
1 A C   25 1_555 A G 36 1_555 0.296  -0.155 0.342  0.578   -11.482 0.291   17 A_C25:G36_A  A 25 ? A 36 ? 19 1  
1 A A   26 1_555 A U 35 1_555 0.081  -0.027 0.071  -7.551  -16.785 8.866   18 A_A26:U35_A  A 26 ? A 35 ? 20 1  
1 A G   27 1_555 A C 34 1_555 -0.111 -0.170 0.136  -7.965  -14.945 -1.548  19 A_G27:C34_A  A 27 ? A 34 ? 19 1  
1 A C   28 1_555 A G 32 1_555 0.276  -0.149 -0.297 7.104   -0.417  -2.546  20 A_C28:G32_A  A 28 ? A 32 ? 19 1  
1 A U   14 1_555 A A 17 1_555 -0.952 3.696  0.045  0.001   19.659  -77.592 21 A_U14:A17_A  A 14 ? A 17 ? 23 3  
# 
loop_
_ndb_struct_na_base_pair_step.model_number 
_ndb_struct_na_base_pair_step.i_label_asym_id_1 
_ndb_struct_na_base_pair_step.i_label_comp_id_1 
_ndb_struct_na_base_pair_step.i_label_seq_id_1 
_ndb_struct_na_base_pair_step.i_symmetry_1 
_ndb_struct_na_base_pair_step.j_label_asym_id_1 
_ndb_struct_na_base_pair_step.j_label_comp_id_1 
_ndb_struct_na_base_pair_step.j_label_seq_id_1 
_ndb_struct_na_base_pair_step.j_symmetry_1 
_ndb_struct_na_base_pair_step.i_label_asym_id_2 
_ndb_struct_na_base_pair_step.i_label_comp_id_2 
_ndb_struct_na_base_pair_step.i_label_seq_id_2 
_ndb_struct_na_base_pair_step.i_symmetry_2 
_ndb_struct_na_base_pair_step.j_label_asym_id_2 
_ndb_struct_na_base_pair_step.j_label_comp_id_2 
_ndb_struct_na_base_pair_step.j_label_seq_id_2 
_ndb_struct_na_base_pair_step.j_symmetry_2 
_ndb_struct_na_base_pair_step.shift 
_ndb_struct_na_base_pair_step.slide 
_ndb_struct_na_base_pair_step.rise 
_ndb_struct_na_base_pair_step.tilt 
_ndb_struct_na_base_pair_step.roll 
_ndb_struct_na_base_pair_step.twist 
_ndb_struct_na_base_pair_step.x_displacement 
_ndb_struct_na_base_pair_step.y_displacement 
_ndb_struct_na_base_pair_step.helical_rise 
_ndb_struct_na_base_pair_step.inclination 
_ndb_struct_na_base_pair_step.tip 
_ndb_struct_na_base_pair_step.helical_twist 
_ndb_struct_na_base_pair_step.step_number 
_ndb_struct_na_base_pair_step.step_name 
_ndb_struct_na_base_pair_step.i_auth_asym_id_1 
_ndb_struct_na_base_pair_step.i_auth_seq_id_1 
_ndb_struct_na_base_pair_step.i_PDB_ins_code_1 
_ndb_struct_na_base_pair_step.j_auth_asym_id_1 
_ndb_struct_na_base_pair_step.j_auth_seq_id_1 
_ndb_struct_na_base_pair_step.j_PDB_ins_code_1 
_ndb_struct_na_base_pair_step.i_auth_asym_id_2 
_ndb_struct_na_base_pair_step.i_auth_seq_id_2 
_ndb_struct_na_base_pair_step.i_PDB_ins_code_2 
_ndb_struct_na_base_pair_step.j_auth_asym_id_2 
_ndb_struct_na_base_pair_step.j_auth_seq_id_2 
_ndb_struct_na_base_pair_step.j_PDB_ins_code_2 
1 A GTP 1  1_555 A U 53 1_555 A G 2  1_555 A C 52 1_555 -0.097 -1.444 3.384 -4.781 8.393  39.562 -3.001  -0.387 3.020 12.180 6.938 
40.678 1  AA_GTP1G2:C52U53_AA A 1  ? A 53 ? A 2  ? A 52 ? 
1 A G   2  1_555 A C 52 1_555 A G 3  1_555 A C 51 1_555 -0.029 -1.732 3.309 -2.575 6.762  33.210 -4.004  -0.347 2.904 11.658 4.440 
33.967 2  AA_G2G3:C51C52_AA   A 2  ? A 52 ? A 3  ? A 51 ? 
1 A G   3  1_555 A C 51 1_555 A U 4  1_555 A G 50 1_555 0.267  -1.417 3.262 1.422  2.153  41.420 -2.226  -0.228 3.195 3.041  
-2.008  41.497 3  AA_G3U4:G50C51_AA   A 3  ? A 51 ? A 4  ? A 50 ? 
1 A U   4  1_555 A G 50 1_555 A G 5  1_555 A C 49 1_555 -0.382 -2.103 3.267 6.195  9.946  22.577 -7.233  2.395  2.004 23.482 
-14.625 25.402 4  AA_U4G5:C49G50_AA   A 4  ? A 50 ? A 5  ? A 49 ? 
1 A G   5  1_555 A C 49 1_555 A U 6  1_555 A G 48 1_555 -0.022 -1.133 3.110 -0.598 6.058  39.057 -2.336  -0.032 2.909 8.994  0.888 
39.510 5  AA_G5U6:G48C49_AA   A 5  ? A 49 ? A 6  ? A 48 ? 
1 A U   6  1_555 A G 48 1_555 A G 7  1_555 A A 47 1_555 0.010  -1.243 3.056 4.987  6.553  51.709 -1.805  0.289  2.878 7.459  
-5.677  52.316 6  AA_U6G7:A47G48_AA   A 6  ? A 48 ? A 7  ? A 47 ? 
1 A G   7  1_555 A A 47 1_555 A A 9  1_555 A G 46 1_555 -2.205 -0.438 5.473 7.149  17.209 6.187  -13.035 11.349 0.547 66.300 
-27.543 19.627 7  AA_G7A9:G46A47_AA   A 7  ? A 47 ? A 9  ? A 46 ? 
1 A A   9  1_555 A G 46 1_555 A C 10 1_555 A G 45 1_555 0.184  -0.770 3.110 -0.942 9.377  58.359 -1.230  -0.232 2.962 9.548  0.959 
59.049 8  AA_A9C10:G45G46_AA  A 9  ? A 46 ? A 10 ? A 45 ? 
1 A C   10 1_555 A G 45 1_555 A C 11 1_555 A G 44 1_555 0.522  -2.213 3.077 2.960  2.698  25.393 -5.671  -0.412 2.872 6.090  
-6.680  25.702 9  AA_C10C11:G44G45_AA A 10 ? A 45 ? A 11 ? A 44 ? 
1 A C   11 1_555 A G 44 1_555 A G 12 1_555 A C 43 1_555 0.251  -1.872 3.399 0.601  14.939 32.605 -5.032  -0.329 2.349 25.034 
-1.007  35.785 10 AA_C11G12:C43G44_AA A 11 ? A 44 ? A 12 ? A 43 ? 
1 A G   12 1_555 A C 43 1_555 A U 13 1_555 A A 42 1_555 -0.174 -1.418 3.304 -2.239 3.268  33.826 -2.937  -0.056 3.162 5.592  3.832 
34.050 11 AA_G12U13:A42C43_AA A 12 ? A 43 ? A 13 ? A 42 ? 
1 A U   13 1_555 A A 42 1_555 A G 21 1_555 A C 40 1_555 -2.891 -2.687 5.952 2.164  2.559  79.177 -2.231  2.372  5.810 2.007  
-1.697  79.237 12 AA_U13G21:C40A42_AA A 13 ? A 42 ? A 21 ? A 40 ? 
1 A G   21 1_555 A C 40 1_555 A U 22 1_555 A A 39 1_555 -0.136 -1.454 3.269 0.535  8.847  32.470 -3.875  0.317  2.785 15.465 
-0.935  33.627 13 AA_G21U22:A39C40_AA A 21 ? A 40 ? A 22 ? A 39 ? 
1 A U   22 1_555 A A 39 1_555 A C 23 1_555 A G 38 1_555 -0.387 -1.090 3.222 -1.831 6.783  34.376 -2.783  0.379  2.976 11.329 3.058 
35.066 14 AA_U22C23:G38A39_AA A 22 ? A 39 ? A 23 ? A 38 ? 
1 A C   23 1_555 A G 38 1_555 A C 24 1_555 A G 37 1_555 0.411  -1.433 3.115 3.563  8.455  33.332 -3.601  -0.191 2.710 14.404 
-6.069  34.538 15 AA_C23C24:G37G38_AA A 23 ? A 38 ? A 24 ? A 37 ? 
1 A C   24 1_555 A G 37 1_555 A C 25 1_555 A G 36 1_555 0.733  -2.144 3.083 1.574  4.742  26.795 -5.609  -1.204 2.708 10.120 
-3.360  27.249 16 AA_C24C25:G36G37_AA A 24 ? A 37 ? A 25 ? A 36 ? 
1 A C   25 1_555 A G 36 1_555 A A 26 1_555 A U 35 1_555 0.362  -1.642 3.286 4.062  8.495  30.698 -4.418  0.036  2.768 15.593 
-7.456  32.076 17 AA_C25A26:U35G36_AA A 25 ? A 36 ? A 26 ? A 35 ? 
1 A A   26 1_555 A U 35 1_555 A G 27 1_555 A C 34 1_555 -0.573 -1.542 3.221 0.777  3.161  33.544 -3.154  1.110  3.053 5.460  
-1.342  33.697 18 AA_A26G27:C34U35_AA A 26 ? A 35 ? A 27 ? A 34 ? 
1 A G   27 1_555 A C 34 1_555 A C 28 1_555 A G 32 1_555 -0.314 -0.466 2.963 7.188  7.756  25.583 -2.623  2.183  2.536 16.639 
-15.420 27.648 19 AA_G27C28:G32C34_AA A 27 ? A 34 ? A 28 ? A 32 ? 
# 
_pdbx_audit_support.funding_organization   'National Natural Science Foundation of China (NSFC)' 
_pdbx_audit_support.country                China 
_pdbx_audit_support.grant_number           ? 
_pdbx_audit_support.ordinal                1 
# 
_pdbx_entity_instance_feature.ordinal        1 
_pdbx_entity_instance_feature.comp_id        ANG 
_pdbx_entity_instance_feature.asym_id        ? 
_pdbx_entity_instance_feature.seq_num        ? 
_pdbx_entity_instance_feature.auth_comp_id   ANG 
_pdbx_entity_instance_feature.auth_asym_id   ? 
_pdbx_entity_instance_feature.auth_seq_num   ? 
_pdbx_entity_instance_feature.feature_type   'SUBJECT OF INVESTIGATION' 
_pdbx_entity_instance_feature.details        ? 
# 
_pdbx_initial_refinement_model.id               1 
_pdbx_initial_refinement_model.entity_id_list   ? 
_pdbx_initial_refinement_model.type             'experimental model' 
_pdbx_initial_refinement_model.source_name      PDB 
_pdbx_initial_refinement_model.accession_code   8XZE 
_pdbx_initial_refinement_model.details          ? 
# 
_atom_sites.entry_id                    8XZR 
_atom_sites.Cartn_transf_matrix[1][1]   ? 
_atom_sites.Cartn_transf_matrix[1][2]   ? 
_atom_sites.Cartn_transf_matrix[1][3]   ? 
_atom_sites.Cartn_transf_matrix[2][1]   ? 
_atom_sites.Cartn_transf_matrix[2][2]   ? 
_atom_sites.Cartn_transf_matrix[2][3]   ? 
_atom_sites.Cartn_transf_matrix[3][1]   ? 
_atom_sites.Cartn_transf_matrix[3][2]   ? 
_atom_sites.Cartn_transf_matrix[3][3]   ? 
_atom_sites.Cartn_transf_vector[1]      ? 
_atom_sites.Cartn_transf_vector[2]      ? 
_atom_sites.Cartn_transf_vector[3]      ? 
_atom_sites.Cartn_transform_axes        ? 
_atom_sites.fract_transf_matrix[1][1]   0.00485144 
_atom_sites.fract_transf_matrix[1][2]   0.01713348 
_atom_sites.fract_transf_matrix[1][3]   0.00884091 
_atom_sites.fract_transf_matrix[2][1]   0.00724758 
_atom_sites.fract_transf_matrix[2][2]   -0.00865710 
_atom_sites.fract_transf_matrix[2][3]   0.01280015 
_atom_sites.fract_transf_matrix[3][1]   0.01426539 
_atom_sites.fract_transf_matrix[3][2]   0.00009528 
_atom_sites.fract_transf_matrix[3][3]   -0.00801277 
_atom_sites.fract_transf_vector[1]      0.548683 
_atom_sites.fract_transf_vector[2]      0.380688 
_atom_sites.fract_transf_vector[3]      0.433319 
_atom_sites.solution_primary            ? 
_atom_sites.solution_secondary          ? 
_atom_sites.solution_hydrogens          ? 
_atom_sites.special_details             ? 
# 
loop_
_atom_type.symbol 
C  
MG 
N  
O  
P  
# 
loop_
_atom_site.group_PDB 
_atom_site.id 
_atom_site.type_symbol 
_atom_site.label_atom_id 
_atom_site.label_alt_id 
_atom_site.label_comp_id 
_atom_site.label_asym_id 
_atom_site.label_entity_id 
_atom_site.label_seq_id 
_atom_site.pdbx_PDB_ins_code 
_atom_site.Cartn_x 
_atom_site.Cartn_y 
_atom_site.Cartn_z 
_atom_site.occupancy 
_atom_site.B_iso_or_equiv 
_atom_site.pdbx_formal_charge 
_atom_site.auth_seq_id 
_atom_site.auth_comp_id 
_atom_site.auth_asym_id 
_atom_site.auth_atom_id 
_atom_site.pdbx_PDB_model_num 
HETATM 1    P  PG    . GTP A 1 1  ? 25.046  -16.820 -8.315  1.00 121.03 ? 1   GTP A PG    1 
HETATM 2    O  O1G   . GTP A 1 1  ? 25.165  -17.921 -9.345  1.00 116.13 ? 1   GTP A O1G   1 
HETATM 3    O  O2G   . GTP A 1 1  ? 24.076  -17.268 -7.241  1.00 109.12 ? 1   GTP A O2G   1 
HETATM 4    O  O3G   . GTP A 1 1  ? 24.527  -15.567 -8.993  1.00 111.76 ? 1   GTP A O3G   1 
HETATM 5    O  O3B   . GTP A 1 1  ? 26.529  -16.592 -7.694  1.00 115.48 ? 1   GTP A O3B   1 
HETATM 6    P  PB    . GTP A 1 1  ? 26.827  -16.148 -6.160  1.00 119.45 ? 1   GTP A PB    1 
HETATM 7    O  O1B   . GTP A 1 1  ? 26.511  -17.324 -5.259  1.00 113.39 ? 1   GTP A O1B   1 
HETATM 8    O  O2B   . GTP A 1 1  ? 28.278  -15.753 -5.964  1.00 104.40 ? 1   GTP A O2B   1 
HETATM 9    O  O3A   . GTP A 1 1  ? 25.826  -14.914 -5.810  1.00 109.15 ? 1   GTP A O3A   1 
HETATM 10   P  PA    . GTP A 1 1  ? 25.622  -13.588 -6.726  1.00 98.86  ? 1   GTP A PA    1 
HETATM 11   O  O1A   . GTP A 1 1  ? 26.438  -13.669 -7.998  1.00 95.64  ? 1   GTP A O1A   1 
HETATM 12   O  O2A   . GTP A 1 1  ? 24.165  -13.315 -7.040  1.00 93.27  ? 1   GTP A O2A   1 
HETATM 13   O  "O5'" . GTP A 1 1  ? 26.219  -12.435 -5.770  1.00 85.65  ? 1   GTP A "O5'" 1 
HETATM 14   C  "C5'" . GTP A 1 1  ? 27.186  -12.767 -4.801  1.00 83.20  ? 1   GTP A "C5'" 1 
HETATM 15   C  "C4'" . GTP A 1 1  ? 28.138  -11.597 -4.606  1.00 77.94  ? 1   GTP A "C4'" 1 
HETATM 16   O  "O4'" . GTP A 1 1  ? 29.158  -11.679 -5.579  1.00 76.32  ? 1   GTP A "O4'" 1 
HETATM 17   C  "C3'" . GTP A 1 1  ? 27.490  -10.245 -4.827  1.00 70.94  ? 1   GTP A "C3'" 1 
HETATM 18   O  "O3'" . GTP A 1 1  ? 26.945  -9.711  -3.651  1.00 70.33  ? 1   GTP A "O3'" 1 
HETATM 19   C  "C2'" . GTP A 1 1  ? 28.647  -9.409  -5.322  1.00 67.30  ? 1   GTP A "C2'" 1 
HETATM 20   O  "O2'" . GTP A 1 1  ? 29.353  -8.866  -4.231  1.00 68.71  ? 1   GTP A "O2'" 1 
HETATM 21   C  "C1'" . GTP A 1 1  ? 29.506  -10.402 -6.079  1.00 67.77  ? 1   GTP A "C1'" 1 
HETATM 22   N  N9    . GTP A 1 1  ? 29.115  -10.320 -7.502  1.00 66.42  ? 1   GTP A N9    1 
HETATM 23   C  C8    . GTP A 1 1  ? 28.470  -11.293 -8.222  1.00 68.21  ? 1   GTP A C8    1 
HETATM 24   N  N7    . GTP A 1 1  ? 28.277  -10.851 -9.484  1.00 63.76  ? 1   GTP A N7    1 
HETATM 25   C  C5    . GTP A 1 1  ? 28.794  -9.608  -9.588  1.00 58.62  ? 1   GTP A C5    1 
HETATM 26   C  C6    . GTP A 1 1  ? 28.867  -8.710  -10.648 1.00 55.12  ? 1   GTP A C6    1 
HETATM 27   O  O6    . GTP A 1 1  ? 28.400  -8.995  -11.762 1.00 53.81  ? 1   GTP A O6    1 
HETATM 28   N  N1    . GTP A 1 1  ? 29.467  -7.484  -10.443 1.00 54.07  ? 1   GTP A N1    1 
HETATM 29   C  C2    . GTP A 1 1  ? 29.989  -7.153  -9.210  1.00 55.59  ? 1   GTP A C2    1 
HETATM 30   N  N2    . GTP A 1 1  ? 30.564  -5.970  -9.028  1.00 56.50  ? 1   GTP A N2    1 
HETATM 31   N  N3    . GTP A 1 1  ? 29.912  -8.049  -8.169  1.00 58.51  ? 1   GTP A N3    1 
HETATM 32   C  C4    . GTP A 1 1  ? 29.324  -9.259  -8.350  1.00 61.72  ? 1   GTP A C4    1 
ATOM   33   P  P     . G   A 1 2  ? 25.500  -9.127  -3.785  1.00 68.09  ? 2   G   A P     1 
ATOM   34   O  OP1   . G   A 1 2  ? 25.327  -8.935  -2.324  1.00 75.21  ? 2   G   A OP1   1 
ATOM   35   O  OP2   . G   A 1 2  ? 24.387  -9.720  -4.561  1.00 72.30  ? 2   G   A OP2   1 
ATOM   36   O  "O5'" . G   A 1 2  ? 25.846  -7.702  -4.404  1.00 63.44  ? 2   G   A "O5'" 1 
ATOM   37   C  "C5'" . G   A 1 2  ? 26.735  -6.814  -3.744  1.00 60.48  ? 2   G   A "C5'" 1 
ATOM   38   C  "C4'" . G   A 1 2  ? 27.118  -5.660  -4.634  1.00 58.06  ? 2   G   A "C4'" 1 
ATOM   39   O  "O4'" . G   A 1 2  ? 27.860  -6.148  -5.782  1.00 58.71  ? 2   G   A "O4'" 1 
ATOM   40   C  "C3'" . G   A 1 2  ? 25.974  -4.875  -5.252  1.00 55.01  ? 2   G   A "C3'" 1 
ATOM   41   O  "O3'" . G   A 1 2  ? 25.377  -3.950  -4.359  1.00 53.08  ? 2   G   A "O3'" 1 
ATOM   42   C  "C2'" . G   A 1 2  ? 26.643  -4.228  -6.453  1.00 52.06  ? 2   G   A "C2'" 1 
ATOM   43   O  "O2'" . G   A 1 2  ? 27.454  -3.146  -6.033  1.00 49.78  ? 2   G   A "O2'" 1 
ATOM   44   C  "C1'" . G   A 1 2  ? 27.564  -5.356  -6.914  1.00 54.49  ? 2   G   A "C1'" 1 
ATOM   45   N  N9    . G   A 1 2  ? 26.917  -6.209  -7.933  1.00 53.00  ? 2   G   A N9    1 
ATOM   46   C  C8    . G   A 1 2  ? 26.467  -7.496  -7.780  1.00 56.03  ? 2   G   A C8    1 
ATOM   47   N  N7    . G   A 1 2  ? 25.929  -7.988  -8.864  1.00 54.22  ? 2   G   A N7    1 
ATOM   48   C  C5    . G   A 1 2  ? 26.020  -6.958  -9.789  1.00 50.11  ? 2   G   A C5    1 
ATOM   49   C  C6    . G   A 1 2  ? 25.606  -6.902  -11.145 1.00 47.49  ? 2   G   A C6    1 
ATOM   50   O  O6    . G   A 1 2  ? 25.057  -7.781  -11.826 1.00 45.27  ? 2   G   A O6    1 
ATOM   51   N  N1    . G   A 1 2  ? 25.899  -5.664  -11.714 1.00 48.71  ? 2   G   A N1    1 
ATOM   52   C  C2    . G   A 1 2  ? 26.511  -4.620  -11.066 1.00 47.54  ? 2   G   A C2    1 
ATOM   53   N  N2    . G   A 1 2  ? 26.703  -3.506  -11.792 1.00 46.03  ? 2   G   A N2    1 
ATOM   54   N  N3    . G   A 1 2  ? 26.903  -4.669  -9.804  1.00 49.15  ? 2   G   A N3    1 
ATOM   55   C  C4    . G   A 1 2  ? 26.631  -5.857  -9.232  1.00 50.77  ? 2   G   A C4    1 
ATOM   56   P  P     . G   A 1 3  ? 23.794  -3.664  -4.431  1.00 59.29  ? 3   G   A P     1 
ATOM   57   O  OP1   . G   A 1 3  ? 23.416  -2.855  -3.242  1.00 54.97  ? 3   G   A OP1   1 
ATOM   58   O  OP2   . G   A 1 3  ? 23.094  -4.948  -4.700  1.00 56.53  ? 3   G   A OP2   1 
ATOM   59   O  "O5'" . G   A 1 3  ? 23.622  -2.727  -5.704  1.00 51.69  ? 3   G   A "O5'" 1 
ATOM   60   C  "C5'" . G   A 1 3  ? 24.260  -1.464  -5.764  1.00 51.66  ? 3   G   A "C5'" 1 
ATOM   61   C  "C4'" . G   A 1 3  ? 24.180  -0.874  -7.147  1.00 50.75  ? 3   G   A "C4'" 1 
ATOM   62   O  "O4'" . G   A 1 3  ? 24.867  -1.733  -8.098  1.00 49.71  ? 3   G   A "O4'" 1 
ATOM   63   C  "C3'" . G   A 1 3  ? 22.788  -0.736  -7.736  1.00 47.08  ? 3   G   A "C3'" 1 
ATOM   64   O  "O3'" . G   A 1 3  ? 22.083  0.386   -7.245  1.00 49.60  ? 3   G   A "O3'" 1 
ATOM   65   C  "C2'" . G   A 1 3  ? 23.074  -0.665  -9.225  1.00 42.98  ? 3   G   A "C2'" 1 
ATOM   66   O  "O2'" . G   A 1 3  ? 23.579  0.618   -9.561  1.00 45.95  ? 3   G   A "O2'" 1 
ATOM   67   C  "C1'" . G   A 1 3  ? 24.207  -1.681  -9.348  1.00 46.77  ? 3   G   A "C1'" 1 
ATOM   68   N  N9    . G   A 1 3  ? 23.701  -3.033  -9.671  1.00 43.74  ? 3   G   A N9    1 
ATOM   69   C  C8    . G   A 1 3  ? 23.649  -4.132  -8.842  1.00 48.26  ? 3   G   A C8    1 
ATOM   70   N  N7    . G   A 1 3  ? 23.139  -5.193  -9.423  1.00 43.77  ? 3   G   A N7    1 
ATOM   71   C  C5    . G   A 1 3  ? 22.837  -4.770  -10.710 1.00 41.25  ? 3   G   A C5    1 
ATOM   72   C  C6    . G   A 1 3  ? 22.271  -5.487  -11.789 1.00 41.96  ? 3   G   A C6    1 
ATOM   73   O  O6    . G   A 1 3  ? 21.912  -6.680  -11.815 1.00 41.69  ? 3   G   A O6    1 
ATOM   74   N  N1    . G   A 1 3  ? 22.127  -4.678  -12.915 1.00 40.29  ? 3   G   A N1    1 
ATOM   75   C  C2    . G   A 1 3  ? 22.492  -3.358  -12.977 1.00 40.59  ? 3   G   A C2    1 
ATOM   76   N  N2    . G   A 1 3  ? 22.281  -2.757  -14.150 1.00 44.01  ? 3   G   A N2    1 
ATOM   77   N  N3    . G   A 1 3  ? 23.030  -2.678  -11.978 1.00 42.06  ? 3   G   A N3    1 
ATOM   78   C  C4    . G   A 1 3  ? 23.179  -3.443  -10.882 1.00 42.51  ? 3   G   A C4    1 
ATOM   79   P  P     . U   A 1 4  ? 20.504  0.276   -6.995  1.00 52.88  ? 4   U   A P     1 
ATOM   80   O  OP1   . U   A 1 4  ? 20.016  1.574   -6.475  1.00 50.49  ? 4   U   A OP1   1 
ATOM   81   O  OP2   . U   A 1 4  ? 20.260  -0.989  -6.256  1.00 49.01  ? 4   U   A OP2   1 
ATOM   82   O  "O5'" . U   A 1 4  ? 19.902  0.105   -8.459  1.00 45.32  ? 4   U   A "O5'" 1 
ATOM   83   C  "C5'" . U   A 1 4  ? 19.867  1.184   -9.376  1.00 44.44  ? 4   U   A "C5'" 1 
ATOM   84   C  "C4'" . U   A 1 4  ? 19.473  0.709   -10.749 1.00 43.19  ? 4   U   A "C4'" 1 
ATOM   85   O  "O4'" . U   A 1 4  ? 20.316  -0.413  -11.133 1.00 45.56  ? 4   U   A "O4'" 1 
ATOM   86   C  "C3'" . U   A 1 4  ? 18.065  0.153   -10.897 1.00 44.02  ? 4   U   A "C3'" 1 
ATOM   87   O  "O3'" . U   A 1 4  ? 17.066  1.149   -11.012 1.00 45.34  ? 4   U   A "O3'" 1 
ATOM   88   C  "C2'" . U   A 1 4  ? 18.191  -0.702  -12.147 1.00 43.48  ? 4   U   A "C2'" 1 
ATOM   89   O  "O2'" . U   A 1 4  ? 18.238  0.125   -13.297 1.00 38.42  ? 4   U   A "O2'" 1 
ATOM   90   C  "C1'" . U   A 1 4  ? 19.578  -1.307  -11.951 1.00 41.74  ? 4   U   A "C1'" 1 
ATOM   91   N  N1    . U   A 1 4  ? 19.497  -2.624  -11.283 1.00 43.30  ? 4   U   A N1    1 
ATOM   92   C  C2    . U   A 1 4  ? 19.101  -3.700  -12.059 1.00 43.31  ? 4   U   A C2    1 
ATOM   93   O  O2    . U   A 1 4  ? 18.837  -3.588  -13.247 1.00 39.70  ? 4   U   A O2    1 
ATOM   94   N  N3    . U   A 1 4  ? 19.031  -4.904  -11.391 1.00 39.21  ? 4   U   A N3    1 
ATOM   95   C  C4    . U   A 1 4  ? 19.306  -5.129  -10.055 1.00 42.24  ? 4   U   A C4    1 
ATOM   96   O  O4    . U   A 1 4  ? 19.195  -6.268  -9.586  1.00 44.11  ? 4   U   A O4    1 
ATOM   97   C  C5    . U   A 1 4  ? 19.709  -3.959  -9.328  1.00 41.87  ? 4   U   A C5    1 
ATOM   98   C  C6    . U   A 1 4  ? 19.782  -2.779  -9.948  1.00 42.07  ? 4   U   A C6    1 
ATOM   99   P  P     . G   A 1 5  ? 15.560  0.828   -10.545 1.00 49.23  ? 5   G   A P     1 
ATOM   100  O  OP1   . G   A 1 5  ? 14.899  2.143   -10.367 1.00 48.55  ? 5   G   A OP1   1 
ATOM   101  O  OP2   . G   A 1 5  ? 15.593  -0.141  -9.423  1.00 43.14  ? 5   G   A OP2   1 
ATOM   102  O  "O5'" . G   A 1 5  ? 14.877  0.130   -11.804 1.00 39.82  ? 5   G   A "O5'" 1 
ATOM   103  C  "C5'" . G   A 1 5  ? 14.850  0.781   -13.061 1.00 43.73  ? 5   G   A "C5'" 1 
ATOM   104  C  "C4'" . G   A 1 5  ? 14.248  -0.103  -14.121 1.00 41.29  ? 5   G   A "C4'" 1 
ATOM   105  O  "O4'" . G   A 1 5  ? 15.190  -1.143  -14.486 1.00 41.49  ? 5   G   A "O4'" 1 
ATOM   106  C  "C3'" . G   A 1 5  ? 13.000  -0.870  -13.726 1.00 41.96  ? 5   G   A "C3'" 1 
ATOM   107  O  "O3'" . G   A 1 5  ? 11.823  -0.082  -13.735 1.00 40.61  ? 5   G   A "O3'" 1 
ATOM   108  C  "C2'" . G   A 1 5  ? 12.998  -2.003  -14.743 1.00 39.43  ? 5   G   A "C2'" 1 
ATOM   109  O  "O2'" . G   A 1 5  ? 12.586  -1.534  -16.024 1.00 41.84  ? 5   G   A "O2'" 1 
ATOM   110  C  "C1'" . G   A 1 5  ? 14.489  -2.332  -14.802 1.00 40.10  ? 5   G   A "C1'" 1 
ATOM   111  N  N9    . G   A 1 5  ? 14.840  -3.350  -13.790 1.00 40.01  ? 5   G   A N9    1 
ATOM   112  C  C8    . G   A 1 5  ? 15.286  -3.132  -12.502 1.00 39.47  ? 5   G   A C8    1 
ATOM   113  N  N7    . G   A 1 5  ? 15.495  -4.229  -11.830 1.00 38.67  ? 5   G   A N7    1 
ATOM   114  C  C5    . G   A 1 5  ? 15.152  -5.237  -12.724 1.00 38.29  ? 5   G   A C5    1 
ATOM   115  C  C6    . G   A 1 5  ? 15.164  -6.648  -12.580 1.00 38.47  ? 5   G   A C6    1 
ATOM   116  O  O6    . G   A 1 5  ? 15.498  -7.312  -11.595 1.00 38.14  ? 5   G   A O6    1 
ATOM   117  N  N1    . G   A 1 5  ? 14.738  -7.290  -13.738 1.00 36.76  ? 5   G   A N1    1 
ATOM   118  C  C2    . G   A 1 5  ? 14.343  -6.660  -14.886 1.00 39.19  ? 5   G   A C2    1 
ATOM   119  N  N2    . G   A 1 5  ? 13.956  -7.437  -15.911 1.00 39.86  ? 5   G   A N2    1 
ATOM   120  N  N3    . G   A 1 5  ? 14.330  -5.351  -15.030 1.00 40.15  ? 5   G   A N3    1 
ATOM   121  C  C4    . G   A 1 5  ? 14.745  -4.712  -13.926 1.00 38.61  ? 5   G   A C4    1 
ATOM   122  P  P     . U   A 1 6  ? 10.617  -0.409  -12.733 1.00 42.57  ? 6   U   A P     1 
ATOM   123  O  OP1   . U   A 1 6  ? 9.543   0.584   -12.983 1.00 44.52  ? 6   U   A OP1   1 
ATOM   124  O  OP2   . U   A 1 6  ? 11.071  -0.688  -11.349 1.00 39.45  ? 6   U   A OP2   1 
ATOM   125  O  "O5'" . U   A 1 6  ? 10.095  -1.825  -13.228 1.00 40.04  ? 6   U   A "O5'" 1 
ATOM   126  C  "C5'" . U   A 1 6  ? 9.523   -1.985  -14.512 1.00 40.38  ? 6   U   A "C5'" 1 
ATOM   127  C  "C4'" . U   A 1 6  ? 9.324   -3.444  -14.832 1.00 36.81  ? 6   U   A "C4'" 1 
ATOM   128  O  "O4'" . U   A 1 6  ? 10.597  -4.146  -14.784 1.00 39.21  ? 6   U   A "O4'" 1 
ATOM   129  C  "C3'" . U   A 1 6  ? 8.452   -4.225  -13.873 1.00 35.06  ? 6   U   A "C3'" 1 
ATOM   130  O  "O3'" . U   A 1 6  ? 7.070   -3.971  -14.065 1.00 34.37  ? 6   U   A "O3'" 1 
ATOM   131  C  "C2'" . U   A 1 6  ? 8.888   -5.658  -14.154 1.00 35.51  ? 6   U   A "C2'" 1 
ATOM   132  O  "O2'" . U   A 1 6  ? 8.367   -6.096  -15.399 1.00 35.09  ? 6   U   A "O2'" 1 
ATOM   133  C  "C1'" . U   A 1 6  ? 10.396  -5.464  -14.325 1.00 35.78  ? 6   U   A "C1'" 1 
ATOM   134  N  N1    . U   A 1 6  ? 11.120  -5.624  -13.045 1.00 37.77  ? 6   U   A N1    1 
ATOM   135  C  C2    . U   A 1 6  ? 11.394  -6.909  -12.660 1.00 39.13  ? 6   U   A C2    1 
ATOM   136  O  O2    . U   A 1 6  ? 11.053  -7.856  -13.356 1.00 35.91  ? 6   U   A O2    1 
ATOM   137  N  N3    . U   A 1 6  ? 12.071  -7.019  -11.464 1.00 36.01  ? 6   U   A N3    1 
ATOM   138  C  C4    . U   A 1 6  ? 12.486  -5.990  -10.633 1.00 38.85  ? 6   U   A C4    1 
ATOM   139  O  O4    . U   A 1 6  ? 13.085  -6.240  -9.588  1.00 35.14  ? 6   U   A O4    1 
ATOM   140  C  C5    . U   A 1 6  ? 12.158  -4.684  -11.110 1.00 37.96  ? 6   U   A C5    1 
ATOM   141  C  C6    . U   A 1 6  ? 11.509  -4.550  -12.271 1.00 38.16  ? 6   U   A C6    1 
ATOM   142  P  P     . G   A 1 7  ? 6.063   -3.867  -12.827 1.00 38.54  ? 7   G   A P     1 
ATOM   143  O  OP1   . G   A 1 7  ? 4.713   -3.655  -13.384 1.00 37.12  ? 7   G   A OP1   1 
ATOM   144  O  OP2   . G   A 1 7  ? 6.606   -2.958  -11.784 1.00 41.68  ? 7   G   A OP2   1 
ATOM   145  O  "O5'" . G   A 1 7  ? 6.088   -5.299  -12.164 1.00 32.53  ? 7   G   A "O5'" 1 
ATOM   146  C  "C5'" . G   A 1 7  ? 5.698   -6.434  -12.918 1.00 34.63  ? 7   G   A "C5'" 1 
ATOM   147  C  "C4'" . G   A 1 7  ? 6.148   -7.708  -12.263 1.00 34.76  ? 7   G   A "C4'" 1 
ATOM   148  O  "O4'" . G   A 1 7  ? 7.588   -7.715  -12.112 1.00 35.70  ? 7   G   A "O4'" 1 
ATOM   149  C  "C3'" . G   A 1 7  ? 5.609   -7.963  -10.866 1.00 34.75  ? 7   G   A "C3'" 1 
ATOM   150  O  "O3'" . G   A 1 7  ? 4.304   -8.519  -10.949 1.00 39.17  ? 7   G   A "O3'" 1 
ATOM   151  C  "C2'" . G   A 1 7  ? 6.662   -8.880  -10.255 1.00 37.43  ? 7   G   A "C2'" 1 
ATOM   152  O  "O2'" . G   A 1 7  ? 6.460   -10.228 -10.651 1.00 36.89  ? 7   G   A "O2'" 1 
ATOM   153  C  "C1'" . G   A 1 7  ? 7.947   -8.368  -10.917 1.00 36.51  ? 7   G   A "C1'" 1 
ATOM   154  N  N9    . G   A 1 7  ? 8.678   -7.404  -10.073 1.00 38.67  ? 7   G   A N9    1 
ATOM   155  C  C8    . G   A 1 7  ? 8.575   -6.033  -10.138 1.00 39.73  ? 7   G   A C8    1 
ATOM   156  N  N7    . G   A 1 7  ? 9.344   -5.422  -9.276  1.00 36.51  ? 7   G   A N7    1 
ATOM   157  C  C5    . G   A 1 7  ? 9.992   -6.440  -8.603  1.00 40.85  ? 7   G   A C5    1 
ATOM   158  C  C6    . G   A 1 7  ? 10.944  -6.364  -7.559  1.00 40.31  ? 7   G   A C6    1 
ATOM   159  O  O6    . G   A 1 7  ? 11.413  -5.357  -7.003  1.00 44.71  ? 7   G   A O6    1 
ATOM   160  N  N1    . G   A 1 7  ? 11.346  -7.629  -7.174  1.00 39.79  ? 7   G   A N1    1 
ATOM   161  C  C2    . G   A 1 7  ? 10.908  -8.806  -7.714  1.00 40.13  ? 7   G   A C2    1 
ATOM   162  N  N2    . G   A 1 7  ? 11.445  -9.906  -7.173  1.00 43.21  ? 7   G   A N2    1 
ATOM   163  N  N3    . G   A 1 7  ? 10.014  -8.900  -8.692  1.00 39.38  ? 7   G   A N3    1 
ATOM   164  C  C4    . G   A 1 7  ? 9.601   -7.676  -9.082  1.00 38.22  ? 7   G   A C4    1 
ATOM   165  P  P     . U   A 1 8  ? 3.456   -9.066  -9.705  1.00 39.24  ? 8   U   A P     1 
ATOM   166  O  OP1   . U   A 1 8  ? 2.047   -8.798  -10.060 1.00 37.70  ? 8   U   A OP1   1 
ATOM   167  O  OP2   . U   A 1 8  ? 3.970   -8.656  -8.379  1.00 38.82  ? 8   U   A OP2   1 
ATOM   168  O  "O5'" . U   A 1 8  ? 3.545   -10.642 -9.861  1.00 40.66  ? 8   U   A "O5'" 1 
ATOM   169  C  "C5'" . U   A 1 8  ? 3.363   -11.238 -11.140 1.00 39.43  ? 8   U   A "C5'" 1 
ATOM   170  C  "C4'" . U   A 1 8  ? 3.539   -12.731 -11.089 1.00 41.43  ? 8   U   A "C4'" 1 
ATOM   171  O  "O4'" . U   A 1 8  ? 4.929   -13.087 -10.910 1.00 39.92  ? 8   U   A "O4'" 1 
ATOM   172  C  "C3'" . U   A 1 8  ? 2.841   -13.442 -9.951  1.00 44.06  ? 8   U   A "C3'" 1 
ATOM   173  O  "O3'" . U   A 1 8  ? 1.460   -13.587 -10.188 1.00 42.26  ? 8   U   A "O3'" 1 
ATOM   174  C  "C2'" . U   A 1 8  ? 3.586   -14.764 -9.887  1.00 43.16  ? 8   U   A "C2'" 1 
ATOM   175  O  "O2'" . U   A 1 8  ? 3.135   -15.647 -10.904 1.00 45.52  ? 8   U   A "O2'" 1 
ATOM   176  C  "C1'" . U   A 1 8  ? 5.009   -14.330 -10.245 1.00 42.93  ? 8   U   A "C1'" 1 
ATOM   177  N  N1    . U   A 1 8  ? 5.890   -14.216 -9.063  1.00 44.53  ? 8   U   A N1    1 
ATOM   178  C  C2    . U   A 1 8  ? 6.252   -15.415 -8.465  1.00 46.98  ? 8   U   A C2    1 
ATOM   179  O  O2    . U   A 1 8  ? 5.861   -16.506 -8.862  1.00 45.56  ? 8   U   A O2    1 
ATOM   180  N  N3    . U   A 1 8  ? 7.080   -15.295 -7.381  1.00 46.10  ? 8   U   A N3    1 
ATOM   181  C  C4    . U   A 1 8  ? 7.575   -14.131 -6.858  1.00 44.88  ? 8   U   A C4    1 
ATOM   182  O  O4    . U   A 1 8  ? 8.314   -14.193 -5.877  1.00 46.07  ? 8   U   A O4    1 
ATOM   183  C  C5    . U   A 1 8  ? 7.158   -12.938 -7.538  1.00 44.37  ? 8   U   A C5    1 
ATOM   184  C  C6    . U   A 1 8  ? 6.351   -13.010 -8.603  1.00 43.53  ? 8   U   A C6    1 
ATOM   185  P  P     . A   A 1 9  ? 0.425   -13.388 -8.994  1.00 44.65  ? 9   A   A P     1 
ATOM   186  O  OP1   . A   A 1 9  ? -0.925  -13.608 -9.585  1.00 49.71  ? 9   A   A OP1   1 
ATOM   187  O  OP2   . A   A 1 9  ? 0.755   -12.127 -8.271  1.00 49.61  ? 9   A   A OP2   1 
ATOM   188  O  "O5'" . A   A 1 9  ? 0.704   -14.632 -8.044  1.00 50.39  ? 9   A   A "O5'" 1 
ATOM   189  C  "C5'" . A   A 1 9  ? 0.438   -15.948 -8.499  1.00 50.38  ? 9   A   A "C5'" 1 
ATOM   190  C  "C4'" . A   A 1 9  ? 1.064   -16.971 -7.595  1.00 48.49  ? 9   A   A "C4'" 1 
ATOM   191  O  "O4'" . A   A 1 9  ? 2.503   -16.824 -7.615  1.00 49.55  ? 9   A   A "O4'" 1 
ATOM   192  C  "C3'" . A   A 1 9  ? 0.711   -16.855 -6.127  1.00 51.21  ? 9   A   A "C3'" 1 
ATOM   193  O  "O3'" . A   A 1 9  ? -0.549  -17.418 -5.820  1.00 56.34  ? 9   A   A "O3'" 1 
ATOM   194  C  "C2'" . A   A 1 9  ? 1.876   -17.560 -5.454  1.00 52.34  ? 9   A   A "C2'" 1 
ATOM   195  O  "O2'" . A   A 1 9  ? 1.727   -18.965 -5.541  1.00 54.11  ? 9   A   A "O2'" 1 
ATOM   196  C  "C1'" . A   A 1 9  ? 3.034   -17.145 -6.352  1.00 46.71  ? 9   A   A "C1'" 1 
ATOM   197  N  N9    . A   A 1 9  ? 3.722   -15.962 -5.820  1.00 48.31  ? 9   A   A N9    1 
ATOM   198  C  C8    . A   A 1 9  ? 3.661   -14.664 -6.246  1.00 44.28  ? 9   A   A C8    1 
ATOM   199  N  N7    . A   A 1 9  ? 4.407   -13.855 -5.535  1.00 45.77  ? 9   A   A N7    1 
ATOM   200  C  C5    . A   A 1 9  ? 4.998   -14.678 -4.584  1.00 45.41  ? 9   A   A C5    1 
ATOM   201  C  C6    . A   A 1 9  ? 5.897   -14.427 -3.535  1.00 45.35  ? 9   A   A C6    1 
ATOM   202  N  N6    . A   A 1 9  ? 6.387   -13.214 -3.252  1.00 42.85  ? 9   A   A N6    1 
ATOM   203  N  N1    . A   A 1 9  ? 6.281   -15.483 -2.776  1.00 47.11  ? 9   A   A N1    1 
ATOM   204  C  C2    . A   A 1 9  ? 5.781   -16.692 -3.060  1.00 47.18  ? 9   A   A C2    1 
ATOM   205  N  N3    . A   A 1 9  ? 4.931   -17.054 -4.020  1.00 47.55  ? 9   A   A N3    1 
ATOM   206  C  C4    . A   A 1 9  ? 4.577   -15.982 -4.751  1.00 49.60  ? 9   A   A C4    1 
ATOM   207  P  P     . C   A 1 10 ? -1.633  -16.552 -5.013  1.00 59.26  ? 10  C   A P     1 
ATOM   208  O  OP1   . C   A 1 10 ? -2.766  -17.462 -4.700  1.00 66.02  ? 10  C   A OP1   1 
ATOM   209  O  OP2   . C   A 1 10 ? -1.916  -15.311 -5.778  1.00 55.01  ? 10  C   A OP2   1 
ATOM   210  O  "O5'" . C   A 1 10 ? -0.886  -16.182 -3.650  1.00 56.25  ? 10  C   A "O5'" 1 
ATOM   211  C  "C5'" . C   A 1 10 ? -0.544  -17.204 -2.730  1.00 56.16  ? 10  C   A "C5'" 1 
ATOM   212  C  "C4'" . C   A 1 10 ? 0.561   -16.789 -1.795  1.00 54.31  ? 10  C   A "C4'" 1 
ATOM   213  O  "O4'" . C   A 1 10 ? 1.684   -16.250 -2.536  1.00 53.97  ? 10  C   A "O4'" 1 
ATOM   214  C  "C3'" . C   A 1 10 ? 0.238   -15.692 -0.803  1.00 56.53  ? 10  C   A "C3'" 1 
ATOM   215  O  "O3'" . C   A 1 10 ? -0.554  -16.133 0.283   1.00 61.85  ? 10  C   A "O3'" 1 
ATOM   216  C  "C2'" . C   A 1 10 ? 1.625   -15.210 -0.400  1.00 55.99  ? 10  C   A "C2'" 1 
ATOM   217  O  "O2'" . C   A 1 10 ? 2.227   -16.108 0.516   1.00 56.77  ? 10  C   A "O2'" 1 
ATOM   218  C  "C1'" . C   A 1 10 ? 2.370   -15.310 -1.733  1.00 52.92  ? 10  C   A "C1'" 1 
ATOM   219  N  N1    . C   A 1 10 ? 2.404   -14.007 -2.429  1.00 50.57  ? 10  C   A N1    1 
ATOM   220  C  C2    . C   A 1 10 ? 3.329   -13.055 -1.992  1.00 46.39  ? 10  C   A C2    1 
ATOM   221  O  O2    . C   A 1 10 ? 4.086   -13.338 -1.052  1.00 46.67  ? 10  C   A O2    1 
ATOM   222  N  N3    . C   A 1 10 ? 3.384   -11.856 -2.598  1.00 43.55  ? 10  C   A N3    1 
ATOM   223  C  C4    . C   A 1 10 ? 2.558   -11.591 -3.598  1.00 45.00  ? 10  C   A C4    1 
ATOM   224  N  N4    . C   A 1 10 ? 2.639   -10.392 -4.175  1.00 42.12  ? 10  C   A N4    1 
ATOM   225  C  C5    . C   A 1 10 ? 1.600   -12.539 -4.057  1.00 47.23  ? 10  C   A C5    1 
ATOM   226  C  C6    . C   A 1 10 ? 1.552   -13.728 -3.452  1.00 50.62  ? 10  C   A C6    1 
ATOM   227  P  P     . C   A 1 11 ? -1.574  -15.109 0.981   1.00 62.13  ? 11  C   A P     1 
ATOM   228  O  OP1   . C   A 1 11 ? -1.916  -15.684 2.306   1.00 65.04  ? 11  C   A OP1   1 
ATOM   229  O  OP2   . C   A 1 11 ? -2.652  -14.735 0.037   1.00 65.32  ? 11  C   A OP2   1 
ATOM   230  O  "O5'" . C   A 1 11 ? -0.681  -13.819 1.230   1.00 56.33  ? 11  C   A "O5'" 1 
ATOM   231  C  "C5'" . C   A 1 11 ? -0.539  -13.333 2.542   1.00 53.37  ? 11  C   A "C5'" 1 
ATOM   232  C  "C4'" . C   A 1 11 ? 0.861   -12.880 2.858   1.00 52.26  ? 11  C   A "C4'" 1 
ATOM   233  O  "O4'" . C   A 1 11 ? 1.675   -12.744 1.665   1.00 52.73  ? 11  C   A "O4'" 1 
ATOM   234  C  "C3'" . C   A 1 11 ? 0.914   -11.510 3.484   1.00 49.58  ? 11  C   A "C3'" 1 
ATOM   235  O  "O3'" . C   A 1 11 ? 0.532   -11.529 4.834   1.00 48.66  ? 11  C   A "O3'" 1 
ATOM   236  C  "C2'" . C   A 1 11 ? 2.340   -11.071 3.220   1.00 46.55  ? 11  C   A "C2'" 1 
ATOM   237  O  "O2'" . C   A 1 11 ? 3.238   -11.705 4.120   1.00 49.44  ? 11  C   A "O2'" 1 
ATOM   238  C  "C1'" . C   A 1 11 ? 2.554   -11.638 1.817   1.00 48.34  ? 11  C   A "C1'" 1 
ATOM   239  N  N1    . C   A 1 11 ? 2.227   -10.641 0.769   1.00 46.26  ? 11  C   A N1    1 
ATOM   240  C  C2    . C   A 1 11 ? 2.994   -9.477  0.601   1.00 43.37  ? 11  C   A C2    1 
ATOM   241  O  O2    . C   A 1 11 ? 3.964   -9.265  1.334   1.00 44.87  ? 11  C   A O2    1 
ATOM   242  N  N3    . C   A 1 11 ? 2.665   -8.592  -0.368  1.00 43.26  ? 11  C   A N3    1 
ATOM   243  C  C4    . C   A 1 11 ? 1.624   -8.834  -1.160  1.00 43.41  ? 11  C   A C4    1 
ATOM   244  N  N4    . C   A 1 11 ? 1.330   -7.942  -2.111  1.00 37.55  ? 11  C   A N4    1 
ATOM   245  C  C5    . C   A 1 11 ? 0.825   -10.002 -1.013  1.00 44.70  ? 11  C   A C5    1 
ATOM   246  C  C6    . C   A 1 11 ? 1.165   -10.868 -0.050  1.00 46.88  ? 11  C   A C6    1 
ATOM   247  P  P     . G   A 1 12 ? -0.603  -10.513 5.288   1.00 52.21  ? 12  G   A P     1 
ATOM   248  O  OP1   . G   A 1 12 ? -1.158  -11.008 6.582   1.00 53.28  ? 12  G   A OP1   1 
ATOM   249  O  OP2   . G   A 1 12 ? -1.513  -10.290 4.131   1.00 45.00  ? 12  G   A OP2   1 
ATOM   250  O  "O5'" . G   A 1 12 ? 0.232   -9.186  5.543   1.00 45.68  ? 12  G   A "O5'" 1 
ATOM   251  C  "C5'" . G   A 1 12 ? 1.452   -9.260  6.255   1.00 41.41  ? 12  G   A "C5'" 1 
ATOM   252  C  "C4'" . G   A 1 12 ? 2.268   -8.006  6.096   1.00 41.12  ? 12  G   A "C4'" 1 
ATOM   253  O  "O4'" . G   A 1 12 ? 2.856   -7.957  4.774   1.00 41.06  ? 12  G   A "O4'" 1 
ATOM   254  C  "C3'" . G   A 1 12 ? 1.527   -6.680  6.211   1.00 43.85  ? 12  G   A "C3'" 1 
ATOM   255  O  "O3'" . G   A 1 12 ? 1.296   -6.292  7.552   1.00 43.21  ? 12  G   A "O3'" 1 
ATOM   256  C  "C2'" . G   A 1 12 ? 2.464   -5.730  5.493   1.00 40.57  ? 12  G   A "C2'" 1 
ATOM   257  O  "O2'" . G   A 1 12 ? 3.573   -5.458  6.329   1.00 39.19  ? 12  G   A "O2'" 1 
ATOM   258  C  "C1'" . G   A 1 12 ? 2.955   -6.606  4.349   1.00 38.36  ? 12  G   A "C1'" 1 
ATOM   259  N  N9    . G   A 1 12 ? 2.156   -6.418  3.121   1.00 38.19  ? 12  G   A N9    1 
ATOM   260  C  C8    . G   A 1 12 ? 1.263   -7.316  2.584   1.00 41.41  ? 12  G   A C8    1 
ATOM   261  N  N7    . G   A 1 12 ? 0.707   -6.885  1.488   1.00 40.40  ? 12  G   A N7    1 
ATOM   262  C  C5    . G   A 1 12 ? 1.263   -5.619  1.268   1.00 37.73  ? 12  G   A C5    1 
ATOM   263  C  C6    . G   A 1 12 ? 1.053   -4.672  0.217   1.00 36.85  ? 12  G   A C6    1 
ATOM   264  O  O6    . G   A 1 12 ? 0.301   -4.737  -0.772  1.00 37.09  ? 12  G   A O6    1 
ATOM   265  N  N1    . G   A 1 12 ? 1.820   -3.532  0.393   1.00 36.33  ? 12  G   A N1    1 
ATOM   266  C  C2    . G   A 1 12 ? 2.685   -3.322  1.438   1.00 35.63  ? 12  G   A C2    1 
ATOM   267  N  N2    . G   A 1 12 ? 3.345   -2.158  1.423   1.00 36.53  ? 12  G   A N2    1 
ATOM   268  N  N3    . G   A 1 12 ? 2.897   -4.196  2.410   1.00 38.65  ? 12  G   A N3    1 
ATOM   269  C  C4    . G   A 1 12 ? 2.160   -5.321  2.271   1.00 36.15  ? 12  G   A C4    1 
ATOM   270  P  P     . U   A 1 13 ? -0.038  -5.490  7.944   1.00 40.78  ? 13  U   A P     1 
ATOM   271  O  OP1   . U   A 1 13 ? -0.054  -5.464  9.431   1.00 51.08  ? 13  U   A OP1   1 
ATOM   272  O  OP2   . U   A 1 13 ? -1.202  -6.004  7.160   1.00 44.00  ? 13  U   A OP2   1 
ATOM   273  O  "O5'" . U   A 1 13 ? 0.226   -4.008  7.449   1.00 38.30  ? 13  U   A "O5'" 1 
ATOM   274  C  "C5'" . U   A 1 13 ? 1.439   -3.349  7.741   1.00 41.03  ? 13  U   A "C5'" 1 
ATOM   275  C  "C4'" . U   A 1 13 ? 1.552   -2.073  6.954   1.00 42.33  ? 13  U   A "C4'" 1 
ATOM   276  O  "O4'" . U   A 1 13 ? 1.887   -2.351  5.567   1.00 38.86  ? 13  U   A "O4'" 1 
ATOM   277  C  "C3'" . U   A 1 13 ? 0.285   -1.257  6.846   1.00 40.83  ? 13  U   A "C3'" 1 
ATOM   278  O  "O3'" . U   A 1 13 ? -0.023  -0.559  8.030   1.00 43.10  ? 13  U   A "O3'" 1 
ATOM   279  C  "C2'" . U   A 1 13 ? 0.583   -0.371  5.646   1.00 39.06  ? 13  U   A "C2'" 1 
ATOM   280  O  "O2'" . U   A 1 13 ? 1.470   0.675   6.005   1.00 39.78  ? 13  U   A "O2'" 1 
ATOM   281  C  "C1'" . U   A 1 13 ? 1.328   -1.351  4.737   1.00 38.31  ? 13  U   A "C1'" 1 
ATOM   282  N  N1    . U   A 1 13 ? 0.406   -1.995  3.774   1.00 38.09  ? 13  U   A N1    1 
ATOM   283  C  C2    . U   A 1 13 ? 0.058   -1.271  2.654   1.00 37.76  ? 13  U   A C2    1 
ATOM   284  O  O2    . U   A 1 13 ? 0.481   -0.151  2.447   1.00 36.75  ? 13  U   A O2    1 
ATOM   285  N  N3    . U   A 1 13 ? -0.806  -1.902  1.793   1.00 37.99  ? 13  U   A N3    1 
ATOM   286  C  C4    . U   A 1 13 ? -1.348  -3.161  1.937   1.00 38.29  ? 13  U   A C4    1 
ATOM   287  O  O4    . U   A 1 13 ? -2.117  -3.594  1.071   1.00 39.00  ? 13  U   A O4    1 
ATOM   288  C  C5    . U   A 1 13 ? -0.937  -3.861  3.116   1.00 34.45  ? 13  U   A C5    1 
ATOM   289  C  C6    . U   A 1 13 ? -0.094  -3.271  3.977   1.00 40.35  ? 13  U   A C6    1 
ATOM   290  P  P     . U   A 1 14 ? -1.469  0.108   8.215   1.00 46.25  ? 14  U   A P     1 
ATOM   291  O  OP1   . U   A 1 14 ? -1.905  -0.085  9.616   1.00 44.93  ? 14  U   A OP1   1 
ATOM   292  O  OP2   . U   A 1 14 ? -2.363  -0.244  7.083   1.00 41.90  ? 14  U   A OP2   1 
ATOM   293  O  "O5'" . U   A 1 14 ? -1.177  1.646   8.026   1.00 41.70  ? 14  U   A "O5'" 1 
ATOM   294  C  "C5'" . U   A 1 14 ? -0.238  2.305   8.862   1.00 46.60  ? 14  U   A "C5'" 1 
ATOM   295  C  "C4'" . U   A 1 14 ? -0.296  3.786   8.636   1.00 46.00  ? 14  U   A "C4'" 1 
ATOM   296  O  "O4'" . U   A 1 14 ? 0.262   4.075   7.331   1.00 43.03  ? 14  U   A "O4'" 1 
ATOM   297  C  "C3'" . U   A 1 14 ? -1.707  4.356   8.631   1.00 48.25  ? 14  U   A "C3'" 1 
ATOM   298  O  "O3'" . U   A 1 14 ? -1.691  5.685   9.129   1.00 52.87  ? 14  U   A "O3'" 1 
ATOM   299  C  "C2'" . U   A 1 14 ? -2.056  4.383   7.152   1.00 46.88  ? 14  U   A "C2'" 1 
ATOM   300  O  "O2'" . U   A 1 14 ? -3.047  5.326   6.801   1.00 40.00  ? 14  U   A "O2'" 1 
ATOM   301  C  "C1'" . U   A 1 14 ? -0.707  4.704   6.523   1.00 43.53  ? 14  U   A "C1'" 1 
ATOM   302  N  N1    . U   A 1 14 ? -0.584  4.169   5.165   1.00 40.39  ? 14  U   A N1    1 
ATOM   303  C  C2    . U   A 1 14 ? -0.068  5.018   4.215   1.00 40.66  ? 14  U   A C2    1 
ATOM   304  O  O2    . U   A 1 14 ? 0.311   6.142   4.460   1.00 38.28  ? 14  U   A O2    1 
ATOM   305  N  N3    . U   A 1 14 ? 0.007   4.501   2.966   1.00 36.49  ? 14  U   A N3    1 
ATOM   306  C  C4    . U   A 1 14 ? -0.386  3.245   2.581   1.00 39.52  ? 14  U   A C4    1 
ATOM   307  O  O4    . U   A 1 14 ? -0.243  2.955   1.408   1.00 39.13  ? 14  U   A O4    1 
ATOM   308  C  C5    . U   A 1 14 ? -0.928  2.419   3.620   1.00 40.89  ? 14  U   A C5    1 
ATOM   309  C  C6    . U   A 1 14 ? -1.022  2.900   4.861   1.00 40.64  ? 14  U   A C6    1 
ATOM   310  P  P     . C   A 1 15 ? -2.853  6.171   10.121  1.00 50.09  ? 15  C   A P     1 
ATOM   311  O  OP1   . C   A 1 15 ? -3.742  5.045   10.510  1.00 48.81  ? 15  C   A OP1   1 
ATOM   312  O  OP2   . C   A 1 15 ? -3.425  7.396   9.508   1.00 49.90  ? 15  C   A OP2   1 
ATOM   313  O  "O5'" . C   A 1 15 ? -2.051  6.682   11.380  1.00 55.10  ? 15  C   A "O5'" 1 
ATOM   314  C  "C5'" . C   A 1 15 ? -1.406  7.938   11.318  1.00 65.22  ? 15  C   A "C5'" 1 
ATOM   315  C  "C4'" . C   A 1 15 ? -0.292  7.992   12.312  1.00 72.05  ? 15  C   A "C4'" 1 
ATOM   316  O  "O4'" . C   A 1 15 ? -0.548  7.013   13.351  1.00 75.80  ? 15  C   A "O4'" 1 
ATOM   317  C  "C3'" . C   A 1 15 ? 1.073   7.606   11.785  1.00 73.92  ? 15  C   A "C3'" 1 
ATOM   318  O  "O3'" . C   A 1 15 ? 1.714   8.647   11.079  1.00 70.95  ? 15  C   A "O3'" 1 
ATOM   319  C  "C2'" . C   A 1 15 ? 1.800   7.173   13.053  1.00 79.58  ? 15  C   A "C2'" 1 
ATOM   320  O  "O2'" . C   A 1 15 ? 2.204   8.310   13.814  1.00 77.25  ? 15  C   A "O2'" 1 
ATOM   321  C  "C1'" . C   A 1 15 ? 0.671   6.466   13.808  1.00 79.86  ? 15  C   A "C1'" 1 
ATOM   322  N  N1    . C   A 1 15 ? 0.650   5.002   13.569  1.00 80.61  ? 15  C   A N1    1 
ATOM   323  C  C2    . C   A 1 15 ? 0.392   4.169   14.670  1.00 80.71  ? 15  C   A C2    1 
ATOM   324  O  O2    . C   A 1 15 ? 0.176   4.677   15.780  1.00 83.75  ? 15  C   A O2    1 
ATOM   325  N  N3    . C   A 1 15 ? 0.361   2.829   14.497  1.00 83.18  ? 15  C   A N3    1 
ATOM   326  C  C4    . C   A 1 15 ? 0.594   2.305   13.286  1.00 83.47  ? 15  C   A C4    1 
ATOM   327  N  N4    . C   A 1 15 ? 0.561   0.974   13.158  1.00 81.45  ? 15  C   A N4    1 
ATOM   328  C  C5    . C   A 1 15 ? 0.873   3.127   12.149  1.00 77.59  ? 15  C   A C5    1 
ATOM   329  C  C6    . C   A 1 15 ? 0.894   4.454   12.333  1.00 75.25  ? 15  C   A C6    1 
ATOM   330  P  P     . A   A 1 16 ? 3.006   8.302   10.204  1.00 75.04  ? 16  A   A P     1 
ATOM   331  O  OP1   . A   A 1 16 ? 4.155   8.012   11.104  1.00 76.55  ? 16  A   A OP1   1 
ATOM   332  O  OP2   . A   A 1 16 ? 3.133   9.392   9.200   1.00 69.24  ? 16  A   A OP2   1 
ATOM   333  O  "O5'" . A   A 1 16 ? 2.624   6.919   9.511   1.00 64.99  ? 16  A   A "O5'" 1 
ATOM   334  C  "C5'" . A   A 1 16 ? 2.200   6.884   8.163   1.00 49.95  ? 16  A   A "C5'" 1 
ATOM   335  C  "C4'" . A   A 1 16 ? 3.357   7.104   7.221   1.00 47.51  ? 16  A   A "C4'" 1 
ATOM   336  O  "O4'" . A   A 1 16 ? 3.932   5.833   6.852   1.00 43.84  ? 16  A   A "O4'" 1 
ATOM   337  C  "C3'" . A   A 1 16 ? 3.008   7.767   5.901   1.00 43.94  ? 16  A   A "C3'" 1 
ATOM   338  O  "O3'" . A   A 1 16 ? 3.018   9.181   6.011   1.00 45.47  ? 16  A   A "O3'" 1 
ATOM   339  C  "C2'" . A   A 1 16 ? 4.085   7.255   4.955   1.00 40.88  ? 16  A   A "C2'" 1 
ATOM   340  O  "O2'" . A   A 1 16 ? 5.247   8.063   5.037   1.00 42.82  ? 16  A   A "O2'" 1 
ATOM   341  C  "C1'" . A   A 1 16 ? 4.392   5.876   5.526   1.00 39.55  ? 16  A   A "C1'" 1 
ATOM   342  N  N9    . A   A 1 16 ? 3.759   4.779   4.779   1.00 40.09  ? 16  A   A N9    1 
ATOM   343  C  C8    . A   A 1 16 ? 2.883   3.850   5.283   1.00 37.81  ? 16  A   A C8    1 
ATOM   344  N  N7    . A   A 1 16 ? 2.510   2.967   4.399   1.00 39.57  ? 16  A   A N7    1 
ATOM   345  C  C5    . A   A 1 16 ? 3.201   3.314   3.245   1.00 36.98  ? 16  A   A C5    1 
ATOM   346  C  C6    . A   A 1 16 ? 3.238   2.749   1.946   1.00 37.48  ? 16  A   A C6    1 
ATOM   347  N  N6    . A   A 1 16 ? 2.535   1.662   1.586   1.00 37.11  ? 16  A   A N6    1 
ATOM   348  N  N1    . A   A 1 16 ? 4.023   3.352   1.024   1.00 36.33  ? 16  A   A N1    1 
ATOM   349  C  C2    . A   A 1 16 ? 4.723   4.435   1.394   1.00 34.53  ? 16  A   A C2    1 
ATOM   350  N  N3    . A   A 1 16 ? 4.778   5.050   2.573   1.00 37.49  ? 16  A   A N3    1 
ATOM   351  C  C4    . A   A 1 16 ? 3.986   4.431   3.469   1.00 37.75  ? 16  A   A C4    1 
ATOM   352  P  P     . A   A 1 17 ? 1.849   10.085  5.380   1.00 42.59  ? 17  A   A P     1 
ATOM   353  O  OP1   . A   A 1 17 ? 1.855   11.356  6.151   1.00 48.27  ? 17  A   A OP1   1 
ATOM   354  O  OP2   . A   A 1 17 ? 0.579   9.313   5.300   1.00 46.25  ? 17  A   A OP2   1 
ATOM   355  O  "O5'" . A   A 1 17 ? 2.408   10.535  3.968   1.00 43.80  ? 17  A   A "O5'" 1 
ATOM   356  C  "C5'" . A   A 1 17 ? 2.734   9.561   3.024   1.00 43.32  ? 17  A   A "C5'" 1 
ATOM   357  C  "C4'" . A   A 1 17 ? 3.593   10.040  1.898   1.00 42.32  ? 17  A   A "C4'" 1 
ATOM   358  O  "O4'" . A   A 1 17 ? 4.322   8.866   1.458   1.00 40.12  ? 17  A   A "O4'" 1 
ATOM   359  C  "C3'" . A   A 1 17 ? 2.782   10.495  0.685   1.00 40.88  ? 17  A   A "C3'" 1 
ATOM   360  O  "O3'" . A   A 1 17 ? 2.668   11.902  0.590   1.00 43.99  ? 17  A   A "O3'" 1 
ATOM   361  C  "C2'" . A   A 1 17 ? 3.485   9.851   -0.505  1.00 37.95  ? 17  A   A "C2'" 1 
ATOM   362  O  "O2'" . A   A 1 17 ? 4.585   10.637  -0.919  1.00 41.97  ? 17  A   A "O2'" 1 
ATOM   363  C  "C1'" . A   A 1 17 ? 4.024   8.576   0.120   1.00 42.73  ? 17  A   A "C1'" 1 
ATOM   364  N  N9    . A   A 1 17 ? 3.036   7.475   0.119   1.00 40.49  ? 17  A   A N9    1 
ATOM   365  C  C8    . A   A 1 17 ? 2.329   6.975   1.182   1.00 37.31  ? 17  A   A C8    1 
ATOM   366  N  N7    . A   A 1 17 ? 1.532   5.974   0.893   1.00 37.24  ? 17  A   A N7    1 
ATOM   367  C  C5    . A   A 1 17 ? 1.736   5.802   -0.462  1.00 35.34  ? 17  A   A C5    1 
ATOM   368  C  C6    . A   A 1 17 ? 1.183   4.887   -1.369  1.00 38.46  ? 17  A   A C6    1 
ATOM   369  N  N6    . A   A 1 17 ? 0.283   3.965   -0.991  1.00 32.97  ? 17  A   A N6    1 
ATOM   370  N  N1    . A   A 1 17 ? 1.588   4.978   -2.658  1.00 37.69  ? 17  A   A N1    1 
ATOM   371  C  C2    . A   A 1 17 ? 2.489   5.915   -2.990  1.00 37.44  ? 17  A   A C2    1 
ATOM   372  N  N3    . A   A 1 17 ? 3.084   6.826   -2.212  1.00 36.37  ? 17  A   A N3    1 
ATOM   373  C  C4    . A   A 1 17 ? 2.656   6.712   -0.954  1.00 36.98  ? 17  A   A C4    1 
ATOM   374  P  P     . C   A 1 18 ? 1.223   12.618  0.564   1.00 43.45  ? 18  C   A P     1 
ATOM   375  O  OP1   . C   A 1 18 ? 1.480   14.006  0.111   1.00 43.26  ? 18  C   A OP1   1 
ATOM   376  O  OP2   . C   A 1 18 ? 0.483   12.365  1.819   1.00 36.07  ? 18  C   A OP2   1 
ATOM   377  O  "O5'" . C   A 1 18 ? 0.418   11.881  -0.594  1.00 39.48  ? 18  C   A "O5'" 1 
ATOM   378  C  "C5'" . C   A 1 18 ? 0.868   11.900  -1.937  1.00 40.19  ? 18  C   A "C5'" 1 
ATOM   379  C  "C4'" . C   A 1 18 ? 0.254   10.770  -2.705  1.00 38.06  ? 18  C   A "C4'" 1 
ATOM   380  O  "O4'" . C   A 1 18 ? 0.512   9.524   -2.017  1.00 39.79  ? 18  C   A "O4'" 1 
ATOM   381  C  "C3'" . C   A 1 18 ? -1.258  10.799  -2.841  1.00 37.69  ? 18  C   A "C3'" 1 
ATOM   382  O  "O3'" . C   A 1 18 ? -1.685  11.679  -3.867  1.00 37.56  ? 18  C   A "O3'" 1 
ATOM   383  C  "C2'" . C   A 1 18 ? -1.595  9.331   -3.103  1.00 37.82  ? 18  C   A "C2'" 1 
ATOM   384  O  "O2'" . C   A 1 18 ? -1.352  8.990   -4.458  1.00 35.21  ? 18  C   A "O2'" 1 
ATOM   385  C  "C1'" . C   A 1 18 ? -0.546  8.619   -2.251  1.00 36.04  ? 18  C   A "C1'" 1 
ATOM   386  N  N1    . C   A 1 18 ? -1.068  8.141   -0.953  1.00 37.44  ? 18  C   A N1    1 
ATOM   387  C  C2    . C   A 1 18 ? -1.723  6.913   -0.932  1.00 36.76  ? 18  C   A C2    1 
ATOM   388  O  O2    . C   A 1 18 ? -1.862  6.296   -2.007  1.00 34.12  ? 18  C   A O2    1 
ATOM   389  N  N3    . C   A 1 18 ? -2.178  6.426   0.243   1.00 32.81  ? 18  C   A N3    1 
ATOM   390  C  C4    . C   A 1 18 ? -2.029  7.119   1.368   1.00 36.85  ? 18  C   A C4    1 
ATOM   391  N  N4    . C   A 1 18 ? -2.507  6.596   2.504   1.00 34.05  ? 18  C   A N4    1 
ATOM   392  C  C5    . C   A 1 18 ? -1.351  8.381   1.379   1.00 33.45  ? 18  C   A C5    1 
ATOM   393  C  C6    . C   A 1 18 ? -0.883  8.842   0.210   1.00 36.30  ? 18  C   A C6    1 
ATOM   394  P  P     . U   A 1 19 ? -3.220  12.116  -4.016  1.00 38.59  ? 19  U   A P     1 
ATOM   395  O  OP1   . U   A 1 19 ? -4.075  10.911  -4.070  1.00 37.65  ? 19  U   A OP1   1 
ATOM   396  O  OP2   . U   A 1 19 ? -3.295  13.075  -5.138  1.00 40.32  ? 19  U   A OP2   1 
ATOM   397  O  "O5'" . U   A 1 19 ? -3.562  12.872  -2.659  1.00 36.70  ? 19  U   A "O5'" 1 
ATOM   398  C  "C5'" . U   A 1 19 ? -2.891  14.065  -2.285  1.00 37.95  ? 19  U   A "C5'" 1 
ATOM   399  C  "C4'" . U   A 1 19 ? -3.855  15.087  -1.723  1.00 37.43  ? 19  U   A "C4'" 1 
ATOM   400  O  "O4'" . U   A 1 19 ? -4.718  15.565  -2.787  1.00 37.73  ? 19  U   A "O4'" 1 
ATOM   401  C  "C3'" . U   A 1 19 ? -4.778  14.594  -0.610  1.00 39.32  ? 19  U   A "C3'" 1 
ATOM   402  O  "O3'" . U   A 1 19 ? -4.910  15.608  0.377   1.00 34.99  ? 19  U   A "O3'" 1 
ATOM   403  C  "C2'" . U   A 1 19 ? -6.113  14.385  -1.317  1.00 38.48  ? 19  U   A "C2'" 1 
ATOM   404  O  "O2'" . U   A 1 19 ? -7.237  14.547  -0.479  1.00 39.41  ? 19  U   A "O2'" 1 
ATOM   405  C  "C1'" . U   A 1 19 ? -6.070  15.461  -2.400  1.00 37.45  ? 19  U   A "C1'" 1 
ATOM   406  N  N1    . U   A 1 19 ? -6.823  15.149  -3.622  1.00 40.09  ? 19  U   A N1    1 
ATOM   407  C  C2    . U   A 1 19 ? -7.515  16.191  -4.208  1.00 40.94  ? 19  U   A C2    1 
ATOM   408  O  O2    . U   A 1 19 ? -7.546  17.309  -3.728  1.00 40.74  ? 19  U   A O2    1 
ATOM   409  N  N3    . U   A 1 19 ? -8.173  15.888  -5.368  1.00 40.47  ? 19  U   A N3    1 
ATOM   410  C  C4    . U   A 1 19 ? -8.198  14.666  -6.006  1.00 42.78  ? 19  U   A C4    1 
ATOM   411  O  O4    . U   A 1 19 ? -8.838  14.548  -7.049  1.00 45.34  ? 19  U   A O4    1 
ATOM   412  C  C5    . U   A 1 19 ? -7.453  13.642  -5.354  1.00 38.51  ? 19  U   A C5    1 
ATOM   413  C  C6    . U   A 1 19 ? -6.796  13.911  -4.219  1.00 40.69  ? 19  U   A C6    1 
ATOM   414  P  P     . C   A 1 20 ? -4.321  15.342  1.833   1.00 38.37  ? 20  C   A P     1 
ATOM   415  O  OP1   . C   A 1 20 ? -4.634  16.521  2.690   1.00 37.05  ? 20  C   A OP1   1 
ATOM   416  O  OP2   . C   A 1 20 ? -2.937  14.852  1.705   1.00 37.46  ? 20  C   A OP2   1 
ATOM   417  O  "O5'" . C   A 1 20 ? -5.155  14.096  2.352   1.00 38.71  ? 20  C   A "O5'" 1 
ATOM   418  C  "C5'" . C   A 1 20 ? -6.493  14.238  2.781   1.00 37.58  ? 20  C   A "C5'" 1 
ATOM   419  C  "C4'" . C   A 1 20 ? -6.767  13.335  3.953   1.00 34.03  ? 20  C   A "C4'" 1 
ATOM   420  O  "O4'" . C   A 1 20 ? -8.115  13.552  4.427   1.00 40.09  ? 20  C   A "O4'" 1 
ATOM   421  C  "C3'" . C   A 1 20 ? -6.693  11.846  3.670   1.00 34.44  ? 20  C   A "C3'" 1 
ATOM   422  O  "O3'" . C   A 1 20 ? -5.357  11.378  3.763   1.00 34.22  ? 20  C   A "O3'" 1 
ATOM   423  C  "C2'" . C   A 1 20 ? -7.616  11.246  4.728   1.00 37.70  ? 20  C   A "C2'" 1 
ATOM   424  O  "O2'" . C   A 1 20 ? -6.916  11.063  5.950   1.00 35.73  ? 20  C   A "O2'" 1 
ATOM   425  C  "C1'" . C   A 1 20 ? -8.654  12.349  4.919   1.00 37.54  ? 20  C   A "C1'" 1 
ATOM   426  N  N1    . C   A 1 20 ? -9.927  12.098  4.209   1.00 39.89  ? 20  C   A N1    1 
ATOM   427  C  C2    . C   A 1 20 ? -10.928 11.405  4.882   1.00 39.81  ? 20  C   A C2    1 
ATOM   428  O  O2    . C   A 1 20 ? -10.692 10.998  6.025   1.00 40.08  ? 20  C   A O2    1 
ATOM   429  N  N3    . C   A 1 20 ? -12.116 11.193  4.270   1.00 38.93  ? 20  C   A N3    1 
ATOM   430  C  C4    . C   A 1 20 ? -12.315 11.643  3.034   1.00 41.27  ? 20  C   A C4    1 
ATOM   431  N  N4    . C   A 1 20 ? -13.509 11.405  2.481   1.00 42.65  ? 20  C   A N4    1 
ATOM   432  C  C5    . C   A 1 20 ? -11.309 12.362  2.319   1.00 39.66  ? 20  C   A C5    1 
ATOM   433  C  C6    . C   A 1 20 ? -10.138 12.575  2.940   1.00 38.70  ? 20  C   A C6    1 
ATOM   434  P  P     . G   A 1 21 ? -4.914  9.911   3.275   1.00 38.13  ? 21  G   A P     1 
ATOM   435  O  OP1   . G   A 1 21 ? -5.695  8.858   3.979   1.00 40.66  ? 21  G   A OP1   1 
ATOM   436  O  OP2   . G   A 1 21 ? -3.433  9.933   3.378   1.00 38.48  ? 21  G   A OP2   1 
ATOM   437  O  "O5'" . G   A 1 21 ? -5.305  9.867   1.729   1.00 34.28  ? 21  G   A "O5'" 1 
ATOM   438  C  "C5'" . G   A 1 21 ? -4.560  10.583  0.755   1.00 33.68  ? 21  G   A "C5'" 1 
ATOM   439  C  "C4'" . G   A 1 21 ? -4.963  10.171  -0.633  1.00 36.39  ? 21  G   A "C4'" 1 
ATOM   440  O  "O4'" . G   A 1 21 ? -4.324  8.925   -0.991  1.00 32.52  ? 21  G   A "O4'" 1 
ATOM   441  C  "C3'" . G   A 1 21 ? -6.444  9.907   -0.836  1.00 33.72  ? 21  G   A "C3'" 1 
ATOM   442  O  "O3'" . G   A 1 21 ? -7.153  11.109  -1.060  1.00 37.72  ? 21  G   A "O3'" 1 
ATOM   443  C  "C2'" . G   A 1 21 ? -6.455  8.966   -2.033  1.00 34.02  ? 21  G   A "C2'" 1 
ATOM   444  O  "O2'" . G   A 1 21 ? -6.253  9.683   -3.249  1.00 35.01  ? 21  G   A "O2'" 1 
ATOM   445  C  "C1'" . G   A 1 21 ? -5.214  8.132   -1.756  1.00 34.83  ? 21  G   A "C1'" 1 
ATOM   446  N  N9    . G   A 1 21 ? -5.539  6.929   -0.977  1.00 33.30  ? 21  G   A N9    1 
ATOM   447  C  C8    . G   A 1 21 ? -5.300  6.665   0.340   1.00 34.15  ? 21  G   A C8    1 
ATOM   448  N  N7    . G   A 1 21 ? -5.720  5.482   0.706   1.00 34.89  ? 21  G   A N7    1 
ATOM   449  C  C5    . G   A 1 21 ? -6.253  4.934   -0.442  1.00 34.97  ? 21  G   A C5    1 
ATOM   450  C  C6    . G   A 1 21 ? -6.858  3.675   -0.675  1.00 35.25  ? 21  G   A C6    1 
ATOM   451  O  O6    . G   A 1 21 ? -7.047  2.734   0.112   1.00 37.05  ? 21  G   A O6    1 
ATOM   452  N  N1    . G   A 1 21 ? -7.265  3.570   -1.992  1.00 35.34  ? 21  G   A N1    1 
ATOM   453  C  C2    . G   A 1 21 ? -7.112  4.522   -2.957  1.00 36.26  ? 21  G   A C2    1 
ATOM   454  N  N2    . G   A 1 21 ? -7.580  4.200   -4.164  1.00 34.69  ? 21  G   A N2    1 
ATOM   455  N  N3    . G   A 1 21 ? -6.552  5.699   -2.757  1.00 35.74  ? 21  G   A N3    1 
ATOM   456  C  C4    . G   A 1 21 ? -6.153  5.821   -1.487  1.00 33.61  ? 21  G   A C4    1 
ATOM   457  P  P     . U   A 1 22 ? -8.645  11.296  -0.509  1.00 34.91  ? 22  U   A P     1 
ATOM   458  O  OP1   . U   A 1 22 ? -8.990  12.739  -0.693  1.00 37.99  ? 22  U   A OP1   1 
ATOM   459  O  OP2   . U   A 1 22 ? -8.794  10.675  0.814   1.00 33.72  ? 22  U   A OP2   1 
ATOM   460  O  "O5'" . U   A 1 22 ? -9.532  10.445  -1.516  1.00 32.39  ? 22  U   A "O5'" 1 
ATOM   461  C  "C5'" . U   A 1 22 ? -9.504  10.707  -2.904  1.00 32.40  ? 22  U   A "C5'" 1 
ATOM   462  C  "C4'" . U   A 1 22 ? -10.222 9.624   -3.662  1.00 35.06  ? 22  U   A "C4'" 1 
ATOM   463  O  "O4'" . U   A 1 22 ? -9.481  8.386   -3.579  1.00 37.76  ? 22  U   A "O4'" 1 
ATOM   464  C  "C3'" . U   A 1 22 ? -11.611 9.242   -3.173  1.00 35.03  ? 22  U   A "C3'" 1 
ATOM   465  O  "O3'" . U   A 1 22 ? -12.602 10.131  -3.630  1.00 34.39  ? 22  U   A "O3'" 1 
ATOM   466  C  "C2'" . U   A 1 22 ? -11.781 7.860   -3.766  1.00 33.78  ? 22  U   A "C2'" 1 
ATOM   467  O  "O2'" . U   A 1 22 ? -12.034 7.984   -5.157  1.00 37.19  ? 22  U   A "O2'" 1 
ATOM   468  C  "C1'" . U   A 1 22 ? -10.377 7.294   -3.603  1.00 35.85  ? 22  U   A "C1'" 1 
ATOM   469  N  N1    . U   A 1 22 ? -10.195 6.523   -2.359  1.00 35.68  ? 22  U   A N1    1 
ATOM   470  C  C2    . U   A 1 22 ? -10.613 5.211   -2.355  1.00 38.81  ? 22  U   A C2    1 
ATOM   471  O  O2    . U   A 1 22 ? -11.154 4.688   -3.315  1.00 33.37  ? 22  U   A O2    1 
ATOM   472  N  N3    . U   A 1 22 ? -10.378 4.556   -1.173  1.00 35.71  ? 22  U   A N3    1 
ATOM   473  C  C4    . U   A 1 22 ? -9.779  5.072   -0.039  1.00 35.60  ? 22  U   A C4    1 
ATOM   474  O  O4    . U   A 1 22 ? -9.625  4.348   0.942   1.00 35.02  ? 22  U   A O4    1 
ATOM   475  C  C5    . U   A 1 22 ? -9.360  6.440   -0.122  1.00 35.08  ? 22  U   A C5    1 
ATOM   476  C  C6    . U   A 1 22 ? -9.580  7.094   -1.262  1.00 35.83  ? 22  U   A C6    1 
ATOM   477  P  P     . C   A 1 23 ? -13.896 10.458  -2.750  1.00 40.04  ? 23  C   A P     1 
ATOM   478  O  OP1   . C   A 1 23 ? -14.519 11.627  -3.414  1.00 37.56  ? 23  C   A OP1   1 
ATOM   479  O  OP2   . C   A 1 23 ? -13.645 10.512  -1.302  1.00 35.02  ? 23  C   A OP2   1 
ATOM   480  O  "O5'" . C   A 1 23 ? -14.842 9.199   -2.971  1.00 38.08  ? 23  C   A "O5'" 1 
ATOM   481  C  "C5'" . C   A 1 23 ? -15.331 8.883   -4.267  1.00 39.37  ? 23  C   A "C5'" 1 
ATOM   482  C  "C4'" . C   A 1 23 ? -15.901 7.491   -4.304  1.00 36.33  ? 23  C   A "C4'" 1 
ATOM   483  O  "O4'" . C   A 1 23 ? -14.843 6.520   -4.098  1.00 36.73  ? 23  C   A "O4'" 1 
ATOM   484  C  "C3'" . C   A 1 23 ? -16.896 7.161   -3.210  1.00 38.57  ? 23  C   A "C3'" 1 
ATOM   485  O  "O3'" . C   A 1 23 ? -18.187 7.680   -3.447  1.00 40.19  ? 23  C   A "O3'" 1 
ATOM   486  C  "C2'" . C   A 1 23 ? -16.838 5.643   -3.172  1.00 39.68  ? 23  C   A "C2'" 1 
ATOM   487  O  "O2'" . C   A 1 23 ? -17.532 5.091   -4.278  1.00 41.13  ? 23  C   A "O2'" 1 
ATOM   488  C  "C1'" . C   A 1 23 ? -15.350 5.409   -3.377  1.00 37.18  ? 23  C   A "C1'" 1 
ATOM   489  N  N1    . C   A 1 23 ? -14.631 5.287   -2.084  1.00 36.73  ? 23  C   A N1    1 
ATOM   490  C  C2    . C   A 1 23 ? -14.679 4.057   -1.399  1.00 40.90  ? 23  C   A C2    1 
ATOM   491  O  O2    . C   A 1 23 ? -15.329 3.109   -1.892  1.00 39.67  ? 23  C   A O2    1 
ATOM   492  N  N3    . C   A 1 23 ? -14.028 3.916   -0.216  1.00 37.23  ? 23  C   A N3    1 
ATOM   493  C  C4    . C   A 1 23 ? -13.344 4.956   0.281   1.00 38.05  ? 23  C   A C4    1 
ATOM   494  N  N4    . C   A 1 23 ? -12.711 4.793   1.443   1.00 31.79  ? 23  C   A N4    1 
ATOM   495  C  C5    . C   A 1 23 ? -13.277 6.210   -0.393  1.00 37.32  ? 23  C   A C5    1 
ATOM   496  C  C6    . C   A 1 23 ? -13.931 6.336   -1.556  1.00 38.10  ? 23  C   A C6    1 
ATOM   497  P  P     . C   A 1 24 ? -19.126 8.081   -2.213  1.00 40.59  ? 24  C   A P     1 
ATOM   498  O  OP1   . C   A 1 24 ? -20.303 8.731   -2.841  1.00 43.66  ? 24  C   A OP1   1 
ATOM   499  O  OP2   . C   A 1 24 ? -18.298 8.799   -1.178  1.00 38.22  ? 24  C   A OP2   1 
ATOM   500  O  "O5'" . C   A 1 24 ? -19.550 6.685   -1.568  1.00 44.40  ? 24  C   A "O5'" 1 
ATOM   501  C  "C5'" . C   A 1 24 ? -20.219 5.704   -2.338  1.00 41.30  ? 24  C   A "C5'" 1 
ATOM   502  C  "C4'" . C   A 1 24 ? -20.379 4.405   -1.587  1.00 42.19  ? 24  C   A "C4'" 1 
ATOM   503  O  "O4'" . C   A 1 24 ? -19.091 3.760   -1.406  1.00 42.86  ? 24  C   A "O4'" 1 
ATOM   504  C  "C3'" . C   A 1 24 ? -20.931 4.496   -0.181  1.00 43.01  ? 24  C   A "C3'" 1 
ATOM   505  O  "O3'" . C   A 1 24 ? -22.336 4.683   -0.141  1.00 46.34  ? 24  C   A "O3'" 1 
ATOM   506  C  "C2'" . C   A 1 24 ? -20.467 3.183   0.427   1.00 44.50  ? 24  C   A "C2'" 1 
ATOM   507  O  "O2'" . C   A 1 24 ? -21.251 2.096   -0.060  1.00 48.96  ? 24  C   A "O2'" 1 
ATOM   508  C  "C1'" . C   A 1 24 ? -19.075 3.069   -0.173  1.00 39.73  ? 24  C   A "C1'" 1 
ATOM   509  N  N1    . C   A 1 24 ? -18.050 3.676   0.713   1.00 39.28  ? 24  C   A N1    1 
ATOM   510  C  C2    . C   A 1 24 ? -17.487 2.879   1.728   1.00 43.19  ? 24  C   A C2    1 
ATOM   511  O  O2    . C   A 1 24 ? -17.862 1.701   1.862   1.00 43.28  ? 24  C   A O2    1 
ATOM   512  N  N3    . C   A 1 24 ? -16.545 3.401   2.552   1.00 40.84  ? 24  C   A N3    1 
ATOM   513  C  C4    . C   A 1 24 ? -16.174 4.670   2.383   1.00 38.56  ? 24  C   A C4    1 
ATOM   514  N  N4    . C   A 1 24 ? -15.246 5.139   3.215   1.00 33.19  ? 24  C   A N4    1 
ATOM   515  C  C5    . C   A 1 24 ? -16.718 5.504   1.366   1.00 37.82  ? 24  C   A C5    1 
ATOM   516  C  C6    . C   A 1 24 ? -17.646 4.972   0.558   1.00 42.24  ? 24  C   A C6    1 
ATOM   517  P  P     . C   A 1 25 ? -23.013 5.251   1.192   1.00 51.23  ? 25  C   A P     1 
ATOM   518  O  OP1   . C   A 1 25 ? -24.473 5.002   1.089   1.00 59.56  ? 25  C   A OP1   1 
ATOM   519  O  OP2   . C   A 1 25 ? -22.516 6.647   1.372   1.00 46.63  ? 25  C   A OP2   1 
ATOM   520  O  "O5'" . C   A 1 25 ? -22.351 4.350   2.325   1.00 48.08  ? 25  C   A "O5'" 1 
ATOM   521  C  "C5'" . C   A 1 25 ? -23.065 3.922   3.462   1.00 48.12  ? 25  C   A "C5'" 1 
ATOM   522  C  "C4'" . C   A 1 25 ? -22.395 2.736   4.102   1.00 50.10  ? 25  C   A "C4'" 1 
ATOM   523  O  "O4'" . C   A 1 25 ? -20.999 2.648   3.686   1.00 48.48  ? 25  C   A "O4'" 1 
ATOM   524  C  "C3'" . C   A 1 25 ? -22.315 2.774   5.618   1.00 49.97  ? 25  C   A "C3'" 1 
ATOM   525  O  "O3'" . C   A 1 25 ? -23.536 2.449   6.262   1.00 53.78  ? 25  C   A "O3'" 1 
ATOM   526  C  "C2'" . C   A 1 25 ? -21.175 1.807   5.903   1.00 46.33  ? 25  C   A "C2'" 1 
ATOM   527  O  "O2'" . C   A 1 25 ? -21.617 0.478   5.723   1.00 45.43  ? 25  C   A "O2'" 1 
ATOM   528  C  "C1'" . C   A 1 25 ? -20.214 2.141   4.758   1.00 46.32  ? 25  C   A "C1'" 1 
ATOM   529  N  N1    . C   A 1 25 ? -19.191 3.159   5.154   1.00 43.01  ? 25  C   A N1    1 
ATOM   530  C  C2    . C   A 1 25 ? -18.215 2.878   6.139   1.00 43.13  ? 25  C   A C2    1 
ATOM   531  O  O2    . C   A 1 25 ? -18.181 1.768   6.702   1.00 41.60  ? 25  C   A O2    1 
ATOM   532  N  N3    . C   A 1 25 ? -17.302 3.833   6.477   1.00 41.47  ? 25  C   A N3    1 
ATOM   533  C  C4    . C   A 1 25 ? -17.335 5.027   5.879   1.00 41.67  ? 25  C   A C4    1 
ATOM   534  N  N4    . C   A 1 25 ? -16.429 5.948   6.232   1.00 37.69  ? 25  C   A N4    1 
ATOM   535  C  C5    . C   A 1 25 ? -18.302 5.334   4.883   1.00 41.65  ? 25  C   A C5    1 
ATOM   536  C  C6    . C   A 1 25 ? -19.191 4.387   4.559   1.00 40.66  ? 25  C   A C6    1 
ATOM   537  P  P     . A   A 1 26 ? -24.082 3.383   7.453   1.00 52.71  ? 26  A   A P     1 
ATOM   538  O  OP1   . A   A 1 26 ? -25.514 3.050   7.667   1.00 52.04  ? 26  A   A OP1   1 
ATOM   539  O  OP2   . A   A 1 26 ? -23.650 4.795   7.247   1.00 48.37  ? 26  A   A OP2   1 
ATOM   540  O  "O5'" . A   A 1 26 ? -23.271 2.864   8.715   1.00 45.04  ? 26  A   A "O5'" 1 
ATOM   541  C  "C5'" . A   A 1 26 ? -23.296 1.497   9.066   1.00 48.70  ? 26  A   A "C5'" 1 
ATOM   542  C  "C4'" . A   A 1 26 ? -22.161 1.163   9.994   1.00 46.95  ? 26  A   A "C4'" 1 
ATOM   543  O  "O4'" . A   A 1 26 ? -20.886 1.351   9.318   1.00 46.95  ? 26  A   A "O4'" 1 
ATOM   544  C  "C3'" . A   A 1 26 ? -22.038 2.033   11.230  1.00 44.30  ? 26  A   A "C3'" 1 
ATOM   545  O  "O3'" . A   A 1 26 ? -22.969 1.681   12.234  1.00 40.55  ? 26  A   A "O3'" 1 
ATOM   546  C  "C2'" . A   A 1 26 ? -20.589 1.805   11.624  1.00 42.57  ? 26  A   A "C2'" 1 
ATOM   547  O  "O2'" . A   A 1 26 ? -20.448 0.517   12.193  1.00 45.70  ? 26  A   A "O2'" 1 
ATOM   548  C  "C1'" . A   A 1 26 ? -19.916 1.772   10.255  1.00 46.66  ? 26  A   A "C1'" 1 
ATOM   549  N  N9    . A   A 1 26 ? -19.401 3.095   9.855   1.00 43.55  ? 26  A   A N9    1 
ATOM   550  C  C8    . A   A 1 26 ? -19.917 3.963   8.929   1.00 41.85  ? 26  A   A C8    1 
ATOM   551  N  N7    . A   A 1 26 ? -19.221 5.073   8.803   1.00 43.44  ? 26  A   A N7    1 
ATOM   552  C  C5    . A   A 1 26 ? -18.180 4.914   9.704   1.00 40.65  ? 26  A   A C5    1 
ATOM   553  C  C6    . A   A 1 26 ? -17.102 5.739   10.054  1.00 39.69  ? 26  A   A C6    1 
ATOM   554  N  N6    . A   A 1 26 ? -16.874 6.927   9.500   1.00 41.57  ? 26  A   A N6    1 
ATOM   555  N  N1    . A   A 1 26 ? -16.236 5.294   10.991  1.00 40.95  ? 26  A   A N1    1 
ATOM   556  C  C2    . A   A 1 26 ? -16.457 4.098   11.545  1.00 41.55  ? 26  A   A C2    1 
ATOM   557  N  N3    . A   A 1 26 ? -17.438 3.233   11.304  1.00 40.61  ? 26  A   A N3    1 
ATOM   558  C  C4    . A   A 1 26 ? -18.276 3.704   10.362  1.00 41.74  ? 26  A   A C4    1 
ATOM   559  P  P     . G   A 1 27 ? -23.425 2.731   13.366  1.00 45.20  ? 27  G   A P     1 
ATOM   560  O  OP1   . G   A 1 27 ? -24.541 2.100   14.103  1.00 45.47  ? 27  G   A OP1   1 
ATOM   561  O  OP2   . G   A 1 27 ? -23.633 4.089   12.810  1.00 46.82  ? 27  G   A OP2   1 
ATOM   562  O  "O5'" . G   A 1 27 ? -22.175 2.811   14.346  1.00 46.58  ? 27  G   A "O5'" 1 
ATOM   563  C  "C5'" . G   A 1 27 ? -21.640 1.639   14.936  1.00 47.16  ? 27  G   A "C5'" 1 
ATOM   564  C  "C4'" . G   A 1 27 ? -20.382 1.945   15.696  1.00 44.23  ? 27  G   A "C4'" 1 
ATOM   565  O  "O4'" . G   A 1 27 ? -19.336 2.381   14.786  1.00 43.76  ? 27  G   A "O4'" 1 
ATOM   566  C  "C3'" . G   A 1 27 ? -20.503 3.072   16.705  1.00 44.50  ? 27  G   A "C3'" 1 
ATOM   567  O  "O3'" . G   A 1 27 ? -21.041 2.608   17.929  1.00 47.21  ? 27  G   A "O3'" 1 
ATOM   568  C  "C2'" . G   A 1 27 ? -19.072 3.582   16.822  1.00 45.53  ? 27  G   A "C2'" 1 
ATOM   569  O  "O2'" . G   A 1 27 ? -18.319 2.743   17.682  1.00 47.22  ? 27  G   A "O2'" 1 
ATOM   570  C  "C1'" . G   A 1 27 ? -18.551 3.380   15.399  1.00 45.72  ? 27  G   A "C1'" 1 
ATOM   571  N  N9    . G   A 1 27 ? -18.609 4.594   14.565  1.00 43.46  ? 27  G   A N9    1 
ATOM   572  C  C8    . G   A 1 27 ? -19.570 4.934   13.635  1.00 42.52  ? 27  G   A C8    1 
ATOM   573  N  N7    . G   A 1 27 ? -19.309 6.059   13.028  1.00 43.47  ? 27  G   A N7    1 
ATOM   574  C  C5    . G   A 1 27 ? -18.091 6.471   13.578  1.00 39.28  ? 27  G   A C5    1 
ATOM   575  C  C6    . G   A 1 27 ? -17.295 7.611   13.328  1.00 39.88  ? 27  G   A C6    1 
ATOM   576  O  O6    . G   A 1 27 ? -17.500 8.522   12.540  1.00 43.13  ? 27  G   A O6    1 
ATOM   577  N  N1    . G   A 1 27 ? -16.144 7.655   14.102  1.00 40.71  ? 27  G   A N1    1 
ATOM   578  C  C2    . G   A 1 27 ? -15.795 6.695   15.017  1.00 40.32  ? 27  G   A C2    1 
ATOM   579  N  N2    . G   A 1 27 ? -14.636 6.905   15.661  1.00 41.42  ? 27  G   A N2    1 
ATOM   580  N  N3    . G   A 1 27 ? -16.524 5.617   15.268  1.00 39.60  ? 27  G   A N3    1 
ATOM   581  C  C4    . G   A 1 27 ? -17.647 5.576   14.522  1.00 41.59  ? 27  G   A C4    1 
ATOM   582  P  P     . C   A 1 28 ? -21.994 3.544   18.822  1.00 49.85  ? 28  C   A P     1 
ATOM   583  O  OP1   . C   A 1 28 ? -22.637 2.685   19.841  1.00 52.74  ? 28  C   A OP1   1 
ATOM   584  O  OP2   . C   A 1 28 ? -22.847 4.408   17.959  1.00 48.69  ? 28  C   A OP2   1 
ATOM   585  O  "O5'" . C   A 1 28 ? -20.953 4.479   19.572  1.00 45.66  ? 28  C   A "O5'" 1 
ATOM   586  C  "C5'" . C   A 1 28 ? -19.822 3.934   20.244  1.00 43.73  ? 28  C   A "C5'" 1 
ATOM   587  C  "C4'" . C   A 1 28 ? -18.906 5.036   20.703  1.00 43.92  ? 28  C   A "C4'" 1 
ATOM   588  O  "O4'" . C   A 1 28 ? -18.366 5.710   19.525  1.00 45.10  ? 28  C   A "O4'" 1 
ATOM   589  C  "C3'" . C   A 1 28 ? -19.598 6.118   21.532  1.00 43.15  ? 28  C   A "C3'" 1 
ATOM   590  O  "O3'" . C   A 1 28 ? -18.683 6.673   22.481  1.00 44.12  ? 28  C   A "O3'" 1 
ATOM   591  C  "C2'" . C   A 1 28 ? -19.923 7.170   20.479  1.00 42.32  ? 28  C   A "C2'" 1 
ATOM   592  O  "O2'" . C   A 1 28 ? -20.121 8.474   20.973  1.00 44.97  ? 28  C   A "O2'" 1 
ATOM   593  C  "C1'" . C   A 1 28 ? -18.691 7.086   19.587  1.00 46.36  ? 28  C   A "C1'" 1 
ATOM   594  N  N1    . C   A 1 28 ? -18.924 7.625   18.238  1.00 43.39  ? 28  C   A N1    1 
ATOM   595  C  C2    . C   A 1 28 ? -17.994 8.519   17.699  1.00 40.40  ? 28  C   A C2    1 
ATOM   596  O  O2    . C   A 1 28 ? -16.970 8.782   18.344  1.00 42.92  ? 28  C   A O2    1 
ATOM   597  N  N3    . C   A 1 28 ? -18.220 9.067   16.482  1.00 40.57  ? 28  C   A N3    1 
ATOM   598  C  C4    . C   A 1 28 ? -19.342 8.758   15.825  1.00 43.88  ? 28  C   A C4    1 
ATOM   599  N  N4    . C   A 1 28 ? -19.541 9.313   14.624  1.00 41.22  ? 28  C   A N4    1 
ATOM   600  C  C5    . C   A 1 28 ? -20.313 7.864   16.368  1.00 40.79  ? 28  C   A C5    1 
ATOM   601  C  C6    . C   A 1 28 ? -20.076 7.330   17.567  1.00 43.34  ? 28  C   A C6    1 
ATOM   602  P  P     . U   A 1 29 ? -18.210 5.836   23.767  1.00 44.62  ? 29  U   A P     1 
ATOM   603  O  OP1   . U   A 1 29 ? -16.765 5.572   23.597  1.00 36.55  ? 29  U   A OP1   1 
ATOM   604  O  OP2   . U   A 1 29 ? -19.205 4.772   24.031  1.00 44.08  ? 29  U   A OP2   1 
ATOM   605  O  "O5'" . U   A 1 29 ? -18.284 6.872   24.982  1.00 43.51  ? 29  U   A "O5'" 1 
ATOM   606  C  "C5'" . U   A 1 29 ? -19.438 7.663   25.230  1.00 39.68  ? 29  U   A "C5'" 1 
ATOM   607  C  "C4'" . U   A 1 29 ? -19.095 8.898   26.033  1.00 40.27  ? 29  U   A "C4'" 1 
ATOM   608  O  "O4'" . U   A 1 29 ? -18.313 8.506   27.189  1.00 41.28  ? 29  U   A "O4'" 1 
ATOM   609  C  "C3'" . U   A 1 29 ? -18.220 9.936   25.341  1.00 41.33  ? 29  U   A "C3'" 1 
ATOM   610  O  "O3'" . U   A 1 29 ? -18.948 10.818  24.510  1.00 46.12  ? 29  U   A "O3'" 1 
ATOM   611  C  "C2'" . U   A 1 29 ? -17.588 10.659  26.519  1.00 41.13  ? 29  U   A "C2'" 1 
ATOM   612  O  "O2'" . U   A 1 29 ? -18.522 11.570  27.077  1.00 39.55  ? 29  U   A "O2'" 1 
ATOM   613  C  "C1'" . U   A 1 29 ? -17.378 9.514   27.501  1.00 38.87  ? 29  U   A "C1'" 1 
ATOM   614  N  N1    . U   A 1 29 ? -16.026 8.943   27.380  1.00 39.27  ? 29  U   A N1    1 
ATOM   615  C  C2    . U   A 1 29 ? -15.000 9.662   27.931  1.00 37.06  ? 29  U   A C2    1 
ATOM   616  O  O2    . U   A 1 29 ? -15.195 10.731  28.503  1.00 40.98  ? 29  U   A O2    1 
ATOM   617  N  N3    . U   A 1 29 ? -13.755 9.095   27.797  1.00 37.19  ? 29  U   A N3    1 
ATOM   618  C  C4    . U   A 1 29 ? -13.474 7.893   27.166  1.00 37.93  ? 29  U   A C4    1 
ATOM   619  O  O4    . U   A 1 29 ? -12.312 7.489   27.115  1.00 41.02  ? 29  U   A O4    1 
ATOM   620  C  C5    . U   A 1 29 ? -14.607 7.221   26.615  1.00 38.56  ? 29  U   A C5    1 
ATOM   621  C  C6    . U   A 1 29 ? -15.817 7.753   26.742  1.00 36.63  ? 29  U   A C6    1 
ATOM   622  P  P     . U   A 1 30 ? -18.591 10.985  22.952  1.00 44.00  ? 30  U   A P     1 
ATOM   623  O  OP1   . U   A 1 30 ? -19.897 11.400  22.391  1.00 52.57  ? 30  U   A OP1   1 
ATOM   624  O  OP2   . U   A 1 30 ? -17.862 9.808   22.395  1.00 44.76  ? 30  U   A OP2   1 
ATOM   625  O  "O5'" . U   A 1 30 ? -17.721 12.303  22.828  1.00 48.62  ? 30  U   A "O5'" 1 
ATOM   626  C  "C5'" . U   A 1 30 ? -16.909 12.799  23.873  1.00 44.98  ? 30  U   A "C5'" 1 
ATOM   627  C  "C4'" . U   A 1 30 ? -15.872 13.726  23.314  1.00 41.92  ? 30  U   A "C4'" 1 
ATOM   628  O  "O4'" . U   A 1 30 ? -14.581 13.286  23.787  1.00 42.10  ? 30  U   A "O4'" 1 
ATOM   629  C  "C3'" . U   A 1 30 ? -15.786 13.733  21.788  1.00 45.04  ? 30  U   A "C3'" 1 
ATOM   630  O  "O3'" . U   A 1 30 ? -15.313 15.007  21.337  1.00 44.58  ? 30  U   A "O3'" 1 
ATOM   631  C  "C2'" . U   A 1 30 ? -14.719 12.687  21.512  1.00 43.74  ? 30  U   A "C2'" 1 
ATOM   632  O  "O2'" . U   A 1 30 ? -14.051 12.880  20.280  1.00 41.55  ? 30  U   A "O2'" 1 
ATOM   633  C  "C1'" . U   A 1 30 ? -13.773 12.888  22.701  1.00 44.54  ? 30  U   A "C1'" 1 
ATOM   634  N  N1    . U   A 1 30 ? -13.052 11.683  23.136  1.00 44.64  ? 30  U   A N1    1 
ATOM   635  C  C2    . U   A 1 30 ? -11.671 11.714  23.118  1.00 45.01  ? 30  U   A C2    1 
ATOM   636  O  O2    . U   A 1 30 ? -11.032 12.674  22.733  1.00 44.65  ? 30  U   A O2    1 
ATOM   637  N  N3    . U   A 1 30 ? -11.049 10.566  23.555  1.00 50.08  ? 30  U   A N3    1 
ATOM   638  C  C4    . U   A 1 30 ? -11.666 9.416   24.009  1.00 47.77  ? 30  U   A C4    1 
ATOM   639  O  O4    . U   A 1 30 ? -10.969 8.467   24.374  1.00 49.58  ? 30  U   A O4    1 
ATOM   640  C  C5    . U   A 1 30 ? -13.099 9.468   24.011  1.00 44.99  ? 30  U   A C5    1 
ATOM   641  C  C6    . U   A 1 30 ? -13.730 10.573  23.589  1.00 46.10  ? 30  U   A C6    1 
ATOM   642  P  P     . C   A 1 31 ? -16.288 16.042  20.579  1.00 45.08  ? 31  C   A P     1 
ATOM   643  O  OP1   . C   A 1 31 ? -15.490 17.273  20.325  1.00 42.46  ? 31  C   A OP1   1 
ATOM   644  O  OP2   . C   A 1 31 ? -17.576 16.146  21.311  1.00 41.54  ? 31  C   A OP2   1 
ATOM   645  O  "O5'" . C   A 1 31 ? -16.640 15.323  19.205  1.00 42.23  ? 31  C   A "O5'" 1 
ATOM   646  C  "C5'" . C   A 1 31 ? -15.694 15.237  18.143  1.00 40.59  ? 31  C   A "C5'" 1 
ATOM   647  C  "C4'" . C   A 1 31 ? -16.393 15.226  16.810  1.00 39.41  ? 31  C   A "C4'" 1 
ATOM   648  O  "O4'" . C   A 1 31 ? -17.030 13.931  16.606  1.00 41.55  ? 31  C   A "O4'" 1 
ATOM   649  C  "C3'" . C   A 1 31 ? -17.502 16.266  16.687  1.00 41.12  ? 31  C   A "C3'" 1 
ATOM   650  O  "O3'" . C   A 1 31 ? -17.613 16.703  15.335  1.00 41.99  ? 31  C   A "O3'" 1 
ATOM   651  C  "C2'" . C   A 1 31 ? -18.737 15.468  17.049  1.00 39.57  ? 31  C   A "C2'" 1 
ATOM   652  O  "O2'" . C   A 1 31 ? -19.950 16.003  16.569  1.00 39.99  ? 31  C   A "O2'" 1 
ATOM   653  C  "C1'" . C   A 1 31 ? -18.416 14.118  16.418  1.00 39.40  ? 31  C   A "C1'" 1 
ATOM   654  N  N1    . C   A 1 31 ? -19.122 13.013  17.057  1.00 41.92  ? 31  C   A N1    1 
ATOM   655  C  C2    . C   A 1 31 ? -20.246 12.483  16.427  1.00 42.53  ? 31  C   A C2    1 
ATOM   656  O  O2    . C   A 1 31 ? -20.593 12.949  15.332  1.00 42.45  ? 31  C   A O2    1 
ATOM   657  N  N3    . C   A 1 31 ? -20.921 11.477  17.016  1.00 41.81  ? 31  C   A N3    1 
ATOM   658  C  C4    . C   A 1 31 ? -20.506 11.014  18.196  1.00 43.52  ? 31  C   A C4    1 
ATOM   659  N  N4    . C   A 1 31 ? -21.197 10.017  18.749  1.00 41.03  ? 31  C   A N4    1 
ATOM   660  C  C5    . C   A 1 31 ? -19.364 11.537  18.863  1.00 44.39  ? 31  C   A C5    1 
ATOM   661  C  C6    . C   A 1 31 ? -18.704 12.538  18.266  1.00 42.96  ? 31  C   A C6    1 
ATOM   662  P  P     . G   A 1 32 ? -16.744 17.941  14.802  1.00 38.98  ? 32  G   A P     1 
ATOM   663  O  OP1   . G   A 1 32 ? -16.602 18.990  15.879  1.00 38.82  ? 32  G   A OP1   1 
ATOM   664  O  OP2   . G   A 1 32 ? -17.313 18.261  13.467  1.00 40.26  ? 32  G   A OP2   1 
ATOM   665  O  "O5'" . G   A 1 32 ? -15.284 17.352  14.588  1.00 42.23  ? 32  G   A "O5'" 1 
ATOM   666  C  "C5'" . G   A 1 32 ? -14.161 17.875  15.279  1.00 39.82  ? 32  G   A "C5'" 1 
ATOM   667  C  "C4'" . G   A 1 32 ? -12.965 16.997  15.051  1.00 39.35  ? 32  G   A "C4'" 1 
ATOM   668  O  "O4'" . G   A 1 32 ? -13.245 15.684  15.604  1.00 43.57  ? 32  G   A "O4'" 1 
ATOM   669  C  "C3'" . G   A 1 32 ? -12.616 16.741  13.591  1.00 39.88  ? 32  G   A "C3'" 1 
ATOM   670  O  "O3'" . G   A 1 32 ? -11.747 17.724  13.054  1.00 37.29  ? 32  G   A "O3'" 1 
ATOM   671  C  "C2'" . G   A 1 32 ? -12.006 15.344  13.614  1.00 39.74  ? 32  G   A "C2'" 1 
ATOM   672  O  "O2'" . G   A 1 32 ? -10.634 15.386  13.982  1.00 36.29  ? 32  G   A "O2'" 1 
ATOM   673  C  "C1'" . G   A 1 32 ? -12.801 14.677  14.734  1.00 36.47  ? 32  G   A "C1'" 1 
ATOM   674  N  N9    . G   A 1 32 ? -14.016 14.008  14.239  1.00 36.06  ? 32  G   A N9    1 
ATOM   675  C  C8    . G   A 1 32 ? -14.718 14.302  13.099  1.00 38.61  ? 32  G   A C8    1 
ATOM   676  N  N7    . G   A 1 32 ? -15.788 13.576  12.945  1.00 38.71  ? 32  G   A N7    1 
ATOM   677  C  C5    . G   A 1 32 ? -15.801 12.751  14.061  1.00 40.29  ? 32  G   A C5    1 
ATOM   678  C  C6    . G   A 1 32 ? -16.716 11.737  14.441  1.00 37.62  ? 32  G   A C6    1 
ATOM   679  O  O6    . G   A 1 32 ? -17.731 11.341  13.858  1.00 41.00  ? 32  G   A O6    1 
ATOM   680  N  N1    . G   A 1 32 ? -16.361 11.162  15.650  1.00 37.80  ? 32  G   A N1    1 
ATOM   681  C  C2    . G   A 1 32 ? -15.252 11.505  16.386  1.00 40.68  ? 32  G   A C2    1 
ATOM   682  N  N2    . G   A 1 32 ? -15.070 10.831  17.529  1.00 40.59  ? 32  G   A N2    1 
ATOM   683  N  N3    . G   A 1 32 ? -14.384 12.436  16.039  1.00 40.26  ? 32  G   A N3    1 
ATOM   684  C  C4    . G   A 1 32 ? -14.722 13.024  14.876  1.00 38.11  ? 32  G   A C4    1 
ATOM   685  P  P     . A   A 1 33 ? -12.204 18.609  11.798  1.00 40.94  ? 33  A   A P     1 
ATOM   686  O  OP1   . A   A 1 33 ? -11.050 19.460  11.409  1.00 40.44  ? 33  A   A OP1   1 
ATOM   687  O  OP2   . A   A 1 33 ? -13.533 19.174  12.111  1.00 37.55  ? 33  A   A OP2   1 
ATOM   688  O  "O5'" . A   A 1 33 ? -12.415 17.556  10.627  1.00 38.88  ? 33  A   A "O5'" 1 
ATOM   689  C  "C5'" . A   A 1 33 ? -11.355 16.718  10.218  1.00 38.23  ? 33  A   A "C5'" 1 
ATOM   690  C  "C4'" . A   A 1 33 ? -11.861 15.402  9.685   1.00 39.55  ? 33  A   A "C4'" 1 
ATOM   691  O  "O4'" . A   A 1 33 ? -12.525 15.598  8.414   1.00 38.84  ? 33  A   A "O4'" 1 
ATOM   692  C  "C3'" . A   A 1 33 ? -10.780 14.385  9.387   1.00 39.31  ? 33  A   A "C3'" 1 
ATOM   693  O  "O3'" . A   A 1 33 ? -10.395 13.689  10.551  1.00 41.75  ? 33  A   A "O3'" 1 
ATOM   694  C  "C2'" . A   A 1 33 ? -11.429 13.490  8.346   1.00 39.32  ? 33  A   A "C2'" 1 
ATOM   695  O  "O2'" . A   A 1 33 ? -12.291 12.557  8.986   1.00 38.10  ? 33  A   A "O2'" 1 
ATOM   696  C  "C1'" . A   A 1 33 ? -12.278 14.496  7.569   1.00 38.37  ? 33  A   A "C1'" 1 
ATOM   697  N  N9    . A   A 1 33 ? -11.629 14.996  6.339   1.00 39.34  ? 33  A   A N9    1 
ATOM   698  C  C8    . A   A 1 33 ? -10.422 15.641  6.134   1.00 40.28  ? 33  A   A C8    1 
ATOM   699  N  N7    . A   A 1 33 ? -10.219 15.961  4.871   1.00 43.97  ? 33  A   A N7    1 
ATOM   700  C  C5    . A   A 1 33 ? -11.366 15.520  4.208   1.00 40.20  ? 33  A   A C5    1 
ATOM   701  C  C6    . A   A 1 33 ? -11.793 15.533  2.855   1.00 44.71  ? 33  A   A C6    1 
ATOM   702  N  N6    . A   A 1 33 ? -11.103 16.058  1.831   1.00 42.99  ? 33  A   A N6    1 
ATOM   703  N  N1    . A   A 1 33 ? -13.000 14.981  2.560   1.00 43.65  ? 33  A   A N1    1 
ATOM   704  C  C2    . A   A 1 33 ? -13.727 14.449  3.554   1.00 41.80  ? 33  A   A C2    1 
ATOM   705  N  N3    . A   A 1 33 ? -13.439 14.378  4.857   1.00 44.73  ? 33  A   A N3    1 
ATOM   706  C  C4    . A   A 1 33 ? -12.235 14.936  5.112   1.00 41.75  ? 33  A   A C4    1 
ATOM   707  P  P     . C   A 1 34 ? -8.855  13.317  10.774  1.00 40.85  ? 34  C   A P     1 
ATOM   708  O  OP1   . C   A 1 34 ? -8.158  14.595  11.082  1.00 44.59  ? 34  C   A OP1   1 
ATOM   709  O  OP2   . C   A 1 34 ? -8.413  12.464  9.621   1.00 43.37  ? 34  C   A OP2   1 
ATOM   710  O  "O5'" . C   A 1 34 ? -8.906  12.381  12.049  1.00 41.99  ? 34  C   A "O5'" 1 
ATOM   711  C  "C5'" . C   A 1 34 ? -8.487  12.846  13.317  1.00 42.16  ? 34  C   A "C5'" 1 
ATOM   712  C  "C4'" . C   A 1 34 ? -8.972  11.910  14.387  1.00 37.36  ? 34  C   A "C4'" 1 
ATOM   713  O  "O4'" . C   A 1 34 ? -10.371 12.176  14.666  1.00 42.06  ? 34  C   A "O4'" 1 
ATOM   714  C  "C3'" . C   A 1 34 ? -8.944  10.434  14.013  1.00 40.66  ? 34  C   A "C3'" 1 
ATOM   715  O  "O3'" . C   A 1 34 ? -7.653  9.847   14.142  1.00 35.97  ? 34  C   A "O3'" 1 
ATOM   716  C  "C2'" . C   A 1 34 ? -10.003 9.841   14.930  1.00 37.80  ? 34  C   A "C2'" 1 
ATOM   717  O  "O2'" . C   A 1 34 ? -9.477  9.682   16.232  1.00 43.86  ? 34  C   A "O2'" 1 
ATOM   718  C  "C1'" . C   A 1 34 ? -11.039 10.970  14.971  1.00 39.13  ? 34  C   A "C1'" 1 
ATOM   719  N  N1    . C   A 1 34 ? -12.169 10.778  14.015  1.00 41.42  ? 34  C   A N1    1 
ATOM   720  C  C2    . C   A 1 34 ? -13.168 9.844   14.319  1.00 38.66  ? 34  C   A C2    1 
ATOM   721  O  O2    . C   A 1 34 ? -13.067 9.198   15.364  1.00 40.19  ? 34  C   A O2    1 
ATOM   722  N  N3    . C   A 1 34 ? -14.223 9.667   13.493  1.00 36.62  ? 34  C   A N3    1 
ATOM   723  C  C4    . C   A 1 34 ? -14.311 10.379  12.377  1.00 39.84  ? 34  C   A C4    1 
ATOM   724  N  N4    . C   A 1 34 ? -15.369 10.167  11.598  1.00 38.34  ? 34  C   A N4    1 
ATOM   725  C  C5    . C   A 1 34 ? -13.323 11.348  12.022  1.00 39.18  ? 34  C   A C5    1 
ATOM   726  C  C6    . C   A 1 34 ? -12.289 11.512  12.864  1.00 39.54  ? 34  C   A C6    1 
ATOM   727  P  P     . U   A 1 35 ? -7.179  8.646   13.166  1.00 34.66  ? 35  U   A P     1 
ATOM   728  O  OP1   . U   A 1 35 ? -5.788  8.289   13.533  1.00 40.97  ? 35  U   A OP1   1 
ATOM   729  O  OP2   . U   A 1 35 ? -7.442  8.922   11.721  1.00 37.84  ? 35  U   A OP2   1 
ATOM   730  O  "O5'" . U   A 1 35 ? -8.132  7.458   13.601  1.00 39.24  ? 35  U   A "O5'" 1 
ATOM   731  C  "C5'" . U   A 1 35 ? -8.080  6.937   14.917  1.00 41.12  ? 35  U   A "C5'" 1 
ATOM   732  C  "C4'" . U   A 1 35 ? -9.140  5.889   15.147  1.00 40.87  ? 35  U   A "C4'" 1 
ATOM   733  O  "O4'" . U   A 1 35 ? -10.465 6.493   15.205  1.00 41.15  ? 35  U   A "O4'" 1 
ATOM   734  C  "C3'" . U   A 1 35 ? -9.286  4.811   14.081  1.00 42.38  ? 35  U   A "C3'" 1 
ATOM   735  O  "O3'" . U   A 1 35 ? -8.272  3.826   14.140  1.00 39.44  ? 35  U   A "O3'" 1 
ATOM   736  C  "C2'" . U   A 1 35 ? -10.678 4.274   14.381  1.00 40.28  ? 35  U   A "C2'" 1 
ATOM   737  O  "O2'" . U   A 1 35 ? -10.635 3.473   15.551  1.00 41.93  ? 35  U   A "O2'" 1 
ATOM   738  C  "C1'" . U   A 1 35 ? -11.426 5.570   14.710  1.00 42.09  ? 35  U   A "C1'" 1 
ATOM   739  N  N1    . U   A 1 35 ? -12.064 6.157   13.505  1.00 41.35  ? 35  U   A N1    1 
ATOM   740  C  C2    . U   A 1 35 ? -13.312 5.700   13.091  1.00 39.27  ? 35  U   A C2    1 
ATOM   741  O  O2    . U   A 1 35 ? -13.918 4.820   13.690  1.00 41.21  ? 35  U   A O2    1 
ATOM   742  N  N3    . U   A 1 35 ? -13.810 6.319   11.954  1.00 37.95  ? 35  U   A N3    1 
ATOM   743  C  C4    . U   A 1 35 ? -13.191 7.318   11.215  1.00 39.65  ? 35  U   A C4    1 
ATOM   744  O  O4    . U   A 1 35 ? -13.738 7.806   10.219  1.00 39.16  ? 35  U   A O4    1 
ATOM   745  C  C5    . U   A 1 35 ? -11.914 7.726   11.710  1.00 38.10  ? 35  U   A C5    1 
ATOM   746  C  C6    . U   A 1 35 ? -11.412 7.152   12.804  1.00 42.17  ? 35  U   A C6    1 
ATOM   747  P  P     . G   A 1 36 ? -7.753  3.110   12.799  1.00 45.20  ? 36  G   A P     1 
ATOM   748  O  OP1   . G   A 1 36 ? -6.490  2.426   13.179  1.00 45.53  ? 36  G   A OP1   1 
ATOM   749  O  OP2   . G   A 1 36 ? -7.779  4.018   11.626  1.00 43.27  ? 36  G   A OP2   1 
ATOM   750  O  "O5'" . G   A 1 36 ? -8.872  2.013   12.494  1.00 43.26  ? 36  G   A "O5'" 1 
ATOM   751  C  "C5'" . G   A 1 36 ? -9.259  1.073   13.486  1.00 42.45  ? 36  G   A "C5'" 1 
ATOM   752  C  "C4'" . G   A 1 36 ? -10.559 0.396   13.129  1.00 44.05  ? 36  G   A "C4'" 1 
ATOM   753  O  "O4'" . G   A 1 36 ? -11.655 1.349   13.207  1.00 44.23  ? 36  G   A "O4'" 1 
ATOM   754  C  "C3'" . G   A 1 36 ? -10.673 -0.156  11.717  1.00 43.20  ? 36  G   A "C3'" 1 
ATOM   755  O  "O3'" . G   A 1 36 ? -9.989  -1.378  11.504  1.00 41.86  ? 36  G   A "O3'" 1 
ATOM   756  C  "C2'" . G   A 1 36 ? -12.179 -0.255  11.540  1.00 43.63  ? 36  G   A "C2'" 1 
ATOM   757  O  "O2'" . G   A 1 36 ? -12.689 -1.366  12.254  1.00 41.64  ? 36  G   A "O2'" 1 
ATOM   758  C  "C1'" . G   A 1 36 ? -12.639 1.023   12.242  1.00 38.98  ? 36  G   A "C1'" 1 
ATOM   759  N  N9    . G   A 1 36 ? -12.746 2.137   11.278  1.00 41.96  ? 36  G   A N9    1 
ATOM   760  C  C8    . G   A 1 36 ? -11.904 3.221   11.121  1.00 42.21  ? 36  G   A C8    1 
ATOM   761  N  N7    . G   A 1 36 ? -12.266 4.027   10.148  1.00 39.33  ? 36  G   A N7    1 
ATOM   762  C  C5    . G   A 1 36 ? -13.418 3.443   9.643   1.00 38.24  ? 36  G   A C5    1 
ATOM   763  C  C6    . G   A 1 36 ? -14.268 3.852   8.589   1.00 42.07  ? 36  G   A C6    1 
ATOM   764  O  O6    . G   A 1 36 ? -14.171 4.849   7.866   1.00 42.17  ? 36  G   A O6    1 
ATOM   765  N  N1    . G   A 1 36 ? -15.313 2.958   8.408   1.00 42.38  ? 36  G   A N1    1 
ATOM   766  C  C2    . G   A 1 36 ? -15.524 1.809   9.138   1.00 41.80  ? 36  G   A C2    1 
ATOM   767  N  N2    . G   A 1 36 ? -16.601 1.069   8.803   1.00 42.56  ? 36  G   A N2    1 
ATOM   768  N  N3    . G   A 1 36 ? -14.743 1.419   10.125  1.00 42.90  ? 36  G   A N3    1 
ATOM   769  C  C4    . G   A 1 36 ? -13.721 2.274   10.317  1.00 40.63  ? 36  G   A C4    1 
ATOM   770  P  P     . G   A 1 37 ? -9.376  -1.702  10.048  1.00 45.24  ? 37  G   A P     1 
ATOM   771  O  OP1   . G   A 1 37 ? -8.347  -2.764  10.213  1.00 46.97  ? 37  G   A OP1   1 
ATOM   772  O  OP2   . G   A 1 37 ? -9.029  -0.429  9.345   1.00 45.61  ? 37  G   A OP2   1 
ATOM   773  O  "O5'" . G   A 1 37 ? -10.603 -2.326  9.241   1.00 46.55  ? 37  G   A "O5'" 1 
ATOM   774  C  "C5'" . G   A 1 37 ? -11.455 -3.306  9.822   1.00 44.63  ? 37  G   A "C5'" 1 
ATOM   775  C  "C4'" . G   A 1 37 ? -12.697 -3.496  8.991   1.00 43.00  ? 37  G   A "C4'" 1 
ATOM   776  O  "O4'" . G   A 1 37 ? -13.539 -2.312  9.078   1.00 39.02  ? 37  G   A "O4'" 1 
ATOM   777  C  "C3'" . G   A 1 37 ? -12.474 -3.668  7.494   1.00 44.71  ? 37  G   A "C3'" 1 
ATOM   778  O  "O3'" . G   A 1 37 ? -12.087 -4.978  7.129   1.00 43.98  ? 37  G   A "O3'" 1 
ATOM   779  C  "C2'" . G   A 1 37 ? -13.820 -3.263  6.919   1.00 45.14  ? 37  G   A "C2'" 1 
ATOM   780  O  "O2'" . G   A 1 37 ? -14.761 -4.315  7.105   1.00 41.69  ? 37  G   A "O2'" 1 
ATOM   781  C  "C1'" . G   A 1 37 ? -14.204 -2.110  7.848   1.00 41.42  ? 37  G   A "C1'" 1 
ATOM   782  N  N9    . G   A 1 37 ? -13.823 -0.789  7.305   1.00 39.77  ? 37  G   A N9    1 
ATOM   783  C  C8    . G   A 1 37 ? -12.764 0.001   7.690   1.00 37.89  ? 37  G   A C8    1 
ATOM   784  N  N7    . G   A 1 37 ? -12.707 1.123   7.023   1.00 39.59  ? 37  G   A N7    1 
ATOM   785  C  C5    . G   A 1 37 ? -13.802 1.089   6.157   1.00 39.00  ? 37  G   A C5    1 
ATOM   786  C  C6    . G   A 1 37 ? -14.269 2.019   5.190   1.00 39.15  ? 37  G   A C6    1 
ATOM   787  O  O6    . G   A 1 37 ? -13.812 3.123   4.885   1.00 41.89  ? 37  G   A O6    1 
ATOM   788  N  N1    . G   A 1 37 ? -15.413 1.570   4.539   1.00 40.87  ? 37  G   A N1    1 
ATOM   789  C  C2    . G   A 1 37 ? -16.031 0.365   4.778   1.00 42.44  ? 37  G   A C2    1 
ATOM   790  N  N2    . G   A 1 37 ? -17.120 0.098   4.038   1.00 42.32  ? 37  G   A N2    1 
ATOM   791  N  N3    . G   A 1 37 ? -15.614 -0.509  5.674   1.00 41.61  ? 37  G   A N3    1 
ATOM   792  C  C4    . G   A 1 37 ? -14.495 -0.096  6.316   1.00 42.44  ? 37  G   A C4    1 
ATOM   793  P  P     . G   A 1 38 ? -11.094 -5.208  5.892   1.00 48.37  ? 38  G   A P     1 
ATOM   794  O  OP1   . G   A 1 38 ? -10.529 -6.583  5.999   1.00 47.43  ? 38  G   A OP1   1 
ATOM   795  O  OP2   . G   A 1 38 ? -10.114 -4.089  5.866   1.00 48.92  ? 38  G   A OP2   1 
ATOM   796  O  "O5'" . G   A 1 38 ? -12.060 -5.103  4.627   1.00 46.28  ? 38  G   A "O5'" 1 
ATOM   797  C  "C5'" . G   A 1 38 ? -13.258 -5.869  4.575   1.00 47.06  ? 38  G   A "C5'" 1 
ATOM   798  C  "C4'" . G   A 1 38 ? -14.124 -5.509  3.392   1.00 45.04  ? 38  G   A "C4'" 1 
ATOM   799  O  "O4'" . G   A 1 38 ? -14.855 -4.286  3.659   1.00 46.18  ? 38  G   A "O4'" 1 
ATOM   800  C  "C3'" . G   A 1 38 ? -13.397 -5.233  2.088   1.00 46.59  ? 38  G   A "C3'" 1 
ATOM   801  O  "O3'" . G   A 1 38 ? -13.059 -6.415  1.386   1.00 49.71  ? 38  G   A "O3'" 1 
ATOM   802  C  "C2'" . G   A 1 38 ? -14.389 -4.355  1.340   1.00 43.97  ? 38  G   A "C2'" 1 
ATOM   803  O  "O2'" . G   A 1 38 ? -15.437 -5.142  0.797   1.00 47.54  ? 38  G   A "O2'" 1 
ATOM   804  C  "C1'" . G   A 1 38 ? -14.960 -3.521  2.479   1.00 44.36  ? 38  G   A "C1'" 1 
ATOM   805  N  N9    . G   A 1 38 ? -14.192 -2.275  2.674   1.00 42.53  ? 38  G   A N9    1 
ATOM   806  C  C8    . G   A 1 38 ? -13.222 -2.051  3.619   1.00 42.95  ? 38  G   A C8    1 
ATOM   807  N  N7    . G   A 1 38 ? -12.721 -0.853  3.562   1.00 44.03  ? 38  G   A N7    1 
ATOM   808  C  C5    . G   A 1 38 ? -13.406 -0.249  2.519   1.00 41.24  ? 38  G   A C5    1 
ATOM   809  C  C6    . G   A 1 38 ? -13.294 1.065   1.994   1.00 41.24  ? 38  G   A C6    1 
ATOM   810  O  O6    . G   A 1 38 ? -12.539 1.973   2.357   1.00 38.95  ? 38  G   A O6    1 
ATOM   811  N  N1    . G   A 1 38 ? -14.173 1.277   0.939   1.00 39.88  ? 38  G   A N1    1 
ATOM   812  C  C2    . G   A 1 38 ? -15.048 0.338   0.446   1.00 42.80  ? 38  G   A C2    1 
ATOM   813  N  N2    . G   A 1 38 ? -15.814 0.730   -0.586  1.00 39.39  ? 38  G   A N2    1 
ATOM   814  N  N3    . G   A 1 38 ? -15.165 -0.886  0.939   1.00 41.32  ? 38  G   A N3    1 
ATOM   815  C  C4    . G   A 1 38 ? -14.320 -1.112  1.964   1.00 40.33  ? 38  G   A C4    1 
ATOM   816  P  P     . A   A 1 39 ? -11.729 -6.477  0.487   1.00 51.77  ? 39  A   A P     1 
ATOM   817  O  OP1   . A   A 1 39 ? -11.493 -7.897  0.120   1.00 54.35  ? 39  A   A OP1   1 
ATOM   818  O  OP2   . A   A 1 39 ? -10.659 -5.728  1.195   1.00 50.47  ? 39  A   A OP2   1 
ATOM   819  O  "O5'" . A   A 1 39 ? -12.101 -5.649  -0.824  1.00 48.32  ? 39  A   A "O5'" 1 
ATOM   820  C  "C5'" . A   A 1 39 ? -13.291 -5.917  -1.557  1.00 48.02  ? 39  A   A "C5'" 1 
ATOM   821  C  "C4'" . A   A 1 39 ? -13.617 -4.798  -2.517  1.00 47.31  ? 39  A   A "C4'" 1 
ATOM   822  O  "O4'" . A   A 1 39 ? -14.058 -3.623  -1.788  1.00 41.64  ? 39  A   A "O4'" 1 
ATOM   823  C  "C3'" . A   A 1 39 ? -12.460 -4.292  -3.360  1.00 48.21  ? 39  A   A "C3'" 1 
ATOM   824  O  "O3'" . A   A 1 39 ? -12.193 -5.115  -4.475  1.00 46.85  ? 39  A   A "O3'" 1 
ATOM   825  C  "C2'" . A   A 1 39 ? -12.907 -2.886  -3.729  1.00 45.64  ? 39  A   A "C2'" 1 
ATOM   826  O  "O2'" . A   A 1 39 ? -13.860 -2.921  -4.785  1.00 46.68  ? 39  A   A "O2'" 1 
ATOM   827  C  "C1'" . A   A 1 39 ? -13.605 -2.452  -2.439  1.00 43.53  ? 39  A   A "C1'" 1 
ATOM   828  N  N9    . A   A 1 39 ? -12.665 -1.761  -1.527  1.00 45.77  ? 39  A   A N9    1 
ATOM   829  C  C8    . A   A 1 39 ? -11.955 -2.310  -0.484  1.00 42.37  ? 39  A   A C8    1 
ATOM   830  N  N7    . A   A 1 39 ? -11.186 -1.466  0.161   1.00 42.14  ? 39  A   A N7    1 
ATOM   831  C  C5    . A   A 1 39 ? -11.394 -0.275  -0.505  1.00 39.49  ? 39  A   A C5    1 
ATOM   832  C  C6    . A   A 1 39 ? -10.854 0.999   -0.294  1.00 37.41  ? 39  A   A C6    1 
ATOM   833  N  N6    . A   A 1 39 ? -9.982  1.259   0.675   1.00 35.96  ? 39  A   A N6    1 
ATOM   834  N  N1    . A   A 1 39 ? -11.245 1.974   -1.123  1.00 37.22  ? 39  A   A N1    1 
ATOM   835  C  C2    . A   A 1 39 ? -12.131 1.685   -2.085  1.00 40.81  ? 39  A   A C2    1 
ATOM   836  N  N3    . A   A 1 39 ? -12.714 0.521   -2.392  1.00 36.89  ? 39  A   A N3    1 
ATOM   837  C  C4    . A   A 1 39 ? -12.294 -0.431  -1.546  1.00 41.47  ? 39  A   A C4    1 
ATOM   838  P  P     . C   A 1 40 ? -10.685 -5.341  -4.951  1.00 46.76  ? 40  C   A P     1 
ATOM   839  O  OP1   . C   A 1 40 ? -10.691 -6.428  -5.963  1.00 52.42  ? 40  C   A OP1   1 
ATOM   840  O  OP2   . C   A 1 40 ? -9.806  -5.460  -3.761  1.00 45.86  ? 40  C   A OP2   1 
ATOM   841  O  "O5'" . C   A 1 40 ? -10.313 -3.999  -5.710  1.00 45.32  ? 40  C   A "O5'" 1 
ATOM   842  C  "C5'" . C   A 1 40 ? -11.128 -3.505  -6.755  1.00 43.97  ? 40  C   A "C5'" 1 
ATOM   843  C  "C4'" . C   A 1 40 ? -10.798 -2.068  -7.054  1.00 45.92  ? 40  C   A "C4'" 1 
ATOM   844  O  "O4'" . C   A 1 40 ? -11.173 -1.225  -5.937  1.00 43.11  ? 40  C   A "O4'" 1 
ATOM   845  C  "C3'" . C   A 1 40 ? -9.327  -1.755  -7.267  1.00 42.37  ? 40  C   A "C3'" 1 
ATOM   846  O  "O3'" . C   A 1 40 ? -8.880  -2.079  -8.567  1.00 43.22  ? 40  C   A "O3'" 1 
ATOM   847  C  "C2'" . C   A 1 40 ? -9.267  -0.266  -6.978  1.00 42.54  ? 40  C   A "C2'" 1 
ATOM   848  O  "O2'" . C   A 1 40 ? -9.743  0.475   -8.087  1.00 39.66  ? 40  C   A "O2'" 1 
ATOM   849  C  "C1'" . C   A 1 40 ? -10.276 -0.136  -5.841  1.00 40.31  ? 40  C   A "C1'" 1 
ATOM   850  N  N1    . C   A 1 40 ? -9.595  -0.171  -4.528  1.00 39.96  ? 40  C   A N1    1 
ATOM   851  C  C2    . C   A 1 40 ? -9.017  1.019   -4.079  1.00 38.04  ? 40  C   A C2    1 
ATOM   852  O  O2    . C   A 1 40 ? -9.118  2.036   -4.781  1.00 38.49  ? 40  C   A O2    1 
ATOM   853  N  N3    . C   A 1 40 ? -8.387  1.029   -2.892  1.00 34.96  ? 40  C   A N3    1 
ATOM   854  C  C4    . C   A 1 40 ? -8.298  -0.075  -2.152  1.00 37.21  ? 40  C   A C4    1 
ATOM   855  N  N4    . C   A 1 40 ? -7.652  0.004   -0.985  1.00 36.63  ? 40  C   A N4    1 
ATOM   856  C  C5    . C   A 1 40 ? -8.870  -1.310  -2.588  1.00 41.51  ? 40  C   A C5    1 
ATOM   857  C  C6    . C   A 1 40 ? -9.495  -1.305  -3.773  1.00 37.60  ? 40  C   A C6    1 
ATOM   858  P  P     . U   A 1 41 ? -7.433  -2.735  -8.784  1.00 49.05  ? 41  U   A P     1 
ATOM   859  O  OP1   . U   A 1 41 ? -7.358  -3.232  -10.182 1.00 50.37  ? 41  U   A OP1   1 
ATOM   860  O  OP2   . U   A 1 41 ? -7.144  -3.649  -7.656  1.00 41.75  ? 41  U   A OP2   1 
ATOM   861  O  "O5'" . U   A 1 41 ? -6.427  -1.513  -8.683  1.00 38.54  ? 41  U   A "O5'" 1 
ATOM   862  C  "C5'" . U   A 1 41 ? -6.562  -0.397  -9.539  1.00 42.56  ? 41  U   A "C5'" 1 
ATOM   863  C  "C4'" . U   A 1 41 ? -5.994  0.850   -8.914  1.00 42.13  ? 41  U   A "C4'" 1 
ATOM   864  O  "O4'" . U   A 1 41 ? -6.690  1.151   -7.674  1.00 44.43  ? 41  U   A "O4'" 1 
ATOM   865  C  "C3'" . U   A 1 41 ? -4.542  0.793   -8.496  1.00 41.35  ? 41  U   A "C3'" 1 
ATOM   866  O  "O3'" . U   A 1 41 ? -3.641  0.924   -9.578  1.00 44.72  ? 41  U   A "O3'" 1 
ATOM   867  C  "C2'" . U   A 1 41 ? -4.468  1.933   -7.493  1.00 40.69  ? 41  U   A "C2'" 1 
ATOM   868  O  "O2'" . U   A 1 41 ? -4.491  3.174   -8.170  1.00 42.64  ? 41  U   A "O2'" 1 
ATOM   869  C  "C1'" . U   A 1 41 ? -5.802  1.771   -6.766  1.00 39.82  ? 41  U   A "C1'" 1 
ATOM   870  N  N1    . U   A 1 41 ? -5.638  0.923   -5.558  1.00 36.76  ? 41  U   A N1    1 
ATOM   871  C  C2    . U   A 1 41 ? -5.079  1.511   -4.441  1.00 35.50  ? 41  U   A C2    1 
ATOM   872  O  O2    . U   A 1 41 ? -4.778  2.694   -4.425  1.00 34.41  ? 41  U   A O2    1 
ATOM   873  N  N3    . U   A 1 41 ? -4.900  0.675   -3.359  1.00 35.84  ? 41  U   A N3    1 
ATOM   874  C  C4    . U   A 1 41 ? -5.205  -0.664  -3.291  1.00 34.03  ? 41  U   A C4    1 
ATOM   875  O  O4    . U   A 1 41 ? -5.000  -1.310  -2.266  1.00 38.07  ? 41  U   A O4    1 
ATOM   876  C  C5    . U   A 1 41 ? -5.771  -1.204  -4.490  1.00 39.31  ? 41  U   A C5    1 
ATOM   877  C  C6    . U   A 1 41 ? -5.951  -0.419  -5.550  1.00 37.05  ? 41  U   A C6    1 
ATOM   878  P  P     . A   A 1 42 ? -2.166  0.287   -9.496  1.00 40.59  ? 42  A   A P     1 
ATOM   879  O  OP1   . A   A 1 42 ? -1.412  0.701   -10.694 1.00 38.91  ? 42  A   A OP1   1 
ATOM   880  O  OP2   . A   A 1 42 ? -2.234  -1.125  -9.065  1.00 41.82  ? 42  A   A OP2   1 
ATOM   881  O  "O5'" . A   A 1 42 ? -1.472  1.079   -8.304  1.00 42.16  ? 42  A   A "O5'" 1 
ATOM   882  C  "C5'" . A   A 1 42 ? -1.167  2.455   -8.435  1.00 40.86  ? 42  A   A "C5'" 1 
ATOM   883  C  "C4'" . A   A 1 42 ? -0.706  3.024   -7.122  1.00 36.67  ? 42  A   A "C4'" 1 
ATOM   884  O  "O4'" . A   A 1 42 ? -1.686  2.756   -6.087  1.00 40.20  ? 42  A   A "O4'" 1 
ATOM   885  C  "C3'" . A   A 1 42 ? 0.565   2.418   -6.572  1.00 37.40  ? 42  A   A "C3'" 1 
ATOM   886  O  "O3'" . A   A 1 42 ? 1.714   2.951   -7.187  1.00 42.59  ? 42  A   A "O3'" 1 
ATOM   887  C  "C2'" . A   A 1 42 ? 0.468   2.742   -5.090  1.00 36.21  ? 42  A   A "C2'" 1 
ATOM   888  O  "O2'" . A   A 1 42 ? 0.813   4.097   -4.884  1.00 39.50  ? 42  A   A "O2'" 1 
ATOM   889  C  "C1'" . A   A 1 42 ? -1.030  2.574   -4.844  1.00 36.39  ? 42  A   A "C1'" 1 
ATOM   890  N  N9    . A   A 1 42 ? -1.378  1.232   -4.318  1.00 33.65  ? 42  A   A N9    1 
ATOM   891  C  C8    . A   A 1 42 ? -1.934  0.172   -5.005  1.00 37.30  ? 42  A   A C8    1 
ATOM   892  N  N7    . A   A 1 42 ? -2.142  -0.897  -4.263  1.00 35.67  ? 42  A   A N7    1 
ATOM   893  C  C5    . A   A 1 42 ? -1.689  -0.526  -3.005  1.00 36.31  ? 42  A   A C5    1 
ATOM   894  C  C6    . A   A 1 42 ? -1.629  -1.204  -1.777  1.00 35.11  ? 42  A   A C6    1 
ATOM   895  N  N6    . A   A 1 42 ? -2.044  -2.464  -1.577  1.00 34.63  ? 42  A   A N6    1 
ATOM   896  N  N1    . A   A 1 42 ? -1.127  -0.530  -0.722  1.00 36.31  ? 42  A   A N1    1 
ATOM   897  C  C2    . A   A 1 42 ? -0.721  0.722   -0.899  1.00 34.27  ? 42  A   A C2    1 
ATOM   898  N  N3    . A   A 1 42 ? -0.725  1.456   -2.002  1.00 33.25  ? 42  A   A N3    1 
ATOM   899  C  C4    . A   A 1 42 ? -1.225  0.776   -3.031  1.00 34.55  ? 42  A   A C4    1 
ATOM   900  P  P     . C   A 1 43 ? 2.955   2.000   -7.522  1.00 42.02  ? 43  C   A P     1 
ATOM   901  O  OP1   . C   A 1 43 ? 3.861   2.774   -8.409  1.00 44.61  ? 43  C   A OP1   1 
ATOM   902  O  OP2   . C   A 1 43 ? 2.415   0.669   -7.923  1.00 37.93  ? 43  C   A OP2   1 
ATOM   903  O  "O5'" . C   A 1 43 ? 3.706   1.869   -6.131  1.00 38.46  ? 43  C   A "O5'" 1 
ATOM   904  C  "C5'" . C   A 1 43 ? 4.229   3.028   -5.507  1.00 39.50  ? 43  C   A "C5'" 1 
ATOM   905  C  "C4'" . C   A 1 43 ? 4.396   2.847   -4.026  1.00 37.09  ? 43  C   A "C4'" 1 
ATOM   906  O  "O4'" . C   A 1 43 ? 3.118   2.548   -3.401  1.00 37.25  ? 43  C   A "O4'" 1 
ATOM   907  C  "C3'" . C   A 1 43 ? 5.287   1.701   -3.584  1.00 36.15  ? 43  C   A "C3'" 1 
ATOM   908  O  "O3'" . C   A 1 43 ? 6.668   1.987   -3.703  1.00 37.41  ? 43  C   A "O3'" 1 
ATOM   909  C  "C2'" . C   A 1 43 ? 4.825   1.481   -2.153  1.00 36.63  ? 43  C   A "C2'" 1 
ATOM   910  O  "O2'" . C   A 1 43 ? 5.300   2.538   -1.338  1.00 38.94  ? 43  C   A "O2'" 1 
ATOM   911  C  "C1'" . C   A 1 43 ? 3.317   1.668   -2.310  1.00 36.23  ? 43  C   A "C1'" 1 
ATOM   912  N  N1    . C   A 1 43 ? 2.641   0.386   -2.601  1.00 36.35  ? 43  C   A N1    1 
ATOM   913  C  C2    . C   A 1 43 ? 2.425   -0.525  -1.564  1.00 35.13  ? 43  C   A C2    1 
ATOM   914  O  O2    . C   A 1 43 ? 2.796   -0.247  -0.428  1.00 35.60  ? 43  C   A O2    1 
ATOM   915  N  N3    . C   A 1 43 ? 1.814   -1.709  -1.809  1.00 36.50  ? 43  C   A N3    1 
ATOM   916  C  C4    . C   A 1 43 ? 1.425   -1.997  -3.051  1.00 37.82  ? 43  C   A C4    1 
ATOM   917  N  N4    . C   A 1 43 ? 0.833   -3.171  -3.253  1.00 34.95  ? 43  C   A N4    1 
ATOM   918  C  C5    . C   A 1 43 ? 1.634   -1.106  -4.136  1.00 33.05  ? 43  C   A C5    1 
ATOM   919  C  C6    . C   A 1 43 ? 2.243   0.064   -3.871  1.00 37.62  ? 43  C   A C6    1 
ATOM   920  P  P     . G   A 1 44 ? 7.641   0.921   -4.414  1.00 37.52  ? 44  G   A P     1 
ATOM   921  O  OP1   . G   A 1 44 ? 8.820   1.689   -4.868  1.00 43.25  ? 44  G   A OP1   1 
ATOM   922  O  OP2   . G   A 1 44 ? 6.836   0.102   -5.366  1.00 40.54  ? 44  G   A OP2   1 
ATOM   923  O  "O5'" . G   A 1 44 ? 8.128   -0.017  -3.229  1.00 42.17  ? 44  G   A "O5'" 1 
ATOM   924  C  "C5'" . G   A 1 44 ? 8.575   0.562   -2.020  1.00 40.79  ? 44  G   A "C5'" 1 
ATOM   925  C  "C4'" . G   A 1 44 ? 8.507   -0.405  -0.869  1.00 44.13  ? 44  G   A "C4'" 1 
ATOM   926  O  "O4'" . G   A 1 44 ? 7.134   -0.637  -0.469  1.00 42.35  ? 44  G   A "O4'" 1 
ATOM   927  C  "C3'" . G   A 1 44 ? 9.038   -1.795  -1.126  1.00 41.61  ? 44  G   A "C3'" 1 
ATOM   928  O  "O3'" . G   A 1 44 ? 10.449  -1.856  -1.142  1.00 46.17  ? 44  G   A "O3'" 1 
ATOM   929  C  "C2'" . G   A 1 44 ? 8.393   -2.582  0.004   1.00 43.61  ? 44  G   A "C2'" 1 
ATOM   930  O  "O2'" . G   A 1 44 ? 9.029   -2.288  1.244   1.00 40.84  ? 44  G   A "O2'" 1 
ATOM   931  C  "C1'" . G   A 1 44 ? 7.005   -1.949  0.031   1.00 38.82  ? 44  G   A "C1'" 1 
ATOM   932  N  N9    . G   A 1 44 ? 6.045   -2.671  -0.821  1.00 37.83  ? 44  G   A N9    1 
ATOM   933  C  C8    . G   A 1 44 ? 5.520   -2.238  -2.016  1.00 38.04  ? 44  G   A C8    1 
ATOM   934  N  N7    . G   A 1 44 ? 4.668   -3.081  -2.534  1.00 34.02  ? 44  G   A N7    1 
ATOM   935  C  C5    . G   A 1 44 ? 4.634   -4.127  -1.629  1.00 35.12  ? 44  G   A C5    1 
ATOM   936  C  C6    . G   A 1 44 ? 3.890   -5.331  -1.663  1.00 38.96  ? 44  G   A C6    1 
ATOM   937  O  O6    . G   A 1 44 ? 3.097   -5.703  -2.537  1.00 35.64  ? 44  G   A O6    1 
ATOM   938  N  N1    . G   A 1 44 ? 4.141   -6.123  -0.536  1.00 38.06  ? 44  G   A N1    1 
ATOM   939  C  C2    . G   A 1 44 ? 5.004   -5.791  0.481   1.00 38.62  ? 44  G   A C2    1 
ATOM   940  N  N2    . G   A 1 44 ? 5.123   -6.674  1.476   1.00 37.04  ? 44  G   A N2    1 
ATOM   941  N  N3    . G   A 1 44 ? 5.707   -4.666  0.526   1.00 40.03  ? 44  G   A N3    1 
ATOM   942  C  C4    . G   A 1 44 ? 5.471   -3.888  -0.559  1.00 37.80  ? 44  G   A C4    1 
ATOM   943  P  P     . G   A 1 45 ? 11.183  -2.902  -2.112  1.00 43.49  ? 45  G   A P     1 
ATOM   944  O  OP1   . G   A 1 45 ? 12.625  -2.574  -2.035  1.00 53.19  ? 45  G   A OP1   1 
ATOM   945  O  OP2   . G   A 1 45 ? 10.520  -2.921  -3.430  1.00 47.21  ? 45  G   A OP2   1 
ATOM   946  O  "O5'" . G   A 1 45 ? 10.927  -4.316  -1.429  1.00 43.76  ? 45  G   A "O5'" 1 
ATOM   947  C  "C5'" . G   A 1 45 ? 11.370  -4.559  -0.106  1.00 45.78  ? 45  G   A "C5'" 1 
ATOM   948  C  "C4'" . G   A 1 45 ? 10.873  -5.880  0.414   1.00 43.29  ? 45  G   A "C4'" 1 
ATOM   949  O  "O4'" . G   A 1 45 ? 9.427   -5.876  0.503   1.00 44.18  ? 45  G   A "O4'" 1 
ATOM   950  C  "C3'" . G   A 1 45 ? 11.174  -7.087  -0.447  1.00 44.19  ? 45  G   A "C3'" 1 
ATOM   951  O  "O3'" . G   A 1 45 ? 12.508  -7.524  -0.317  1.00 45.30  ? 45  G   A "O3'" 1 
ATOM   952  C  "C2'" . G   A 1 45 ? 10.147  -8.098  0.040   1.00 44.62  ? 45  G   A "C2'" 1 
ATOM   953  O  "O2'" . G   A 1 45 ? 10.567  -8.715  1.247   1.00 46.54  ? 45  G   A "O2'" 1 
ATOM   954  C  "C1'" . G   A 1 45 ? 8.941   -7.190  0.326   1.00 45.16  ? 45  G   A "C1'" 1 
ATOM   955  N  N9    . G   A 1 45 ? 7.987   -7.201  -0.797  1.00 40.86  ? 45  G   A N9    1 
ATOM   956  C  C8    . G   A 1 45 ? 7.799   -6.284  -1.802  1.00 39.65  ? 45  G   A C8    1 
ATOM   957  N  N7    . G   A 1 45 ? 6.867   -6.656  -2.647  1.00 36.12  ? 45  G   A N7    1 
ATOM   958  C  C5    . G   A 1 45 ? 6.430   -7.881  -2.168  1.00 38.90  ? 45  G   A C5    1 
ATOM   959  C  C6    . G   A 1 45 ? 5.433   -8.775  -2.643  1.00 40.83  ? 45  G   A C6    1 
ATOM   960  O  O6    . G   A 1 45 ? 4.696   -8.648  -3.629  1.00 39.56  ? 45  G   A O6    1 
ATOM   961  N  N1    . G   A 1 45 ? 5.322   -9.909  -1.828  1.00 41.85  ? 45  G   A N1    1 
ATOM   962  C  C2    . G   A 1 45 ? 6.082   -10.151 -0.709  1.00 38.95  ? 45  G   A C2    1 
ATOM   963  N  N2    . G   A 1 45 ? 5.860   -11.292 -0.048  1.00 39.23  ? 45  G   A N2    1 
ATOM   964  N  N3    . G   A 1 45 ? 7.004   -9.319  -0.268  1.00 40.60  ? 45  G   A N3    1 
ATOM   965  C  C4    . G   A 1 45 ? 7.112   -8.223  -1.031  1.00 38.78  ? 45  G   A C4    1 
ATOM   966  P  P     . G   A 1 46 ? 13.333  -7.989  -1.609  1.00 47.39  ? 46  G   A P     1 
ATOM   967  O  OP1   . G   A 1 46 ? 14.605  -8.534  -1.062  1.00 48.31  ? 46  G   A OP1   1 
ATOM   968  O  OP2   . G   A 1 46 ? 13.366  -6.913  -2.619  1.00 38.23  ? 46  G   A OP2   1 
ATOM   969  O  "O5'" . G   A 1 46 ? 12.480  -9.176  -2.224  1.00 43.92  ? 46  G   A "O5'" 1 
ATOM   970  C  "C5'" . G   A 1 46 ? 12.333  -10.414 -1.551  1.00 44.31  ? 46  G   A "C5'" 1 
ATOM   971  C  "C4'" . G   A 1 46 ? 11.321  -11.299 -2.239  1.00 43.41  ? 46  G   A "C4'" 1 
ATOM   972  O  "O4'" . G   A 1 46 ? 10.007  -10.681 -2.208  1.00 44.32  ? 46  G   A "O4'" 1 
ATOM   973  C  "C3'" . G   A 1 46 ? 11.554  -11.593 -3.712  1.00 46.40  ? 46  G   A "C3'" 1 
ATOM   974  O  "O3'" . G   A 1 46 ? 12.507  -12.620 -3.922  1.00 47.76  ? 46  G   A "O3'" 1 
ATOM   975  C  "C2'" . G   A 1 46 ? 10.161  -11.986 -4.190  1.00 44.26  ? 46  G   A "C2'" 1 
ATOM   976  O  "O2'" . G   A 1 46 ? 9.874   -13.332 -3.848  1.00 47.73  ? 46  G   A "O2'" 1 
ATOM   977  C  "C1'" . G   A 1 46 ? 9.273   -11.056 -3.354  1.00 43.40  ? 46  G   A "C1'" 1 
ATOM   978  N  N9    . G   A 1 46 ? 8.924   -9.855  -4.131  1.00 40.53  ? 46  G   A N9    1 
ATOM   979  C  C8    . G   A 1 46 ? 9.657   -8.697  -4.241  1.00 40.43  ? 46  G   A C8    1 
ATOM   980  N  N7    . G   A 1 46 ? 9.118   -7.812  -5.043  1.00 38.85  ? 46  G   A N7    1 
ATOM   981  C  C5    . G   A 1 46 ? 7.964   -8.442  -5.506  1.00 39.14  ? 46  G   A C5    1 
ATOM   982  C  C6    . G   A 1 46 ? 6.977   -7.973  -6.420  1.00 38.57  ? 46  G   A C6    1 
ATOM   983  O  O6    . G   A 1 46 ? 6.929   -6.872  -7.006  1.00 35.66  ? 46  G   A O6    1 
ATOM   984  N  N1    . G   A 1 46 ? 5.974   -8.929  -6.608  1.00 36.18  ? 46  G   A N1    1 
ATOM   985  C  C2    . G   A 1 46 ? 5.934   -10.167 -6.014  1.00 38.30  ? 46  G   A C2    1 
ATOM   986  N  N2    . G   A 1 46 ? 4.886   -10.945 -6.326  1.00 40.23  ? 46  G   A N2    1 
ATOM   987  N  N3    . G   A 1 46 ? 6.852   -10.612 -5.165  1.00 39.35  ? 46  G   A N3    1 
ATOM   988  C  C4    . G   A 1 46 ? 7.839   -9.706  -4.968  1.00 39.32  ? 46  G   A C4    1 
ATOM   989  P  P     . A   A 1 47 ? 13.910  -12.325 -4.645  1.00 51.31  ? 47  A   A P     1 
ATOM   990  O  OP1   . A   A 1 47 ? 14.970  -12.249 -3.604  1.00 48.83  ? 47  A   A OP1   1 
ATOM   991  O  OP2   . A   A 1 47 ? 13.749  -11.206 -5.593  1.00 47.08  ? 47  A   A OP2   1 
ATOM   992  O  "O5'" . A   A 1 47 ? 14.173  -13.652 -5.475  1.00 46.53  ? 47  A   A "O5'" 1 
ATOM   993  C  "C5'" . A   A 1 47 ? 14.297  -14.907 -4.830  1.00 48.70  ? 47  A   A "C5'" 1 
ATOM   994  C  "C4'" . A   A 1 47 ? 13.518  -15.971 -5.555  1.00 49.46  ? 47  A   A "C4'" 1 
ATOM   995  O  "O4'" . A   A 1 47 ? 12.106  -15.646 -5.514  1.00 50.61  ? 47  A   A "O4'" 1 
ATOM   996  C  "C3'" . A   A 1 47 ? 13.817  -16.130 -7.040  1.00 48.96  ? 47  A   A "C3'" 1 
ATOM   997  O  "O3'" . A   A 1 47 ? 14.955  -16.933 -7.295  1.00 53.41  ? 47  A   A "O3'" 1 
ATOM   998  C  "C2'" . A   A 1 47 ? 12.534  -16.745 -7.564  1.00 48.01  ? 47  A   A "C2'" 1 
ATOM   999  O  "O2'" . A   A 1 47 ? 12.485  -18.117 -7.213  1.00 50.47  ? 47  A   A "O2'" 1 
ATOM   1000 C  "C1'" . A   A 1 47 ? 11.494  -15.999 -6.735  1.00 48.12  ? 47  A   A "C1'" 1 
ATOM   1001 N  N9    . A   A 1 47 ? 11.078  -14.754 -7.401  1.00 46.72  ? 47  A   A N9    1 
ATOM   1002 C  C8    . A   A 1 47 ? 11.388  -13.474 -7.015  1.00 48.36  ? 47  A   A C8    1 
ATOM   1003 N  N7    . A   A 1 47 ? 10.892  -12.546 -7.801  1.00 45.81  ? 47  A   A N7    1 
ATOM   1004 C  C5    . A   A 1 47 ? 10.215  -13.265 -8.773  1.00 43.62  ? 47  A   A C5    1 
ATOM   1005 C  C6    . A   A 1 47 ? 9.474   -12.849 -9.897  1.00 40.28  ? 47  A   A C6    1 
ATOM   1006 N  N6    . A   A 1 47 ? 9.297   -11.570 -10.231 1.00 40.08  ? 47  A   A N6    1 
ATOM   1007 N  N1    . A   A 1 47 ? 8.928   -13.804 -10.671 1.00 40.37  ? 47  A   A N1    1 
ATOM   1008 C  C2    . A   A 1 47 ? 9.118   -15.086 -10.324 1.00 44.20  ? 47  A   A C2    1 
ATOM   1009 N  N3    . A   A 1 47 ? 9.791   -15.606 -9.293  1.00 44.00  ? 47  A   A N3    1 
ATOM   1010 C  C4    . A   A 1 47 ? 10.322  -14.626 -8.543  1.00 45.28  ? 47  A   A C4    1 
ATOM   1011 P  P     . G   A 1 48 ? 15.971  -16.558 -8.481  1.00 51.82  ? 48  G   A P     1 
ATOM   1012 O  OP1   . G   A 1 48 ? 16.913  -17.697 -8.656  1.00 57.85  ? 48  G   A OP1   1 
ATOM   1013 O  OP2   . G   A 1 48 ? 16.525  -15.204 -8.220  1.00 49.97  ? 48  G   A OP2   1 
ATOM   1014 O  "O5'" . G   A 1 48 ? 15.045  -16.496 -9.771  1.00 48.04  ? 48  G   A "O5'" 1 
ATOM   1015 C  "C5'" . G   A 1 48 ? 14.496  -17.674 -10.341 1.00 45.01  ? 48  G   A "C5'" 1 
ATOM   1016 C  "C4'" . G   A 1 48 ? 13.613  -17.338 -11.511 1.00 46.50  ? 48  G   A "C4'" 1 
ATOM   1017 O  "O4'" . G   A 1 48 ? 12.522  -16.489 -11.067 1.00 44.93  ? 48  G   A "O4'" 1 
ATOM   1018 C  "C3'" . G   A 1 48 ? 14.269  -16.544 -12.630 1.00 43.24  ? 48  G   A "C3'" 1 
ATOM   1019 O  "O3'" . G   A 1 48 ? 15.000  -17.364 -13.523 1.00 43.42  ? 48  G   A "O3'" 1 
ATOM   1020 C  "C2'" . G   A 1 48 ? 13.085  -15.851 -13.281 1.00 40.69  ? 48  G   A "C2'" 1 
ATOM   1021 O  "O2'" . G   A 1 48 ? 12.376  -16.759 -14.119 1.00 39.82  ? 48  G   A "O2'" 1 
ATOM   1022 C  "C1'" . G   A 1 48 ? 12.216  -15.540 -12.062 1.00 39.58  ? 48  G   A "C1'" 1 
ATOM   1023 N  N9    . G   A 1 48 ? 12.487  -14.199 -11.510 1.00 40.31  ? 48  G   A N9    1 
ATOM   1024 C  C8    . G   A 1 48 ? 13.160  -13.872 -10.355 1.00 43.47  ? 48  G   A C8    1 
ATOM   1025 N  N7    . G   A 1 48 ? 13.209  -12.575 -10.149 1.00 41.45  ? 48  G   A N7    1 
ATOM   1026 C  C5    . G   A 1 48 ? 12.519  -12.025 -11.225 1.00 41.74  ? 48  G   A C5    1 
ATOM   1027 C  C6    . G   A 1 48 ? 12.226  -10.674 -11.561 1.00 42.78  ? 48  G   A C6    1 
ATOM   1028 O  O6    . G   A 1 48 ? 12.537  -9.646  -10.952 1.00 41.12  ? 48  G   A O6    1 
ATOM   1029 N  N1    . G   A 1 48 ? 11.504  -10.572 -12.748 1.00 39.51  ? 48  G   A N1    1 
ATOM   1030 C  C2    . G   A 1 48 ? 11.092  -11.641 -13.515 1.00 42.06  ? 48  G   A C2    1 
ATOM   1031 N  N2    . G   A 1 48 ? 10.395  -11.357 -14.634 1.00 40.09  ? 48  G   A N2    1 
ATOM   1032 N  N3    . G   A 1 48 ? 11.358  -12.899 -13.203 1.00 40.06  ? 48  G   A N3    1 
ATOM   1033 C  C4    . G   A 1 48 ? 12.065  -13.014 -12.065 1.00 41.31  ? 48  G   A C4    1 
ATOM   1034 P  P     . C   A 1 49 ? 16.390  -16.852 -14.136 1.00 43.11  ? 49  C   A P     1 
ATOM   1035 O  OP1   . C   A 1 49 ? 16.960  -17.967 -14.946 1.00 40.85  ? 49  C   A OP1   1 
ATOM   1036 O  OP2   . C   A 1 49 ? 17.189  -16.203 -13.077 1.00 46.28  ? 49  C   A OP2   1 
ATOM   1037 O  "O5'" . C   A 1 49 ? 15.949  -15.745 -15.184 1.00 42.15  ? 49  C   A "O5'" 1 
ATOM   1038 C  "C5'" . C   A 1 49 ? 15.113  -16.084 -16.278 1.00 41.51  ? 49  C   A "C5'" 1 
ATOM   1039 C  "C4'" . C   A 1 49 ? 14.548  -14.847 -16.924 1.00 39.33  ? 49  C   A "C4'" 1 
ATOM   1040 O  "O4'" . C   A 1 49 ? 13.668  -14.163 -15.988 1.00 41.76  ? 49  C   A "O4'" 1 
ATOM   1041 C  "C3'" . C   A 1 49 ? 15.574  -13.793 -17.281 1.00 41.55  ? 49  C   A "C3'" 1 
ATOM   1042 O  "O3'" . C   A 1 49 ? 16.297  -14.078 -18.465 1.00 43.32  ? 49  C   A "O3'" 1 
ATOM   1043 C  "C2'" . C   A 1 49 ? 14.734  -12.523 -17.326 1.00 38.51  ? 49  C   A "C2'" 1 
ATOM   1044 O  "O2'" . C   A 1 49 ? 13.966  -12.459 -18.517 1.00 43.41  ? 49  C   A "O2'" 1 
ATOM   1045 C  "C1'" . C   A 1 49 ? 13.788  -12.764 -16.153 1.00 41.11  ? 49  C   A "C1'" 1 
ATOM   1046 N  N1    . C   A 1 49 ? 14.341  -12.186 -14.907 1.00 37.88  ? 49  C   A N1    1 
ATOM   1047 C  C2    . C   A 1 49 ? 14.169  -10.822 -14.737 1.00 35.97  ? 49  C   A C2    1 
ATOM   1048 O  O2    . C   A 1 49 ? 13.544  -10.199 -15.606 1.00 37.01  ? 49  C   A O2    1 
ATOM   1049 N  N3    . C   A 1 49 ? 14.662  -10.224 -13.639 1.00 38.49  ? 49  C   A N3    1 
ATOM   1050 C  C4    . C   A 1 49 ? 15.325  -10.950 -12.730 1.00 39.39  ? 49  C   A C4    1 
ATOM   1051 N  N4    . C   A 1 49 ? 15.798  -10.302 -11.659 1.00 38.78  ? 49  C   A N4    1 
ATOM   1052 C  C5    . C   A 1 49 ? 15.525  -12.357 -12.888 1.00 38.21  ? 49  C   A C5    1 
ATOM   1053 C  C6    . C   A 1 49 ? 15.026  -12.929 -13.985 1.00 37.82  ? 49  C   A C6    1 
ATOM   1054 P  P     . G   A 1 50 ? 17.818  -13.574 -18.585 1.00 42.07  ? 50  G   A P     1 
ATOM   1055 O  OP1   . G   A 1 50 ? 18.396  -14.255 -19.781 1.00 41.39  ? 50  G   A OP1   1 
ATOM   1056 O  OP2   . G   A 1 50 ? 18.468  -13.725 -17.257 1.00 41.05  ? 50  G   A OP2   1 
ATOM   1057 O  "O5'" . G   A 1 50 ? 17.647  -12.038 -18.952 1.00 42.04  ? 50  G   A "O5'" 1 
ATOM   1058 C  "C5'" . G   A 1 50 ? 16.892  -11.665 -20.089 1.00 39.55  ? 50  G   A "C5'" 1 
ATOM   1059 C  "C4'" . G   A 1 50 ? 16.700  -10.175 -20.162 1.00 39.43  ? 50  G   A "C4'" 1 
ATOM   1060 O  "O4'" . G   A 1 50 ? 15.937  -9.712  -19.022 1.00 40.40  ? 50  G   A "O4'" 1 
ATOM   1061 C  "C3'" . G   A 1 50 ? 17.951  -9.320  -20.123 1.00 35.87  ? 50  G   A "C3'" 1 
ATOM   1062 O  "O3'" . G   A 1 50 ? 18.624  -9.282  -21.365 1.00 38.02  ? 50  G   A "O3'" 1 
ATOM   1063 C  "C2'" . G   A 1 50 ? 17.398  -7.971  -19.690 1.00 38.84  ? 50  G   A "C2'" 1 
ATOM   1064 O  "O2'" . G   A 1 50 ? 16.741  -7.350  -20.781 1.00 38.78  ? 50  G   A "O2'" 1 
ATOM   1065 C  "C1'" . G   A 1 50 ? 16.335  -8.398  -18.683 1.00 40.18  ? 50  G   A "C1'" 1 
ATOM   1066 N  N9    . G   A 1 50 ? 16.868  -8.412  -17.308 1.00 37.31  ? 50  G   A N9    1 
ATOM   1067 C  C8    . G   A 1 50 ? 17.194  -9.488  -16.520 1.00 38.82  ? 50  G   A C8    1 
ATOM   1068 N  N7    . G   A 1 50 ? 17.639  -9.147  -15.336 1.00 36.89  ? 50  G   A N7    1 
ATOM   1069 C  C5    . G   A 1 50 ? 17.623  -7.755  -15.357 1.00 38.12  ? 50  G   A C5    1 
ATOM   1070 C  C6    . G   A 1 50 ? 17.993  -6.815  -14.365 1.00 37.22  ? 50  G   A C6    1 
ATOM   1071 O  O6    . G   A 1 50 ? 18.445  -7.021  -13.228 1.00 37.88  ? 50  G   A O6    1 
ATOM   1072 N  N1    . G   A 1 50 ? 17.812  -5.517  -14.827 1.00 38.71  ? 50  G   A N1    1 
ATOM   1073 C  C2    . G   A 1 50 ? 17.322  -5.176  -16.061 1.00 37.28  ? 50  G   A C2    1 
ATOM   1074 N  N2    . G   A 1 50 ? 17.216  -3.876  -16.314 1.00 42.39  ? 50  G   A N2    1 
ATOM   1075 N  N3    . G   A 1 50 ? 16.969  -6.038  -16.995 1.00 38.60  ? 50  G   A N3    1 
ATOM   1076 C  C4    . G   A 1 50 ? 17.146  -7.296  -16.567 1.00 36.39  ? 50  G   A C4    1 
ATOM   1077 P  P     . C   A 1 51 ? 20.224  -9.195  -21.417 1.00 43.01  ? 51  C   A P     1 
ATOM   1078 O  OP1   . C   A 1 51 ? 20.627  -9.231  -22.831 1.00 39.88  ? 51  C   A OP1   1 
ATOM   1079 O  OP2   . C   A 1 51 ? 20.839  -10.068 -20.386 1.00 38.27  ? 51  C   A OP2   1 
ATOM   1080 O  "O5'" . C   A 1 51 ? 20.532  -7.697  -20.961 1.00 40.20  ? 51  C   A "O5'" 1 
ATOM   1081 C  "C5'" . C   A 1 51 ? 20.000  -6.595  -21.682 1.00 39.88  ? 51  C   A "C5'" 1 
ATOM   1082 C  "C4'" . C   A 1 51 ? 20.207  -5.295  -20.943 1.00 39.86  ? 51  C   A "C4'" 1 
ATOM   1083 O  "O4'" . C   A 1 51 ? 19.446  -5.291  -19.708 1.00 39.40  ? 51  C   A "O4'" 1 
ATOM   1084 C  "C3'" . C   A 1 51 ? 21.626  -5.007  -20.501 1.00 40.96  ? 51  C   A "C3'" 1 
ATOM   1085 O  "O3'" . C   A 1 51 ? 22.427  -4.494  -21.549 1.00 41.37  ? 51  C   A "O3'" 1 
ATOM   1086 C  "C2'" . C   A 1 51 ? 21.419  -4.028  -19.358 1.00 39.19  ? 51  C   A "C2'" 1 
ATOM   1087 O  "O2'" . C   A 1 51 ? 21.119  -2.737  -19.870 1.00 39.73  ? 51  C   A "O2'" 1 
ATOM   1088 C  "C1'" . C   A 1 51 ? 20.157  -4.594  -18.709 1.00 40.49  ? 51  C   A "C1'" 1 
ATOM   1089 N  N1    . C   A 1 51 ? 20.475  -5.540  -17.610 1.00 37.78  ? 51  C   A N1    1 
ATOM   1090 C  C2    . C   A 1 51 ? 20.822  -4.991  -16.380 1.00 38.91  ? 51  C   A C2    1 
ATOM   1091 O  O2    . C   A 1 51 ? 20.835  -3.755  -16.289 1.00 36.19  ? 51  C   A O2    1 
ATOM   1092 N  N3    . C   A 1 51 ? 21.126  -5.808  -15.349 1.00 37.16  ? 51  C   A N3    1 
ATOM   1093 C  C4    . C   A 1 51 ? 21.085  -7.128  -15.509 1.00 39.40  ? 51  C   A C4    1 
ATOM   1094 N  N4    . C   A 1 51 ? 21.389  -7.887  -14.450 1.00 35.17  ? 51  C   A N4    1 
ATOM   1095 C  C5    . C   A 1 51 ? 20.734  -7.725  -16.761 1.00 36.68  ? 51  C   A C5    1 
ATOM   1096 C  C6    . C   A 1 51 ? 20.437  -6.899  -17.772 1.00 36.60  ? 51  C   A C6    1 
ATOM   1097 P  P     . C   A 1 52 ? 24.011  -4.753  -21.562 1.00 40.12  ? 52  C   A P     1 
ATOM   1098 O  OP1   . C   A 1 52 ? 24.534  -4.092  -22.782 1.00 42.86  ? 52  C   A OP1   1 
ATOM   1099 O  OP2   . C   A 1 52 ? 24.330  -6.163  -21.272 1.00 39.76  ? 52  C   A OP2   1 
ATOM   1100 O  "O5'" . C   A 1 52 ? 24.534  -3.877  -20.351 1.00 37.74  ? 52  C   A "O5'" 1 
ATOM   1101 C  "C5'" . C   A 1 52 ? 24.383  -2.467  -20.370 1.00 43.29  ? 52  C   A "C5'" 1 
ATOM   1102 C  "C4'" . C   A 1 52 ? 24.945  -1.863  -19.110 1.00 41.97  ? 52  C   A "C4'" 1 
ATOM   1103 O  "O4'" . C   A 1 52 ? 24.118  -2.226  -17.967 1.00 38.88  ? 52  C   A "O4'" 1 
ATOM   1104 C  "C3'" . C   A 1 52 ? 26.323  -2.358  -18.720 1.00 42.19  ? 52  C   A "C3'" 1 
ATOM   1105 O  "O3'" . C   A 1 52 ? 27.371  -1.788  -19.494 1.00 43.34  ? 52  C   A "O3'" 1 
ATOM   1106 C  "C2'" . C   A 1 52 ? 26.363  -2.040  -17.231 1.00 43.03  ? 52  C   A "C2'" 1 
ATOM   1107 O  "O2'" . C   A 1 52 ? 26.551  -0.646  -17.034 1.00 49.90  ? 52  C   A "O2'" 1 
ATOM   1108 C  "C1'" . C   A 1 52 ? 24.934  -2.387  -16.821 1.00 43.86  ? 52  C   A "C1'" 1 
ATOM   1109 N  N1    . C   A 1 52 ? 24.823  -3.783  -16.322 1.00 40.68  ? 52  C   A N1    1 
ATOM   1110 C  C2    . C   A 1 52 ? 25.068  -4.004  -14.956 1.00 44.23  ? 52  C   A C2    1 
ATOM   1111 O  O2    . C   A 1 52 ? 25.359  -3.040  -14.231 1.00 43.39  ? 52  C   A O2    1 
ATOM   1112 N  N3    . C   A 1 52 ? 24.980  -5.243  -14.442 1.00 41.19  ? 52  C   A N3    1 
ATOM   1113 C  C4    . C   A 1 52 ? 24.662  -6.265  -15.231 1.00 42.41  ? 52  C   A C4    1 
ATOM   1114 N  N4    . C   A 1 52 ? 24.590  -7.467  -14.663 1.00 40.29  ? 52  C   A N4    1 
ATOM   1115 C  C5    . C   A 1 52 ? 24.412  -6.090  -16.624 1.00 36.24  ? 52  C   A C5    1 
ATOM   1116 C  C6    . C   A 1 52 ? 24.502  -4.847  -17.130 1.00 43.56  ? 52  C   A C6    1 
ATOM   1117 P  P     . U   A 1 53 ? 28.852  -2.403  -19.407 1.00 50.20  ? 53  U   A P     1 
ATOM   1118 O  OP1   . U   A 1 53 ? 29.712  -1.646  -20.358 1.00 47.99  ? 53  U   A OP1   1 
ATOM   1119 O  OP2   . U   A 1 53 ? 28.757  -3.867  -19.600 1.00 45.32  ? 53  U   A OP2   1 
ATOM   1120 O  "O5'" . U   A 1 53 ? 29.224  -2.055  -17.895 1.00 47.56  ? 53  U   A "O5'" 1 
ATOM   1121 C  "C5'" . U   A 1 53 ? 30.501  -2.268  -17.319 1.00 53.19  ? 53  U   A "C5'" 1 
ATOM   1122 C  "C4'" . U   A 1 53 ? 30.455  -1.954  -15.841 1.00 52.96  ? 53  U   A "C4'" 1 
ATOM   1123 O  "O4'" . U   A 1 53 ? 29.337  -2.676  -15.254 1.00 50.70  ? 53  U   A "O4'" 1 
ATOM   1124 C  "C3'" . U   A 1 53 ? 31.688  -2.390  -15.065 1.00 59.47  ? 53  U   A "C3'" 1 
ATOM   1125 O  "O3'" . U   A 1 53 ? 31.848  -1.586  -13.890 1.00 58.37  ? 53  U   A "O3'" 1 
ATOM   1126 C  "C2'" . U   A 1 53 ? 31.327  -3.813  -14.670 1.00 57.61  ? 53  U   A "C2'" 1 
ATOM   1127 O  "O2'" . U   A 1 53 ? 32.045  -4.309  -13.559 1.00 63.98  ? 53  U   A "O2'" 1 
ATOM   1128 C  "C1'" . U   A 1 53 ? 29.824  -3.697  -14.395 1.00 53.26  ? 53  U   A "C1'" 1 
ATOM   1129 N  N1    . U   A 1 53 ? 29.098  -4.934  -14.725 1.00 51.75  ? 53  U   A N1    1 
ATOM   1130 C  C2    . U   A 1 53 ? 28.919  -5.872  -13.732 1.00 49.08  ? 53  U   A C2    1 
ATOM   1131 O  O2    . U   A 1 53 ? 29.304  -5.699  -12.592 1.00 54.86  ? 53  U   A O2    1 
ATOM   1132 N  N3    . U   A 1 53 ? 28.257  -7.011  -14.122 1.00 48.13  ? 53  U   A N3    1 
ATOM   1133 C  C4    . U   A 1 53 ? 27.784  -7.302  -15.382 1.00 45.89  ? 53  U   A C4    1 
ATOM   1134 O  O4    . U   A 1 53 ? 27.208  -8.378  -15.582 1.00 48.47  ? 53  U   A O4    1 
ATOM   1135 C  C5    . U   A 1 53 ? 28.030  -6.290  -16.359 1.00 45.16  ? 53  U   A C5    1 
ATOM   1136 C  C6    . U   A 1 53 ? 28.666  -5.167  -16.007 1.00 47.25  ? 53  U   A C6    1 
HETATM 1137 N  N9    . ANG B 2 .  ? -4.327  -0.140  0.296   1.00 32.06  ? 101 ANG A N9    1 
HETATM 1138 C  C4    . ANG B 2 .  ? -4.003  1.136   0.022   1.00 34.69  ? 101 ANG A C4    1 
HETATM 1139 N  N3    . ANG B 2 .  ? -3.874  1.861   -1.115  1.00 33.18  ? 101 ANG A N3    1 
HETATM 1140 C  C2    . ANG B 2 .  ? -3.519  3.171   -1.064  1.00 33.44  ? 101 ANG A C2    1 
HETATM 1141 N  N2    . ANG B 2 .  ? -3.397  3.859   -2.224  1.00 32.90  ? 101 ANG A N2    1 
HETATM 1142 N  N1    . ANG B 2 .  ? -3.285  3.810   0.095   1.00 33.72  ? 101 ANG A N1    1 
HETATM 1143 C  C6    . ANG B 2 .  ? -3.387  3.225   1.289   1.00 35.95  ? 101 ANG A C6    1 
HETATM 1144 O  O6    . ANG B 2 .  ? -3.170  3.850   2.364   1.00 30.10  ? 101 ANG A O6    1 
HETATM 1145 C  C5    . ANG B 2 .  ? -3.757  1.801   1.319   1.00 33.19  ? 101 ANG A C5    1 
HETATM 1146 N  N7    . ANG B 2 .  ? -3.945  0.892   2.306   1.00 32.57  ? 101 ANG A N7    1 
HETATM 1147 C  C8    . ANG B 2 .  ? -4.276  -0.229  1.626   1.00 37.63  ? 101 ANG A C8    1 
HETATM 1148 N  N8    . ANG B 2 .  ? -4.559  -1.394  2.263   1.00 39.01  ? 101 ANG A N8    1 
HETATM 1149 N  N1    . SPM C 3 .  ? -20.491 9.213   9.362   1.00 57.50  ? 102 SPM A N1    1 
HETATM 1150 C  C2    . SPM C 3 .  ? -19.481 9.234   10.406  1.00 44.08  ? 102 SPM A C2    1 
HETATM 1151 C  C3    . SPM C 3 .  ? -19.566 10.525  11.224  1.00 46.49  ? 102 SPM A C3    1 
HETATM 1152 C  C4    . SPM C 3 .  ? -18.761 11.662  10.596  1.00 45.23  ? 102 SPM A C4    1 
HETATM 1153 N  N5    . SPM C 3 .  ? -18.523 12.743  11.540  1.00 45.71  ? 102 SPM A N5    1 
HETATM 1154 C  C6    . SPM C 3 .  ? -18.492 14.129  11.132  1.00 43.25  ? 102 SPM A C6    1 
HETATM 1155 C  C7    . SPM C 3 .  ? -19.365 14.972  12.059  1.00 43.65  ? 102 SPM A C7    1 
HETATM 1156 C  C8    . SPM C 3 .  ? -19.524 16.396  11.528  1.00 46.38  ? 102 SPM A C8    1 
HETATM 1157 C  C9    . SPM C 3 .  ? -20.651 17.139  12.244  1.00 45.32  ? 102 SPM A C9    1 
HETATM 1158 N  N10   . SPM C 3 .  ? -20.210 17.941  13.364  1.00 46.12  ? 102 SPM A N10   1 
HETATM 1159 C  C11   . SPM C 3 .  ? -21.114 18.106  14.483  1.00 51.57  ? 102 SPM A C11   1 
HETATM 1160 C  C12   . SPM C 3 .  ? -21.504 19.557  14.747  1.00 51.62  ? 102 SPM A C12   1 
HETATM 1161 C  C13   . SPM C 3 .  ? -20.728 20.165  15.912  1.00 51.41  ? 102 SPM A C13   1 
HETATM 1162 N  N14   . SPM C 3 .  ? -19.450 20.623  15.412  1.00 46.45  ? 102 SPM A N14   1 
HETATM 1163 MG MG    . MG  D 4 .  ? 33.638  -2.477  -13.921 1.00 59.28  ? 103 MG  A MG    1 
HETATM 1164 MG MG    . MG  E 4 .  ? 16.195  -7.403  -8.839  1.00 55.58  ? 104 MG  A MG    1 
HETATM 1165 MG MG    . MG  F 4 .  ? 7.278   -3.964  -5.400  1.00 51.12  ? 105 MG  A MG    1 
HETATM 1166 MG MG    . MG  G 4 .  ? 4.784   -3.416  4.385   1.00 47.97  ? 106 MG  A MG    1 
HETATM 1167 MG MG    . MG  H 4 .  ? -3.129  7.505   7.211   1.00 47.81  ? 107 MG  A MG    1 
HETATM 1168 MG MG    . MG  I 4 .  ? -4.947  -1.381  9.214   1.00 58.96  ? 108 MG  A MG    1 
HETATM 1169 MG MG    . MG  J 4 .  ? -9.893  3.705   5.057   1.00 40.79  ? 109 MG  A MG    1 
HETATM 1170 O  O     . HOH K 5 .  ? -9.654  2.773   -8.109  1.00 45.71  ? 201 HOH A O     1 
HETATM 1171 O  O     . HOH K 5 .  ? -8.812  2.541   16.691  1.00 49.50  ? 202 HOH A O     1 
HETATM 1172 O  O     . HOH K 5 .  ? 10.965  -15.060 -2.435  1.00 47.67  ? 203 HOH A O     1 
HETATM 1173 O  O     . HOH K 5 .  ? -6.004  2.359   15.691  1.00 52.47  ? 204 HOH A O     1 
HETATM 1174 O  O     . HOH K 5 .  ? -10.483 2.005   3.942   1.00 36.22  ? 205 HOH A O     1 
HETATM 1175 O  O     . HOH K 5 .  ? 15.607  -5.068  -20.251 1.00 39.27  ? 206 HOH A O     1 
HETATM 1176 O  O     . HOH K 5 .  ? -15.517 17.767  11.132  1.00 38.61  ? 207 HOH A O     1 
HETATM 1177 O  O     . HOH K 5 .  ? -1.865  12.489  2.986   1.00 42.45  ? 208 HOH A O     1 
HETATM 1178 O  O     . HOH K 5 .  ? -8.818  4.743   3.446   1.00 33.56  ? 209 HOH A O     1 
HETATM 1179 O  O     . HOH K 5 .  ? -7.223  9.672   -5.752  1.00 40.78  ? 210 HOH A O     1 
HETATM 1180 O  O     . HOH K 5 .  ? 6.426   7.199   2.456   1.00 38.30  ? 211 HOH A O     1 
HETATM 1181 O  O     . HOH K 5 .  ? 7.096   -4.061  2.779   1.00 46.58  ? 212 HOH A O     1 
HETATM 1182 O  O     . HOH K 5 .  ? 1.905   5.984   -6.559  1.00 40.06  ? 213 HOH A O     1 
HETATM 1183 O  O     . HOH K 5 .  ? -11.648 4.820   4.979   1.00 39.00  ? 214 HOH A O     1 
HETATM 1184 O  O     . HOH K 5 .  ? -10.588 2.900   7.010   1.00 40.79  ? 215 HOH A O     1 
HETATM 1185 O  O     . HOH K 5 .  ? -7.863  -4.781  7.363   1.00 48.54  ? 216 HOH A O     1 
HETATM 1186 O  O     . HOH K 5 .  ? -5.966  4.396   8.938   1.00 43.79  ? 217 HOH A O     1 
HETATM 1187 O  O     . HOH K 5 .  ? -10.582 8.319   6.912   1.00 34.30  ? 218 HOH A O     1 
HETATM 1188 O  O     . HOH K 5 .  ? -11.862 7.207   2.654   1.00 38.26  ? 219 HOH A O     1 
HETATM 1189 O  O     . HOH K 5 .  ? -8.165  8.468   2.503   1.00 36.68  ? 220 HOH A O     1 
HETATM 1190 O  O     . HOH K 5 .  ? -9.029  2.427   9.149   1.00 41.15  ? 221 HOH A O     1 
HETATM 1191 O  O     . HOH K 5 .  ? -6.155  5.026   3.513   1.00 38.98  ? 222 HOH A O     1 
HETATM 1192 O  O     . HOH K 5 .  ? -7.974  9.009   7.667   1.00 40.12  ? 223 HOH A O     1 
HETATM 1193 O  O     . HOH K 5 .  ? -2.934  -3.589  -4.910  1.00 44.26  ? 224 HOH A O     1 
HETATM 1194 O  O     . HOH K 5 .  ? -5.170  6.615   -5.124  1.00 40.89  ? 225 HOH A O     1 
HETATM 1195 O  O     . HOH K 5 .  ? 9.144   -4.615  -5.366  1.00 45.98  ? 226 HOH A O     1 
HETATM 1196 O  O     . HOH K 5 .  ? -22.109 8.823   13.346  1.00 43.57  ? 227 HOH A O     1 
HETATM 1197 O  O     . HOH K 5 .  ? 8.931   -14.975 -1.560  1.00 51.53  ? 228 HOH A O     1 
HETATM 1198 O  O     . HOH K 5 .  ? 18.968  -11.114 -13.558 1.00 41.17  ? 229 HOH A O     1 
HETATM 1199 O  O     . HOH K 5 .  ? -1.531  5.914   -4.953  1.00 42.29  ? 230 HOH A O     1 
HETATM 1200 O  O     . HOH K 5 .  ? 13.571  -5.207  -17.904 1.00 42.35  ? 231 HOH A O     1 
HETATM 1201 O  O     . HOH K 5 .  ? -1.355  2.260   16.891  1.00 59.22  ? 232 HOH A O     1 
HETATM 1202 O  O     . HOH K 5 .  ? 14.632  -8.722  -8.869  1.00 40.34  ? 233 HOH A O     1 
HETATM 1203 O  O     . HOH K 5 .  ? -11.542 9.454   0.582   1.00 33.76  ? 234 HOH A O     1 
HETATM 1204 O  O     . HOH K 5 .  ? -5.542  0.060   11.552  1.00 49.61  ? 235 HOH A O     1 
HETATM 1205 O  O     . HOH K 5 .  ? -0.600  13.221  -6.514  1.00 45.63  ? 236 HOH A O     1 
HETATM 1206 O  O     . HOH K 5 .  ? -0.843  8.441   8.161   1.00 54.65  ? 237 HOH A O     1 
HETATM 1207 O  O     . HOH K 5 .  ? 17.894  -9.001  -9.244  1.00 48.02  ? 238 HOH A O     1 
HETATM 1208 O  O     . HOH K 5 .  ? -10.410 6.103   8.814   1.00 33.49  ? 239 HOH A O     1 
HETATM 1209 O  O     . HOH K 5 .  ? -12.806 7.091   6.218   1.00 36.69  ? 240 HOH A O     1 
HETATM 1210 O  O     . HOH K 5 .  ? -6.942  -2.569  13.012  1.00 50.79  ? 241 HOH A O     1 
HETATM 1211 O  O     . HOH K 5 .  ? -14.129 3.860   24.559  1.00 40.40  ? 242 HOH A O     1 
HETATM 1212 O  O     . HOH K 5 .  ? 7.025   -6.789  4.182   1.00 46.39  ? 243 HOH A O     1 
HETATM 1213 O  O     . HOH K 5 .  ? 4.673   -4.687  -8.484  1.00 46.04  ? 244 HOH A O     1 
HETATM 1214 O  O     . HOH K 5 .  ? 33.552  -4.194  -16.686 1.00 56.82  ? 245 HOH A O     1 
HETATM 1215 O  O     . HOH K 5 .  ? 1.872   -5.145  -10.053 1.00 47.02  ? 246 HOH A O     1 
HETATM 1216 O  O     . HOH K 5 .  ? -5.340  2.108   8.862   1.00 49.92  ? 247 HOH A O     1 
HETATM 1217 O  O     . HOH K 5 .  ? -1.745  12.977  5.171   1.00 49.71  ? 248 HOH A O     1 
HETATM 1218 O  O     . HOH K 5 .  ? -4.017  -4.468  10.001  1.00 51.53  ? 249 HOH A O     1 
HETATM 1219 O  O     . HOH K 5 .  ? -8.120  2.485   5.597   1.00 39.00  ? 250 HOH A O     1 
HETATM 1220 O  O     . HOH K 5 .  ? -9.303  5.420   6.358   1.00 37.44  ? 251 HOH A O     1 
# 
